data_3CP8
#
_entry.id   3CP8
#
_cell.length_a   120.505
_cell.length_b   71.836
_cell.length_c   171.934
_cell.angle_alpha   90.00
_cell.angle_beta   91.82
_cell.angle_gamma   90.00
#
_symmetry.space_group_name_H-M   'P 1 21 1'
#
loop_
_entity.id
_entity.type
_entity.pdbx_description
1 polymer 'tRNA uridine 5-carboxymethylaminomethyl modification enzyme gidA'
2 non-polymer 'FLAVIN-ADENINE DINUCLEOTIDE'
#
_entity_poly.entity_id   1
_entity_poly.type   'polypeptide(L)'
_entity_poly.pdbx_seq_one_letter_code
;MGSSHHHHHHSSGLVPRGSHMYDVIVVGAGHAGCEAALAVARGGLHCLLITSDLSAVARMSCNPAIGGVAKGQITREIDA
LGGEMGKAIDATGIQFRMLNRSKGPAMHSPRAQADKTQYSLYMRRIVEHEPNIDLLQDTVIGVSANSGKFSSVTVRSGRA
IQAKAAILACGTFLNGLIHIGMDHFPGGRSTAEPPVEGLTESLASLGFSFGRLKTGTPPRIDSRSVDYTIVTEQPGDVDP
VPFSFSSTSVANRNLVSCYLTKTTEKTHDILRTGFDRSPLFTGKVQGVGPRYCPSIEDKISRFPDKSSHHIFLEPEGTDT
VEMYVNGFSTSLPEDIQIAGLRSIPGLEEAKMIRPGYAIEYDFFHPWQIRSTMETRPVENLFFAGQINGTSGYEEAAAQG
LMAGINAVRKILGKELIVLGRDQAYIGVLIDDLITKETKEPYRMFTSSAEHRLILRHDNADLRLRKIGYDCNLVSSDDLH
RTESIIKRVQHCLEVMKTAKVTPAEINTLLMNKGLQELKTPARALSLIKRPGISLQDILEHSLSVRSAAEELCNDPRVAE
QVQIEIKYEGYIKREQLVADRIARLDSLHIPDNFNYDSLNSLSSEGREKLLKHRPATIGQASRILGVSPSDVSILMIRLG
R
;
_entity_poly.pdbx_strand_id   A,B,C,D
#
# COMPACT_ATOMS: atom_id res chain seq x y z
N HIS A 20 -5.91 -29.80 34.52
CA HIS A 20 -4.70 -30.51 34.13
C HIS A 20 -4.58 -30.61 32.62
N MET A 21 -3.43 -30.22 32.08
CA MET A 21 -3.25 -30.08 30.63
C MET A 21 -2.03 -30.88 30.15
N TYR A 22 -1.41 -30.45 29.04
CA TYR A 22 -0.14 -31.04 28.55
C TYR A 22 1.08 -30.32 29.11
N ASP A 23 2.24 -30.98 29.06
CA ASP A 23 3.52 -30.38 29.48
C ASP A 23 4.21 -29.71 28.31
N VAL A 24 4.60 -30.53 27.33
CA VAL A 24 5.27 -30.05 26.14
C VAL A 24 4.44 -30.42 24.93
N ILE A 25 4.12 -29.45 24.10
CA ILE A 25 3.52 -29.79 22.81
C ILE A 25 4.49 -29.47 21.68
N VAL A 26 4.83 -30.49 20.89
CA VAL A 26 5.84 -30.38 19.83
C VAL A 26 5.15 -30.24 18.46
N VAL A 27 5.30 -29.09 17.81
CA VAL A 27 4.65 -28.93 16.52
C VAL A 27 5.58 -29.35 15.37
N GLY A 28 5.04 -30.19 14.50
CA GLY A 28 5.79 -30.79 13.41
C GLY A 28 6.46 -32.08 13.81
N ALA A 29 6.16 -33.15 13.09
CA ALA A 29 6.78 -34.44 13.33
C ALA A 29 7.78 -34.79 12.25
N GLY A 30 8.72 -33.88 11.99
CA GLY A 30 9.88 -34.17 11.14
C GLY A 30 11.04 -34.65 11.99
N HIS A 31 12.27 -34.38 11.55
CA HIS A 31 13.45 -34.88 12.25
C HIS A 31 13.74 -34.23 13.57
N ALA A 32 13.53 -32.93 13.66
CA ALA A 32 13.63 -32.23 14.92
C ALA A 32 12.47 -32.64 15.83
N GLY A 33 11.26 -32.58 15.29
CA GLY A 33 10.04 -32.87 16.03
C GLY A 33 10.05 -34.20 16.74
N CYS A 34 10.48 -35.24 16.03
CA CYS A 34 10.55 -36.60 16.60
C CYS A 34 11.50 -36.70 17.77
N GLU A 35 12.76 -36.34 17.54
CA GLU A 35 13.77 -36.37 18.60
C GLU A 35 13.32 -35.56 19.79
N ALA A 36 12.58 -34.49 19.51
CA ALA A 36 12.02 -33.63 20.54
C ALA A 36 10.97 -34.40 21.30
N ALA A 37 9.93 -34.83 20.61
CA ALA A 37 8.83 -35.55 21.25
C ALA A 37 9.30 -36.81 21.98
N LEU A 38 10.23 -37.56 21.39
CA LEU A 38 10.80 -38.73 22.03
C LEU A 38 11.60 -38.41 23.28
N ALA A 39 12.35 -37.30 23.27
CA ALA A 39 13.13 -36.88 24.42
C ALA A 39 12.23 -36.41 25.56
N VAL A 40 11.15 -35.71 25.21
CA VAL A 40 10.19 -35.24 26.22
C VAL A 40 9.51 -36.43 26.89
N ALA A 41 9.11 -37.40 26.07
CA ALA A 41 8.42 -38.60 26.56
C ALA A 41 9.32 -39.52 27.37
N ARG A 42 10.43 -39.96 26.80
CA ARG A 42 11.41 -40.78 27.50
C ARG A 42 11.95 -40.07 28.76
N GLY A 43 11.84 -38.75 28.78
CA GLY A 43 12.14 -37.96 29.96
C GLY A 43 10.99 -37.91 30.95
N GLY A 44 9.97 -38.73 30.72
CA GLY A 44 8.85 -38.92 31.64
C GLY A 44 7.85 -37.78 31.78
N LEU A 45 7.55 -37.08 30.71
CA LEU A 45 6.55 -36.02 30.75
C LEU A 45 5.49 -36.21 29.67
N HIS A 46 4.27 -35.76 29.97
CA HIS A 46 3.15 -35.86 29.04
C HIS A 46 3.38 -34.96 27.81
N CYS A 47 3.37 -35.55 26.62
CA CYS A 47 3.74 -34.79 25.42
C CYS A 47 2.69 -34.87 24.33
N LEU A 48 2.45 -33.75 23.64
CA LEU A 48 1.52 -33.78 22.50
C LEU A 48 2.15 -33.39 21.16
N LEU A 49 2.27 -34.37 20.27
CA LEU A 49 2.86 -34.16 18.95
C LEU A 49 1.80 -33.73 17.94
N ILE A 50 1.82 -32.48 17.52
CA ILE A 50 0.85 -32.01 16.55
C ILE A 50 1.51 -31.91 15.18
N THR A 51 0.91 -32.53 14.18
CA THR A 51 1.45 -32.45 12.83
C THR A 51 0.38 -32.55 11.78
N SER A 52 0.62 -31.84 10.68
CA SER A 52 -0.30 -31.74 9.55
C SER A 52 -0.57 -33.05 8.81
N ASP A 53 0.37 -33.98 8.87
CA ASP A 53 0.20 -35.25 8.16
C ASP A 53 0.97 -36.42 8.75
N LEU A 54 0.25 -37.34 9.40
CA LEU A 54 0.88 -38.51 10.00
C LEU A 54 1.44 -39.52 8.99
N SER A 55 0.93 -39.48 7.76
CA SER A 55 1.47 -40.33 6.70
C SER A 55 2.90 -39.94 6.44
N ALA A 56 3.32 -38.83 7.02
CA ALA A 56 4.58 -38.23 6.64
C ALA A 56 5.54 -37.95 7.78
N VAL A 57 5.40 -38.61 8.92
CA VAL A 57 6.38 -38.38 9.98
C VAL A 57 7.80 -38.77 9.53
N ALA A 58 8.75 -37.94 9.92
CA ALA A 58 10.17 -38.07 9.58
C ALA A 58 10.46 -38.35 8.12
N ARG A 59 9.60 -37.87 7.23
CA ARG A 59 9.80 -38.09 5.80
C ARG A 59 11.13 -37.52 5.37
N MET A 60 11.86 -38.22 4.52
CA MET A 60 13.13 -37.70 4.02
C MET A 60 12.90 -36.96 2.71
N SER A 61 12.61 -35.67 2.82
CA SER A 61 12.25 -34.80 1.71
C SER A 61 13.30 -34.73 0.62
N CYS A 62 14.56 -34.82 1.01
CA CYS A 62 15.64 -34.65 0.05
C CYS A 62 16.48 -35.91 -0.19
N ASN A 63 17.66 -35.95 0.42
CA ASN A 63 18.58 -37.08 0.34
C ASN A 63 18.05 -38.39 0.92
N PRO A 64 18.20 -39.50 0.17
CA PRO A 64 17.82 -40.80 0.68
C PRO A 64 18.97 -41.40 1.47
N ALA A 65 19.61 -40.60 2.31
CA ALA A 65 20.80 -41.02 3.06
C ALA A 65 20.95 -40.29 4.38
N ILE A 66 21.66 -40.93 5.31
CA ILE A 66 22.01 -40.32 6.57
C ILE A 66 23.50 -40.40 6.88
N GLY A 67 24.07 -39.27 7.30
CA GLY A 67 25.48 -39.21 7.59
C GLY A 67 26.27 -38.49 6.52
N GLY A 68 27.58 -38.71 6.51
CA GLY A 68 28.49 -37.99 5.62
C GLY A 68 29.52 -37.24 6.45
N VAL A 69 30.17 -36.26 5.83
CA VAL A 69 31.31 -35.60 6.46
C VAL A 69 31.06 -35.20 7.91
N ALA A 70 30.30 -34.15 8.18
CA ALA A 70 30.09 -33.80 9.58
C ALA A 70 28.88 -34.52 10.12
N LYS A 71 28.02 -34.94 9.19
CA LYS A 71 26.72 -35.50 9.52
C LYS A 71 26.79 -36.87 10.20
N GLY A 72 27.78 -37.67 9.83
CA GLY A 72 28.00 -38.97 10.43
C GLY A 72 28.30 -38.84 11.90
N GLN A 73 29.25 -37.97 12.25
CA GLN A 73 29.64 -37.74 13.65
C GLN A 73 28.45 -37.30 14.49
N ILE A 74 27.70 -36.35 13.94
CA ILE A 74 26.59 -35.77 14.66
C ILE A 74 25.45 -36.76 14.83
N THR A 75 25.39 -37.77 13.96
CA THR A 75 24.39 -38.83 14.08
C THR A 75 24.76 -39.74 15.22
N ARG A 76 26.02 -40.17 15.26
CA ARG A 76 26.52 -41.01 16.35
C ARG A 76 26.38 -40.31 17.71
N GLU A 77 26.57 -38.99 17.73
CA GLU A 77 26.41 -38.23 18.94
C GLU A 77 24.95 -38.18 19.40
N ILE A 78 24.04 -38.14 18.42
CA ILE A 78 22.62 -38.27 18.71
C ILE A 78 22.35 -39.62 19.35
N ASP A 79 22.92 -40.68 18.77
CA ASP A 79 22.78 -42.01 19.37
C ASP A 79 23.32 -42.06 20.78
N ALA A 80 24.55 -41.56 20.97
CA ALA A 80 25.22 -41.55 22.26
C ALA A 80 24.40 -40.87 23.35
N LEU A 81 23.63 -39.85 22.99
CA LEU A 81 22.75 -39.18 23.94
C LEU A 81 21.39 -39.86 24.16
N GLY A 82 21.08 -40.87 23.35
CA GLY A 82 19.84 -41.64 23.49
C GLY A 82 18.75 -41.23 22.52
N GLY A 83 19.15 -40.84 21.33
CA GLY A 83 18.23 -40.43 20.26
C GLY A 83 17.96 -41.54 19.27
N GLU A 84 17.00 -41.32 18.39
CA GLU A 84 16.57 -42.42 17.52
C GLU A 84 17.31 -42.53 16.21
N MET A 85 17.75 -41.39 15.65
CA MET A 85 18.28 -41.35 14.30
C MET A 85 19.35 -42.40 14.03
N GLY A 86 20.17 -42.69 15.03
CA GLY A 86 21.22 -43.70 14.92
C GLY A 86 20.62 -45.07 14.69
N LYS A 87 19.77 -45.48 15.62
CA LYS A 87 19.07 -46.76 15.51
C LYS A 87 18.26 -46.87 14.21
N ALA A 88 17.60 -45.80 13.82
CA ALA A 88 16.75 -45.80 12.65
C ALA A 88 17.51 -46.15 11.37
N ILE A 89 18.73 -45.64 11.21
CA ILE A 89 19.48 -45.90 9.99
C ILE A 89 20.13 -47.29 10.00
N ASP A 90 20.39 -47.82 11.19
CA ASP A 90 20.92 -49.17 11.31
C ASP A 90 19.81 -50.16 10.97
N ALA A 91 18.58 -49.74 11.30
CA ALA A 91 17.37 -50.54 11.12
C ALA A 91 16.91 -50.52 9.69
N THR A 92 17.28 -49.47 8.96
CA THR A 92 16.73 -49.16 7.65
C THR A 92 17.77 -48.92 6.54
N GLY A 93 19.04 -49.12 6.85
CA GLY A 93 20.10 -48.90 5.86
C GLY A 93 19.98 -49.77 4.63
N ILE A 94 20.47 -49.26 3.51
CA ILE A 94 20.45 -49.95 2.24
C ILE A 94 21.87 -50.23 1.72
N GLN A 95 22.76 -49.26 1.87
CA GLN A 95 24.20 -49.50 1.71
C GLN A 95 24.97 -48.69 2.74
N PHE A 96 25.87 -49.34 3.45
CA PHE A 96 26.69 -48.63 4.43
C PHE A 96 28.06 -48.38 3.83
N ARG A 97 28.56 -47.17 4.02
CA ARG A 97 29.84 -46.75 3.49
C ARG A 97 30.49 -45.69 4.38
N MET A 98 31.68 -46.01 4.87
CA MET A 98 32.48 -45.07 5.63
C MET A 98 33.26 -44.18 4.66
N LEU A 99 33.19 -42.87 4.86
CA LEU A 99 33.89 -41.89 4.03
C LEU A 99 35.24 -41.52 4.63
N ASN A 100 36.20 -41.20 3.76
CA ASN A 100 37.56 -40.86 4.17
C ASN A 100 38.24 -42.02 4.89
N ARG A 101 38.44 -43.10 4.15
CA ARG A 101 39.03 -44.30 4.70
C ARG A 101 40.56 -44.18 4.87
N SER A 102 41.20 -43.58 3.86
CA SER A 102 42.66 -43.42 3.83
C SER A 102 43.13 -42.38 4.82
N LYS A 103 42.24 -41.47 5.17
CA LYS A 103 42.52 -40.39 6.12
C LYS A 103 42.42 -40.93 7.56
N GLY A 104 42.61 -40.05 8.54
CA GLY A 104 42.70 -40.48 9.94
C GLY A 104 41.37 -40.66 10.64
N PRO A 105 41.39 -41.24 11.86
CA PRO A 105 40.25 -41.37 12.78
C PRO A 105 39.36 -40.13 12.89
N ALA A 106 39.96 -38.95 12.76
CA ALA A 106 39.24 -37.69 12.84
C ALA A 106 38.47 -37.44 11.55
N MET A 107 38.92 -38.05 10.47
CA MET A 107 38.34 -37.85 9.14
C MET A 107 37.33 -38.93 8.76
N HIS A 108 37.42 -40.09 9.40
CA HIS A 108 36.50 -41.20 9.18
C HIS A 108 35.08 -40.74 9.43
N SER A 109 34.25 -40.82 8.39
CA SER A 109 32.88 -40.33 8.49
C SER A 109 31.83 -41.34 8.01
N PRO A 110 31.00 -41.84 8.95
CA PRO A 110 30.01 -42.87 8.65
C PRO A 110 28.83 -42.34 7.86
N ARG A 111 28.38 -43.08 6.86
CA ARG A 111 27.28 -42.67 6.00
C ARG A 111 26.59 -43.87 5.38
N ALA A 112 25.25 -43.87 5.39
CA ALA A 112 24.49 -44.97 4.80
C ALA A 112 23.31 -44.47 3.99
N GLN A 113 22.93 -45.20 2.94
CA GLN A 113 21.71 -44.92 2.21
C GLN A 113 20.51 -45.46 3.00
N ALA A 114 19.42 -44.71 3.03
CA ALA A 114 18.23 -45.13 3.76
C ALA A 114 17.16 -45.57 2.78
N ASP A 115 16.28 -46.46 3.23
CA ASP A 115 15.05 -46.72 2.49
C ASP A 115 14.09 -45.64 2.93
N LYS A 116 13.89 -44.62 2.09
CA LYS A 116 13.24 -43.39 2.53
C LYS A 116 11.97 -43.79 3.23
N THR A 117 11.18 -44.60 2.55
CA THR A 117 9.84 -44.90 3.03
C THR A 117 9.88 -45.77 4.28
N GLN A 118 10.88 -46.63 4.34
CA GLN A 118 11.02 -47.56 5.44
C GLN A 118 11.60 -46.89 6.68
N TYR A 119 12.39 -45.84 6.44
CA TYR A 119 12.97 -45.00 7.49
C TYR A 119 11.84 -44.28 8.19
N SER A 120 10.98 -43.64 7.42
CA SER A 120 9.86 -42.88 7.93
C SER A 120 8.91 -43.75 8.72
N LEU A 121 8.68 -44.97 8.22
CA LEU A 121 7.79 -45.89 8.89
C LEU A 121 8.35 -46.30 10.26
N TYR A 122 9.65 -46.54 10.32
CA TYR A 122 10.35 -46.91 11.55
C TYR A 122 10.16 -45.81 12.59
N MET A 123 10.42 -44.57 12.19
CA MET A 123 10.35 -43.42 13.07
C MET A 123 8.96 -43.20 13.66
N ARG A 124 7.93 -43.49 12.87
CA ARG A 124 6.57 -43.37 13.36
C ARG A 124 6.30 -44.45 14.39
N ARG A 125 6.72 -45.66 14.03
CA ARG A 125 6.54 -46.84 14.85
C ARG A 125 7.06 -46.54 16.25
N ILE A 126 8.24 -45.92 16.34
CA ILE A 126 8.89 -45.66 17.63
C ILE A 126 8.12 -44.62 18.42
N VAL A 127 7.75 -43.54 17.75
CA VAL A 127 6.93 -42.48 18.36
C VAL A 127 5.57 -43.01 18.86
N GLU A 128 4.96 -43.92 18.12
CA GLU A 128 3.67 -44.49 18.52
C GLU A 128 3.75 -45.51 19.64
N HIS A 129 4.95 -46.02 19.95
CA HIS A 129 5.10 -47.04 21.00
C HIS A 129 5.59 -46.42 22.30
N GLU A 130 5.66 -45.10 22.31
CA GLU A 130 6.03 -44.38 23.51
C GLU A 130 4.77 -43.83 24.17
N PRO A 131 4.42 -44.39 25.34
CA PRO A 131 3.15 -44.12 26.04
C PRO A 131 2.88 -42.65 26.35
N ASN A 132 3.94 -41.89 26.61
CA ASN A 132 3.78 -40.50 27.03
C ASN A 132 3.35 -39.51 25.95
N ILE A 133 3.61 -39.88 24.68
CA ILE A 133 3.23 -39.08 23.52
C ILE A 133 1.79 -39.35 23.09
N ASP A 134 0.91 -38.34 23.20
CA ASP A 134 -0.38 -38.39 22.52
C ASP A 134 -0.15 -37.74 21.15
N LEU A 135 -0.96 -38.11 20.15
CA LEU A 135 -0.82 -37.61 18.79
C LEU A 135 -2.00 -36.80 18.36
N LEU A 136 -1.79 -35.77 17.57
CA LEU A 136 -2.88 -35.04 16.92
C LEU A 136 -2.51 -34.57 15.50
N GLN A 137 -3.39 -34.85 14.55
CA GLN A 137 -3.24 -34.36 13.19
C GLN A 137 -4.06 -33.08 12.98
N ASP A 138 -3.35 -31.96 13.06
CA ASP A 138 -3.93 -30.63 12.80
C ASP A 138 -2.77 -29.71 12.44
N THR A 139 -3.08 -28.50 11.99
CA THR A 139 -2.02 -27.53 11.70
C THR A 139 -2.09 -26.38 12.70
N VAL A 140 -0.93 -25.96 13.19
CA VAL A 140 -0.87 -24.84 14.14
C VAL A 140 -0.76 -23.52 13.37
N ILE A 141 -1.75 -22.63 13.58
CA ILE A 141 -1.81 -21.32 12.91
C ILE A 141 -1.49 -20.15 13.85
N GLY A 142 -1.06 -20.47 15.06
CA GLY A 142 -0.76 -19.43 16.02
C GLY A 142 -0.30 -19.97 17.36
N VAL A 143 0.56 -19.20 18.01
CA VAL A 143 0.95 -19.46 19.40
C VAL A 143 0.61 -18.25 20.28
N SER A 144 -0.13 -18.51 21.35
CA SER A 144 -0.56 -17.47 22.26
C SER A 144 0.37 -17.42 23.48
N ALA A 145 0.58 -16.22 24.03
CA ALA A 145 1.50 -16.04 25.17
C ALA A 145 1.11 -14.87 26.09
N ASN A 146 1.18 -15.11 27.39
CA ASN A 146 0.82 -14.09 28.40
C ASN A 146 2.03 -13.49 29.10
N SER A 147 2.18 -12.16 28.95
CA SER A 147 3.30 -11.42 29.53
C SER A 147 4.68 -12.05 29.29
N GLY A 148 4.93 -12.44 28.04
CA GLY A 148 6.25 -12.91 27.62
C GLY A 148 6.63 -14.35 27.95
N LYS A 149 5.65 -15.14 28.41
CA LYS A 149 5.85 -16.57 28.67
C LYS A 149 4.76 -17.39 27.97
N PHE A 150 5.16 -18.52 27.40
CA PHE A 150 4.28 -19.39 26.63
C PHE A 150 3.05 -19.83 27.41
N SER A 151 1.91 -19.88 26.73
CA SER A 151 0.66 -20.38 27.34
C SER A 151 -0.02 -21.45 26.49
N SER A 152 -0.34 -21.12 25.24
CA SER A 152 -1.11 -22.03 24.39
C SER A 152 -0.80 -21.92 22.91
N VAL A 153 -1.50 -22.72 22.12
CA VAL A 153 -1.24 -22.85 20.69
C VAL A 153 -2.55 -22.99 19.94
N THR A 154 -2.73 -22.19 18.90
CA THR A 154 -3.98 -22.18 18.14
C THR A 154 -3.91 -23.04 16.89
N VAL A 155 -4.80 -24.02 16.82
CA VAL A 155 -4.92 -24.91 15.67
C VAL A 155 -5.92 -24.34 14.69
N ARG A 156 -5.97 -24.90 13.48
CA ARG A 156 -6.78 -24.35 12.39
C ARG A 156 -8.24 -24.08 12.75
N SER A 157 -8.83 -24.98 13.52
CA SER A 157 -10.21 -24.84 14.00
C SER A 157 -10.38 -23.59 14.87
N GLY A 158 -9.27 -23.09 15.42
CA GLY A 158 -9.33 -21.94 16.29
C GLY A 158 -9.39 -22.33 17.76
N ARG A 159 -9.19 -23.61 18.05
CA ARG A 159 -9.00 -24.06 19.43
C ARG A 159 -7.67 -23.54 19.95
N ALA A 160 -7.59 -23.35 21.26
CA ALA A 160 -6.33 -23.13 21.93
C ALA A 160 -6.01 -24.42 22.67
N ILE A 161 -4.77 -24.88 22.55
CA ILE A 161 -4.36 -26.08 23.28
C ILE A 161 -3.28 -25.70 24.24
N GLN A 162 -3.55 -25.90 25.52
CA GLN A 162 -2.74 -25.37 26.60
C GLN A 162 -1.60 -26.29 26.98
N ALA A 163 -0.41 -25.70 27.16
CA ALA A 163 0.79 -26.45 27.52
C ALA A 163 1.78 -25.62 28.33
N LYS A 164 2.66 -26.31 29.07
CA LYS A 164 3.66 -25.65 29.91
C LYS A 164 4.85 -25.15 29.09
N ALA A 165 5.17 -25.84 27.99
CA ALA A 165 6.32 -25.50 27.14
C ALA A 165 6.15 -26.11 25.73
N ALA A 166 6.54 -25.37 24.69
CA ALA A 166 6.32 -25.82 23.30
C ALA A 166 7.54 -25.75 22.38
N ILE A 167 7.82 -26.84 21.69
CA ILE A 167 8.90 -26.90 20.71
C ILE A 167 8.31 -26.72 19.31
N LEU A 168 8.85 -25.75 18.56
CA LEU A 168 8.42 -25.55 17.18
C LEU A 168 9.43 -26.15 16.21
N ALA A 169 8.96 -27.07 15.38
CA ALA A 169 9.82 -27.79 14.48
C ALA A 169 9.15 -27.93 13.11
N CYS A 170 9.05 -26.81 12.41
CA CYS A 170 8.18 -26.71 11.23
C CYS A 170 8.86 -26.92 9.89
N GLY A 171 10.17 -27.11 9.90
CA GLY A 171 10.91 -27.36 8.66
C GLY A 171 10.68 -26.27 7.62
N THR A 172 10.42 -26.67 6.39
CA THR A 172 10.27 -25.72 5.31
C THR A 172 8.83 -25.31 5.02
N PHE A 173 7.92 -25.58 5.94
CA PHE A 173 6.49 -25.40 5.70
C PHE A 173 5.90 -24.00 5.87
N LEU A 174 6.57 -23.15 6.63
CA LEU A 174 6.04 -21.84 6.95
C LEU A 174 6.05 -20.93 5.74
N ASN A 175 4.86 -20.74 5.17
CA ASN A 175 4.68 -20.01 3.89
C ASN A 175 5.66 -20.49 2.82
N GLY A 176 5.65 -21.80 2.58
CA GLY A 176 6.52 -22.41 1.60
C GLY A 176 6.13 -22.04 0.19
N LEU A 177 7.12 -22.04 -0.70
CA LEU A 177 6.89 -21.76 -2.10
C LEU A 177 7.82 -22.62 -2.95
N ILE A 178 7.27 -23.33 -3.92
CA ILE A 178 8.06 -24.21 -4.79
C ILE A 178 8.47 -23.47 -6.06
N HIS A 179 9.76 -23.50 -6.41
CA HIS A 179 10.27 -22.77 -7.56
C HIS A 179 10.84 -23.69 -8.60
N ILE A 180 10.15 -23.85 -9.72
CA ILE A 180 10.71 -24.53 -10.89
C ILE A 180 10.83 -23.49 -11.99
N GLY A 181 12.05 -22.99 -12.18
CA GLY A 181 12.31 -21.96 -13.17
C GLY A 181 11.61 -20.67 -12.82
N MET A 182 10.64 -20.30 -13.66
CA MET A 182 9.99 -19.00 -13.57
C MET A 182 8.64 -19.02 -12.88
N ASP A 183 7.97 -20.18 -12.88
CA ASP A 183 6.69 -20.33 -12.18
C ASP A 183 6.87 -20.91 -10.79
N HIS A 184 5.94 -20.58 -9.91
CA HIS A 184 6.01 -20.97 -8.52
C HIS A 184 4.65 -21.33 -7.97
N PHE A 185 4.60 -22.42 -7.22
CA PHE A 185 3.38 -22.94 -6.66
C PHE A 185 3.45 -22.95 -5.14
N PRO A 186 2.30 -22.81 -4.46
CA PRO A 186 2.26 -23.08 -3.02
C PRO A 186 2.65 -24.52 -2.75
N GLY A 187 3.20 -24.77 -1.57
CA GLY A 187 3.70 -26.09 -1.23
C GLY A 187 4.77 -25.96 -0.18
N GLY A 188 4.67 -26.77 0.87
CA GLY A 188 5.58 -26.68 1.98
C GLY A 188 6.84 -27.52 1.84
N ARG A 189 6.72 -28.75 1.38
CA ARG A 189 7.89 -29.62 1.24
C ARG A 189 8.04 -29.95 -0.21
N SER A 190 7.02 -30.59 -0.73
CA SER A 190 6.83 -30.69 -2.15
C SER A 190 5.54 -29.98 -2.49
N THR A 191 5.31 -29.81 -3.80
CA THR A 191 4.01 -29.37 -4.34
C THR A 191 2.84 -30.16 -3.69
N ALA A 192 3.13 -31.39 -3.28
CA ALA A 192 2.18 -32.32 -2.72
C ALA A 192 1.70 -31.97 -1.30
N GLU A 193 2.36 -30.97 -0.69
CA GLU A 193 2.02 -30.53 0.66
C GLU A 193 1.51 -29.09 0.69
N PRO A 194 0.42 -28.83 1.42
CA PRO A 194 0.00 -27.46 1.61
C PRO A 194 0.94 -26.74 2.58
N PRO A 195 1.28 -25.45 2.29
CA PRO A 195 2.08 -24.66 3.22
C PRO A 195 1.25 -24.16 4.39
N VAL A 196 1.92 -23.91 5.52
CA VAL A 196 1.30 -23.34 6.72
C VAL A 196 1.30 -21.82 6.61
N GLU A 197 0.18 -21.18 6.95
CA GLU A 197 0.03 -19.75 6.68
C GLU A 197 -0.17 -18.84 7.87
N GLY A 198 -0.93 -19.30 8.86
CA GLY A 198 -1.21 -18.45 10.03
C GLY A 198 -0.02 -18.08 10.90
N LEU A 199 0.76 -19.09 11.26
CA LEU A 199 1.75 -19.05 12.35
C LEU A 199 2.83 -17.99 12.26
N THR A 200 3.36 -17.76 11.06
CA THR A 200 4.50 -16.85 10.90
C THR A 200 4.14 -15.40 11.29
N GLU A 201 2.93 -14.97 10.93
CA GLU A 201 2.42 -13.63 11.25
C GLU A 201 2.12 -13.54 12.74
N SER A 202 1.64 -14.64 13.31
CA SER A 202 1.36 -14.74 14.73
C SER A 202 2.63 -14.65 15.59
N LEU A 203 3.72 -15.20 15.09
CA LEU A 203 4.99 -15.15 15.80
C LEU A 203 5.66 -13.79 15.69
N ALA A 204 5.58 -13.19 14.50
CA ALA A 204 6.05 -11.82 14.28
C ALA A 204 5.30 -10.87 15.21
N SER A 205 4.01 -11.14 15.39
CA SER A 205 3.15 -10.44 16.33
C SER A 205 3.67 -10.49 17.77
N LEU A 206 4.35 -11.58 18.13
CA LEU A 206 4.95 -11.72 19.46
C LEU A 206 6.38 -11.18 19.54
N GLY A 207 6.78 -10.42 18.52
CA GLY A 207 8.07 -9.76 18.51
C GLY A 207 9.19 -10.61 17.94
N PHE A 208 8.90 -11.32 16.85
CA PHE A 208 9.90 -12.15 16.18
C PHE A 208 10.19 -11.63 14.78
N SER A 209 11.46 -11.42 14.48
CA SER A 209 11.89 -11.10 13.14
C SER A 209 12.07 -12.40 12.37
N PHE A 210 11.84 -12.35 11.06
CA PHE A 210 11.97 -13.53 10.21
C PHE A 210 12.43 -13.16 8.81
N GLY A 211 13.18 -14.06 8.19
CA GLY A 211 13.61 -13.86 6.81
C GLY A 211 13.08 -14.95 5.92
N ARG A 212 13.72 -15.15 4.77
CA ARG A 212 13.35 -16.20 3.85
C ARG A 212 14.58 -16.88 3.31
N LEU A 213 14.56 -18.21 3.29
CA LEU A 213 15.64 -18.98 2.69
C LEU A 213 15.13 -19.84 1.53
N LYS A 214 16.05 -20.18 0.63
CA LYS A 214 15.78 -21.07 -0.48
C LYS A 214 16.74 -22.26 -0.39
N THR A 215 16.23 -23.47 -0.57
CA THR A 215 17.08 -24.66 -0.69
C THR A 215 16.56 -25.57 -1.79
N GLY A 216 17.46 -26.25 -2.49
CA GLY A 216 17.10 -27.06 -3.66
C GLY A 216 17.17 -28.57 -3.46
N THR A 217 16.39 -29.29 -4.26
CA THR A 217 16.46 -30.74 -4.29
C THR A 217 16.59 -31.19 -5.74
N PRO A 218 17.38 -32.26 -6.00
CA PRO A 218 17.57 -32.72 -7.37
C PRO A 218 16.39 -33.56 -7.84
N PRO A 219 16.24 -33.73 -9.16
CA PRO A 219 15.14 -34.48 -9.75
C PRO A 219 15.28 -35.98 -9.48
N ARG A 220 14.17 -36.72 -9.55
CA ARG A 220 14.21 -38.17 -9.40
C ARG A 220 13.94 -38.80 -10.74
N ILE A 221 14.61 -39.93 -10.99
CA ILE A 221 14.53 -40.60 -12.27
C ILE A 221 14.16 -42.08 -12.11
N ASP A 222 13.62 -42.69 -13.15
CA ASP A 222 13.23 -44.09 -13.15
C ASP A 222 14.51 -44.93 -13.34
N SER A 223 14.78 -45.84 -12.40
CA SER A 223 16.01 -46.65 -12.41
C SER A 223 16.15 -47.36 -13.73
N ARG A 224 15.05 -47.90 -14.21
CA ARG A 224 15.04 -48.74 -15.40
C ARG A 224 15.47 -47.99 -16.66
N SER A 225 15.41 -46.66 -16.62
CA SER A 225 15.81 -45.82 -17.75
C SER A 225 17.33 -45.50 -17.76
N VAL A 226 18.07 -46.14 -16.86
CA VAL A 226 19.50 -45.87 -16.71
C VAL A 226 20.27 -46.93 -17.46
N ASP A 227 21.37 -46.50 -18.06
CA ASP A 227 22.23 -47.38 -18.84
C ASP A 227 23.33 -48.00 -17.97
N TYR A 228 23.04 -49.16 -17.38
CA TYR A 228 23.98 -49.84 -16.48
C TYR A 228 25.21 -50.45 -17.18
N THR A 229 25.48 -50.02 -18.41
CA THR A 229 26.68 -50.43 -19.12
C THR A 229 27.78 -49.38 -18.91
N ILE A 230 27.35 -48.13 -18.75
CA ILE A 230 28.28 -47.00 -18.68
C ILE A 230 28.52 -46.60 -17.24
N VAL A 231 27.45 -46.45 -16.49
CA VAL A 231 27.51 -46.02 -15.09
C VAL A 231 28.31 -47.03 -14.26
N THR A 232 29.24 -46.55 -13.45
CA THR A 232 30.04 -47.43 -12.58
C THR A 232 29.40 -47.66 -11.20
N GLU A 233 29.26 -48.94 -10.83
CA GLU A 233 28.59 -49.37 -9.60
C GLU A 233 29.47 -49.19 -8.38
N GLN A 234 28.89 -48.73 -7.28
CA GLN A 234 29.61 -48.51 -6.05
C GLN A 234 28.93 -49.21 -4.86
N PRO A 235 29.37 -50.44 -4.55
CA PRO A 235 28.80 -51.27 -3.49
C PRO A 235 29.16 -50.76 -2.12
N GLY A 236 28.36 -51.10 -1.11
CA GLY A 236 28.69 -50.75 0.27
C GLY A 236 29.90 -51.54 0.70
N ASP A 237 30.68 -51.02 1.64
CA ASP A 237 31.94 -51.69 1.94
C ASP A 237 31.79 -52.94 2.80
N VAL A 238 32.61 -53.94 2.46
CA VAL A 238 32.70 -55.20 3.21
C VAL A 238 33.06 -54.86 4.64
N ASP A 239 32.23 -55.34 5.57
CA ASP A 239 32.41 -55.07 7.01
C ASP A 239 32.10 -53.61 7.38
N PRO A 240 30.82 -53.21 7.28
CA PRO A 240 30.38 -51.83 7.45
C PRO A 240 30.30 -51.43 8.92
N VAL A 241 30.13 -50.14 9.18
CA VAL A 241 30.11 -49.61 10.55
C VAL A 241 28.72 -49.13 11.01
N PRO A 242 28.20 -49.70 12.12
CA PRO A 242 26.92 -49.29 12.68
C PRO A 242 26.99 -47.91 13.29
N PHE A 243 25.94 -47.13 13.07
CA PHE A 243 25.82 -45.82 13.67
C PHE A 243 25.56 -45.96 15.15
N SER A 244 24.61 -46.81 15.50
CA SER A 244 24.24 -46.98 16.88
C SER A 244 25.23 -47.84 17.63
N PHE A 245 25.59 -47.41 18.83
CA PHE A 245 26.47 -48.17 19.69
C PHE A 245 25.74 -49.38 20.27
N SER A 246 24.42 -49.37 20.15
CA SER A 246 23.56 -50.44 20.61
C SER A 246 23.43 -51.55 19.57
N SER A 247 23.54 -51.19 18.29
CA SER A 247 23.51 -52.17 17.21
C SER A 247 24.74 -53.05 17.25
N THR A 248 24.63 -54.24 16.68
CA THR A 248 25.72 -55.21 16.74
C THR A 248 26.33 -55.52 15.37
N SER A 249 25.48 -55.55 14.34
CA SER A 249 25.90 -55.75 12.96
C SER A 249 25.02 -54.92 12.04
N VAL A 250 25.55 -54.61 10.87
CA VAL A 250 24.76 -54.02 9.81
C VAL A 250 25.22 -54.71 8.55
N ALA A 251 25.87 -55.86 8.73
CA ALA A 251 26.46 -56.63 7.64
C ALA A 251 25.42 -56.99 6.56
N ASN A 252 24.27 -57.49 7.02
CA ASN A 252 23.20 -57.86 6.11
C ASN A 252 22.49 -56.67 5.46
N ARG A 253 22.71 -55.47 6.01
CA ARG A 253 22.04 -54.27 5.50
C ARG A 253 22.70 -53.67 4.27
N ASN A 254 23.50 -54.44 3.57
CA ASN A 254 24.06 -54.00 2.30
C ASN A 254 23.21 -54.54 1.17
N LEU A 255 22.09 -53.87 0.94
CA LEU A 255 21.06 -54.38 0.03
C LEU A 255 21.03 -53.76 -1.36
N VAL A 256 21.34 -52.48 -1.47
CA VAL A 256 21.47 -51.87 -2.79
C VAL A 256 22.80 -51.16 -2.90
N SER A 257 23.30 -51.00 -4.12
CA SER A 257 24.48 -50.17 -4.32
C SER A 257 24.14 -48.92 -5.13
N CYS A 258 24.99 -47.91 -5.04
CA CYS A 258 24.84 -46.63 -5.73
C CYS A 258 25.61 -46.63 -7.04
N TYR A 259 25.46 -45.56 -7.82
CA TYR A 259 25.96 -45.54 -9.20
C TYR A 259 26.60 -44.22 -9.57
N LEU A 260 27.90 -44.25 -9.86
CA LEU A 260 28.67 -43.02 -10.09
C LEU A 260 28.70 -42.62 -11.56
N THR A 261 28.57 -41.31 -11.80
CA THR A 261 28.85 -40.70 -13.10
C THR A 261 29.34 -39.26 -12.90
N LYS A 262 29.80 -38.67 -14.00
CA LYS A 262 30.28 -37.30 -14.02
C LYS A 262 29.58 -36.56 -15.15
N THR A 263 29.58 -35.24 -15.11
CA THR A 263 28.98 -34.42 -16.17
C THR A 263 29.99 -34.01 -17.27
N THR A 264 29.46 -33.67 -18.45
CA THR A 264 30.25 -33.24 -19.62
C THR A 264 30.22 -31.72 -19.78
N GLU A 265 31.27 -31.19 -20.40
CA GLU A 265 31.27 -29.81 -20.87
C GLU A 265 29.93 -29.48 -21.56
N LYS A 266 29.37 -30.47 -22.25
CA LYS A 266 28.13 -30.33 -23.01
C LYS A 266 26.90 -30.22 -22.11
N THR A 267 26.98 -30.83 -20.92
CA THR A 267 25.93 -30.68 -19.91
C THR A 267 25.86 -29.23 -19.46
N HIS A 268 27.03 -28.66 -19.20
CA HIS A 268 27.15 -27.29 -18.70
C HIS A 268 26.59 -26.24 -19.66
N ASP A 269 26.81 -26.44 -20.96
CA ASP A 269 26.24 -25.54 -21.98
C ASP A 269 24.73 -25.51 -21.92
N ILE A 270 24.13 -26.69 -21.82
CA ILE A 270 22.68 -26.83 -21.79
C ILE A 270 22.09 -26.06 -20.60
N LEU A 271 22.78 -26.12 -19.46
CA LEU A 271 22.29 -25.54 -18.21
C LEU A 271 22.45 -24.01 -18.10
N ARG A 272 23.43 -23.47 -18.82
CA ARG A 272 23.67 -22.02 -18.83
C ARG A 272 22.47 -21.26 -19.36
N THR A 273 21.71 -21.91 -20.24
CA THR A 273 20.46 -21.39 -20.78
C THR A 273 19.52 -20.82 -19.71
N GLY A 274 19.29 -21.56 -18.64
CA GLY A 274 18.27 -21.18 -17.69
C GLY A 274 18.72 -20.39 -16.47
N PHE A 275 20.00 -19.99 -16.46
CA PHE A 275 20.59 -19.35 -15.27
C PHE A 275 19.78 -18.18 -14.70
N ASP A 276 19.38 -17.27 -15.59
CA ASP A 276 18.66 -16.05 -15.21
C ASP A 276 17.19 -16.26 -14.83
N ARG A 277 16.70 -17.50 -14.99
CA ARG A 277 15.36 -17.88 -14.53
C ARG A 277 15.39 -18.52 -13.16
N SER A 278 16.38 -19.36 -12.92
CA SER A 278 16.46 -20.15 -11.67
C SER A 278 16.73 -19.30 -10.43
N PRO A 279 15.78 -19.31 -9.48
CA PRO A 279 15.90 -18.47 -8.29
C PRO A 279 16.83 -19.06 -7.22
N LEU A 280 17.78 -19.89 -7.63
CA LEU A 280 18.86 -20.33 -6.74
C LEU A 280 20.21 -19.81 -7.22
N PHE A 281 20.28 -19.47 -8.52
CA PHE A 281 21.48 -18.86 -9.10
C PHE A 281 21.88 -17.61 -8.31
N THR A 282 23.12 -17.60 -7.82
CA THR A 282 23.58 -16.57 -6.86
C THR A 282 24.85 -15.84 -7.28
N GLY A 283 24.80 -14.50 -7.22
CA GLY A 283 25.96 -13.66 -7.52
C GLY A 283 26.30 -13.63 -9.00
N CYS A 293 27.35 -25.08 -0.92
CA CYS A 293 26.51 -24.19 -1.73
C CYS A 293 25.45 -24.95 -2.58
N PRO A 294 24.25 -24.34 -2.74
CA PRO A 294 23.04 -25.12 -3.04
C PRO A 294 22.57 -25.04 -4.51
N SER A 295 23.32 -25.63 -5.43
CA SER A 295 22.91 -25.66 -6.84
C SER A 295 23.88 -26.43 -7.70
N ILE A 296 23.43 -26.79 -8.89
CA ILE A 296 24.31 -27.24 -9.91
C ILE A 296 24.57 -26.02 -10.77
N GLU A 297 23.62 -25.09 -10.75
CA GLU A 297 23.75 -23.81 -11.45
C GLU A 297 24.88 -23.00 -10.84
N ASP A 298 24.82 -22.86 -9.52
CA ASP A 298 25.82 -22.17 -8.73
C ASP A 298 27.20 -22.80 -8.90
N LYS A 299 27.24 -24.13 -8.87
CA LYS A 299 28.49 -24.88 -9.00
C LYS A 299 29.21 -24.54 -10.33
N ILE A 300 28.51 -24.66 -11.46
CA ILE A 300 29.11 -24.37 -12.77
C ILE A 300 29.48 -22.89 -12.91
N SER A 301 28.71 -22.03 -12.25
CA SER A 301 28.95 -20.59 -12.26
C SER A 301 30.24 -20.21 -11.52
N ARG A 302 30.35 -20.66 -10.27
CA ARG A 302 31.52 -20.36 -9.43
C ARG A 302 32.76 -21.15 -9.85
N PHE A 303 32.58 -22.25 -10.58
CA PHE A 303 33.71 -23.05 -11.06
C PHE A 303 33.57 -23.43 -12.54
N PRO A 304 33.75 -22.45 -13.45
CA PRO A 304 33.68 -22.76 -14.88
C PRO A 304 34.98 -23.35 -15.44
N ASP A 305 35.99 -23.48 -14.60
CA ASP A 305 37.28 -24.07 -15.00
C ASP A 305 37.31 -25.61 -14.99
N LYS A 306 36.60 -26.22 -14.04
CA LYS A 306 36.42 -27.67 -14.03
C LYS A 306 35.47 -28.07 -15.15
N SER A 307 35.93 -28.95 -16.03
CA SER A 307 35.13 -29.38 -17.18
C SER A 307 34.30 -30.62 -16.86
N SER A 308 34.13 -30.90 -15.56
CA SER A 308 33.40 -32.06 -15.06
C SER A 308 32.96 -31.89 -13.60
N HIS A 309 31.81 -32.50 -13.27
CA HIS A 309 31.26 -32.51 -11.91
C HIS A 309 30.64 -33.87 -11.57
N HIS A 310 30.79 -34.29 -10.31
CA HIS A 310 30.36 -35.62 -9.90
C HIS A 310 28.87 -35.68 -9.68
N ILE A 311 28.25 -36.76 -10.15
CA ILE A 311 26.86 -37.07 -9.78
C ILE A 311 26.71 -38.51 -9.29
N PHE A 312 25.95 -38.69 -8.21
CA PHE A 312 25.71 -40.01 -7.63
C PHE A 312 24.25 -40.39 -7.79
N LEU A 313 23.98 -41.48 -8.49
CA LEU A 313 22.63 -42.01 -8.62
C LEU A 313 22.36 -42.97 -7.47
N GLU A 314 21.33 -42.65 -6.68
CA GLU A 314 21.04 -43.40 -5.47
C GLU A 314 19.61 -43.90 -5.47
N PRO A 315 19.42 -45.22 -5.44
CA PRO A 315 18.11 -45.78 -5.25
C PRO A 315 17.49 -45.30 -3.93
N GLU A 316 16.18 -45.07 -3.94
CA GLU A 316 15.51 -44.54 -2.78
C GLU A 316 14.93 -45.65 -1.89
N GLY A 317 14.98 -46.88 -2.40
CA GLY A 317 14.48 -48.03 -1.66
C GLY A 317 14.98 -49.33 -2.26
N THR A 318 14.76 -50.43 -1.53
CA THR A 318 15.21 -51.74 -2.00
C THR A 318 14.42 -52.21 -3.19
N ASP A 319 13.14 -51.88 -3.24
CA ASP A 319 12.32 -52.16 -4.42
C ASP A 319 11.34 -51.02 -4.77
N THR A 320 11.90 -49.83 -4.93
CA THR A 320 11.25 -48.76 -5.63
C THR A 320 12.02 -48.52 -6.92
N VAL A 321 11.38 -47.86 -7.87
CA VAL A 321 12.01 -47.58 -9.14
C VAL A 321 12.50 -46.14 -9.11
N GLU A 322 12.21 -45.44 -8.02
CA GLU A 322 12.53 -44.03 -7.89
C GLU A 322 13.99 -43.87 -7.52
N MET A 323 14.69 -42.98 -8.20
CA MET A 323 16.13 -42.81 -7.98
C MET A 323 16.52 -41.34 -7.86
N TYR A 324 17.30 -41.04 -6.82
CA TYR A 324 17.75 -39.70 -6.50
C TYR A 324 19.03 -39.37 -7.25
N VAL A 325 19.09 -38.18 -7.86
CA VAL A 325 20.26 -37.77 -8.63
C VAL A 325 21.12 -36.78 -7.86
N ASN A 326 21.90 -37.30 -6.92
CA ASN A 326 22.77 -36.48 -6.07
C ASN A 326 23.72 -35.55 -6.82
N GLY A 327 23.91 -34.34 -6.28
CA GLY A 327 24.82 -33.36 -6.87
C GLY A 327 24.24 -32.62 -8.05
N PHE A 328 22.94 -32.79 -8.26
CA PHE A 328 22.21 -32.09 -9.32
C PHE A 328 21.01 -31.31 -8.76
N SER A 329 21.19 -30.66 -7.60
CA SER A 329 20.16 -29.78 -7.05
C SER A 329 19.97 -28.61 -7.99
N THR A 330 18.71 -28.33 -8.33
CA THR A 330 18.43 -27.39 -9.40
C THR A 330 17.07 -26.70 -9.30
N SER A 331 17.01 -25.50 -9.87
CA SER A 331 15.77 -24.73 -9.98
C SER A 331 15.52 -24.30 -11.41
N LEU A 332 16.22 -24.91 -12.35
CA LEU A 332 16.08 -24.58 -13.76
C LEU A 332 14.71 -24.98 -14.29
N PRO A 333 14.25 -24.36 -15.39
CA PRO A 333 12.94 -24.74 -15.93
C PRO A 333 12.84 -26.24 -16.20
N GLU A 334 11.68 -26.81 -15.87
CA GLU A 334 11.42 -28.25 -16.03
C GLU A 334 11.99 -28.84 -17.32
N ASP A 335 11.76 -28.16 -18.44
CA ASP A 335 12.22 -28.66 -19.75
C ASP A 335 13.75 -28.65 -19.94
N ILE A 336 14.45 -27.75 -19.24
CA ILE A 336 15.90 -27.64 -19.37
C ILE A 336 16.60 -28.73 -18.57
N GLN A 337 15.97 -29.12 -17.45
CA GLN A 337 16.49 -30.16 -16.57
C GLN A 337 16.69 -31.50 -17.26
N ILE A 338 15.63 -31.99 -17.93
CA ILE A 338 15.68 -33.26 -18.68
C ILE A 338 16.73 -33.19 -19.79
N ALA A 339 16.79 -32.04 -20.46
CA ALA A 339 17.77 -31.82 -21.51
C ALA A 339 19.20 -31.91 -20.96
N GLY A 340 19.39 -31.47 -19.73
CA GLY A 340 20.68 -31.56 -19.08
C GLY A 340 21.00 -32.98 -18.68
N LEU A 341 20.07 -33.61 -17.97
CA LEU A 341 20.22 -35.00 -17.50
C LEU A 341 20.59 -35.99 -18.60
N ARG A 342 19.97 -35.82 -19.77
CA ARG A 342 20.17 -36.76 -20.85
C ARG A 342 21.56 -36.62 -21.45
N SER A 343 22.22 -35.49 -21.19
CA SER A 343 23.58 -35.27 -21.69
C SER A 343 24.63 -35.97 -20.84
N ILE A 344 24.29 -36.21 -19.58
CA ILE A 344 25.13 -36.97 -18.65
C ILE A 344 25.27 -38.42 -19.14
N PRO A 345 26.52 -38.91 -19.30
CA PRO A 345 26.75 -40.30 -19.70
C PRO A 345 26.02 -41.32 -18.81
N GLY A 346 25.36 -42.28 -19.45
CA GLY A 346 24.56 -43.27 -18.72
C GLY A 346 23.09 -42.89 -18.57
N LEU A 347 22.78 -41.62 -18.79
CA LEU A 347 21.42 -41.10 -18.65
C LEU A 347 20.82 -40.57 -19.97
N GLU A 348 21.28 -41.10 -21.09
CA GLU A 348 20.81 -40.65 -22.40
C GLU A 348 19.32 -40.89 -22.59
N GLU A 349 18.80 -41.92 -21.94
CA GLU A 349 17.40 -42.31 -22.10
C GLU A 349 16.67 -42.23 -20.77
N ALA A 350 17.13 -41.32 -19.92
CA ALA A 350 16.60 -41.18 -18.58
C ALA A 350 15.16 -40.68 -18.58
N LYS A 351 14.29 -41.38 -17.86
CA LYS A 351 12.93 -40.95 -17.67
C LYS A 351 12.80 -40.30 -16.30
N MET A 352 12.38 -39.05 -16.29
CA MET A 352 12.37 -38.22 -15.10
C MET A 352 10.99 -38.23 -14.44
N ILE A 353 10.90 -38.81 -13.25
CA ILE A 353 9.63 -38.91 -12.55
C ILE A 353 9.22 -37.58 -11.94
N ARG A 354 10.17 -36.88 -11.32
CA ARG A 354 9.96 -35.51 -10.82
C ARG A 354 11.06 -34.54 -11.29
N PRO A 355 10.70 -33.26 -11.48
CA PRO A 355 11.73 -32.25 -11.69
C PRO A 355 12.38 -31.81 -10.38
N GLY A 356 13.63 -31.38 -10.46
CA GLY A 356 14.29 -30.73 -9.33
C GLY A 356 13.67 -29.38 -9.12
N TYR A 357 13.58 -28.95 -7.87
CA TYR A 357 13.00 -27.65 -7.55
C TYR A 357 13.64 -27.01 -6.33
N ALA A 358 13.28 -25.76 -6.06
CA ALA A 358 13.74 -25.10 -4.84
C ALA A 358 12.56 -24.75 -3.96
N ILE A 359 12.77 -24.81 -2.65
CA ILE A 359 11.72 -24.50 -1.70
C ILE A 359 12.13 -23.24 -0.98
N GLU A 360 11.28 -22.23 -1.06
CA GLU A 360 11.48 -20.98 -0.33
C GLU A 360 10.57 -20.96 0.90
N TYR A 361 11.13 -20.62 2.05
CA TYR A 361 10.41 -20.75 3.31
C TYR A 361 10.77 -19.68 4.34
N ASP A 362 9.91 -19.49 5.33
CA ASP A 362 10.17 -18.57 6.43
C ASP A 362 11.06 -19.22 7.49
N PHE A 363 12.09 -18.48 7.92
CA PHE A 363 12.95 -18.91 9.02
C PHE A 363 13.16 -17.78 10.03
N PHE A 364 13.41 -18.16 11.29
CA PHE A 364 13.57 -17.21 12.37
C PHE A 364 15.02 -17.05 12.79
N HIS A 365 15.52 -15.81 12.69
CA HIS A 365 16.93 -15.48 12.89
C HIS A 365 17.50 -16.08 14.17
N PRO A 366 18.60 -16.87 14.05
CA PRO A 366 19.12 -17.71 15.13
C PRO A 366 19.68 -16.95 16.34
N TRP A 367 19.79 -15.62 16.25
CA TRP A 367 20.18 -14.84 17.42
C TRP A 367 19.03 -14.72 18.43
N GLN A 368 17.81 -14.92 17.94
CA GLN A 368 16.60 -14.79 18.75
C GLN A 368 16.41 -15.96 19.71
N ILE A 369 17.18 -17.02 19.49
CA ILE A 369 17.17 -18.18 20.38
C ILE A 369 18.48 -18.27 21.17
N ARG A 370 18.39 -18.84 22.36
CA ARG A 370 19.55 -19.08 23.20
C ARG A 370 20.26 -20.33 22.76
N SER A 371 21.44 -20.53 23.34
CA SER A 371 22.26 -21.72 23.13
C SER A 371 21.52 -22.95 23.64
N THR A 372 20.56 -22.70 24.51
CA THR A 372 19.81 -23.75 25.17
C THR A 372 18.60 -24.19 24.35
N MET A 373 18.48 -23.61 23.15
CA MET A 373 17.35 -23.84 22.22
C MET A 373 16.04 -23.16 22.62
N GLU A 374 16.05 -22.49 23.78
CA GLU A 374 14.93 -21.66 24.23
C GLU A 374 15.00 -20.28 23.58
N THR A 375 13.86 -19.67 23.32
CA THR A 375 13.82 -18.35 22.69
C THR A 375 13.95 -17.21 23.70
N ARG A 376 14.55 -16.11 23.24
CA ARG A 376 14.64 -14.91 24.04
C ARG A 376 13.29 -14.21 24.19
N PRO A 377 12.61 -13.89 23.07
CA PRO A 377 11.34 -13.17 23.16
C PRO A 377 10.27 -13.81 24.05
N VAL A 378 10.27 -15.14 24.17
CA VAL A 378 9.28 -15.82 25.00
C VAL A 378 9.83 -17.07 25.69
N GLU A 379 9.72 -17.11 27.02
CA GLU A 379 10.15 -18.25 27.81
C GLU A 379 9.31 -19.49 27.50
N ASN A 380 9.91 -20.67 27.66
CA ASN A 380 9.24 -21.96 27.45
C ASN A 380 8.87 -22.28 25.99
N LEU A 381 9.29 -21.42 25.07
CA LEU A 381 9.10 -21.67 23.63
C LEU A 381 10.46 -22.00 23.04
N PHE A 382 10.59 -23.19 22.51
CA PHE A 382 11.83 -23.66 21.90
C PHE A 382 11.70 -23.78 20.37
N PHE A 383 12.78 -23.49 19.66
CA PHE A 383 12.82 -23.61 18.21
C PHE A 383 13.84 -24.67 17.87
N ALA A 384 13.44 -25.61 17.00
CA ALA A 384 14.34 -26.67 16.54
C ALA A 384 14.15 -26.99 15.08
N GLY A 385 15.26 -27.10 14.35
CA GLY A 385 15.22 -27.59 12.99
C GLY A 385 15.45 -26.54 11.94
N GLN A 386 14.87 -26.78 10.76
CA GLN A 386 15.05 -25.94 9.57
C GLN A 386 14.56 -24.52 9.81
N ILE A 387 13.71 -24.38 10.82
CA ILE A 387 13.11 -23.12 11.19
C ILE A 387 14.15 -22.14 11.72
N ASN A 388 15.29 -22.65 12.17
CA ASN A 388 16.42 -21.84 12.63
C ASN A 388 17.42 -21.56 11.51
N GLY A 389 16.98 -21.80 10.28
CA GLY A 389 17.77 -21.54 9.09
C GLY A 389 18.99 -22.42 8.94
N THR A 390 18.91 -23.63 9.48
CA THR A 390 19.94 -24.65 9.27
C THR A 390 19.41 -25.58 8.19
N SER A 391 20.27 -26.41 7.62
CA SER A 391 19.78 -27.46 6.72
C SER A 391 20.47 -28.79 7.01
N GLY A 392 19.70 -29.87 6.93
CA GLY A 392 20.17 -31.24 7.22
C GLY A 392 19.18 -31.96 8.14
N TYR A 393 19.03 -33.27 7.97
CA TYR A 393 18.22 -34.04 8.90
C TYR A 393 18.98 -34.11 10.21
N GLU A 394 20.25 -34.48 10.15
CA GLU A 394 21.06 -34.65 11.34
C GLU A 394 21.15 -33.36 12.13
N GLU A 395 21.40 -32.28 11.40
CA GLU A 395 21.43 -30.93 11.98
C GLU A 395 20.12 -30.60 12.71
N ALA A 396 18.99 -30.91 12.07
CA ALA A 396 17.69 -30.65 12.65
C ALA A 396 17.43 -31.60 13.82
N ALA A 397 17.79 -32.87 13.65
CA ALA A 397 17.54 -33.87 14.68
C ALA A 397 18.27 -33.50 15.97
N ALA A 398 19.53 -33.09 15.83
CA ALA A 398 20.36 -32.73 16.96
C ALA A 398 19.75 -31.57 17.75
N GLN A 399 19.15 -30.62 17.04
CA GLN A 399 18.50 -29.49 17.70
C GLN A 399 17.27 -29.96 18.42
N GLY A 400 16.47 -30.77 17.75
CA GLY A 400 15.28 -31.34 18.35
C GLY A 400 15.58 -32.05 19.63
N LEU A 401 16.66 -32.84 19.64
CA LEU A 401 17.07 -33.59 20.83
C LEU A 401 17.33 -32.63 21.98
N MET A 402 18.14 -31.61 21.72
CA MET A 402 18.49 -30.65 22.77
C MET A 402 17.26 -29.86 23.22
N ALA A 403 16.52 -29.32 22.27
CA ALA A 403 15.29 -28.60 22.57
C ALA A 403 14.38 -29.44 23.42
N GLY A 404 14.30 -30.74 23.13
CA GLY A 404 13.47 -31.65 23.92
C GLY A 404 13.95 -31.77 25.35
N ILE A 405 15.21 -32.19 25.52
CA ILE A 405 15.83 -32.32 26.83
C ILE A 405 15.59 -31.09 27.69
N ASN A 406 15.86 -29.92 27.11
CA ASN A 406 15.76 -28.65 27.83
C ASN A 406 14.33 -28.21 28.17
N ALA A 407 13.36 -28.69 27.40
CA ALA A 407 11.96 -28.45 27.73
C ALA A 407 11.57 -29.22 28.99
N VAL A 408 12.08 -30.44 29.14
CA VAL A 408 11.83 -31.25 30.33
C VAL A 408 12.49 -30.57 31.53
N ARG A 409 13.75 -30.18 31.34
CA ARG A 409 14.56 -29.58 32.39
C ARG A 409 13.94 -28.29 32.96
N LYS A 410 13.36 -27.49 32.08
CA LYS A 410 12.72 -26.23 32.45
C LYS A 410 11.47 -26.46 33.30
N ILE A 411 10.63 -27.40 32.89
CA ILE A 411 9.40 -27.73 33.60
C ILE A 411 9.74 -28.32 34.98
N LEU A 412 10.75 -29.18 35.01
CA LEU A 412 11.27 -29.73 36.27
C LEU A 412 11.99 -28.67 37.11
N GLY A 413 12.53 -27.66 36.45
CA GLY A 413 13.27 -26.58 37.13
C GLY A 413 14.72 -26.96 37.35
N LYS A 414 15.18 -27.93 36.60
CA LYS A 414 16.55 -28.40 36.67
C LYS A 414 17.45 -27.54 35.77
N GLU A 415 18.75 -27.86 35.74
CA GLU A 415 19.73 -27.15 34.91
C GLU A 415 19.50 -27.44 33.43
N LEU A 416 19.51 -26.42 32.60
CA LEU A 416 19.42 -26.64 31.15
C LEU A 416 20.79 -27.08 30.64
N ILE A 417 20.82 -27.82 29.54
CA ILE A 417 22.07 -28.39 29.00
C ILE A 417 22.55 -27.65 27.75
N VAL A 418 23.78 -27.17 27.79
CA VAL A 418 24.47 -26.63 26.62
C VAL A 418 25.74 -27.45 26.45
N LEU A 419 25.94 -28.00 25.26
CA LEU A 419 27.14 -28.77 24.97
C LEU A 419 28.28 -27.86 24.51
N GLY A 420 29.50 -28.19 24.94
CA GLY A 420 30.68 -27.41 24.60
C GLY A 420 31.29 -27.82 23.29
N ARG A 421 32.05 -26.91 22.67
CA ARG A 421 32.69 -27.15 21.37
C ARG A 421 33.83 -28.17 21.45
N ASP A 422 34.19 -28.55 22.67
CA ASP A 422 35.18 -29.59 22.91
C ASP A 422 34.50 -30.90 23.27
N GLN A 423 33.17 -30.85 23.45
CA GLN A 423 32.37 -32.01 23.84
C GLN A 423 31.74 -32.74 22.67
N ALA A 424 31.18 -31.99 21.73
CA ALA A 424 30.42 -32.57 20.61
C ALA A 424 30.36 -31.68 19.36
N TYR A 425 30.17 -32.32 18.21
CA TYR A 425 29.84 -31.60 16.98
C TYR A 425 28.53 -30.83 17.15
N ILE A 426 27.65 -31.38 17.97
CA ILE A 426 26.37 -30.75 18.29
C ILE A 426 26.61 -29.44 19.01
N GLY A 427 27.64 -29.41 19.86
CA GLY A 427 27.99 -28.20 20.61
C GLY A 427 28.51 -27.12 19.68
N VAL A 428 29.37 -27.52 18.76
CA VAL A 428 29.90 -26.63 17.74
C VAL A 428 28.76 -26.09 16.90
N LEU A 429 27.88 -26.97 16.42
CA LEU A 429 26.73 -26.60 15.59
C LEU A 429 25.84 -25.53 16.24
N ILE A 430 25.36 -25.83 17.46
CA ILE A 430 24.46 -24.94 18.20
C ILE A 430 25.12 -23.62 18.57
N ASP A 431 26.42 -23.65 18.86
CA ASP A 431 27.17 -22.43 19.12
C ASP A 431 27.31 -21.60 17.85
N ASP A 432 27.74 -22.26 16.77
CA ASP A 432 27.94 -21.59 15.49
C ASP A 432 26.65 -20.98 14.94
N LEU A 433 25.55 -21.66 15.23
CA LEU A 433 24.22 -21.25 14.78
C LEU A 433 23.85 -19.88 15.34
N ILE A 434 23.75 -19.81 16.66
CA ILE A 434 23.41 -18.57 17.35
C ILE A 434 24.46 -17.45 17.16
N THR A 435 25.70 -17.83 16.86
CA THR A 435 26.82 -16.90 16.63
C THR A 435 26.90 -16.45 15.17
N LYS A 436 27.44 -17.32 14.31
CA LYS A 436 27.70 -16.95 12.92
C LYS A 436 26.42 -16.68 12.12
N GLU A 437 26.22 -15.41 11.77
CA GLU A 437 25.01 -14.98 11.06
C GLU A 437 25.31 -14.70 9.57
N THR A 438 24.71 -15.53 8.70
CA THR A 438 24.90 -15.43 7.24
C THR A 438 23.64 -15.80 6.41
N LYS A 439 23.51 -15.14 5.24
CA LYS A 439 22.37 -15.28 4.31
C LYS A 439 22.03 -16.70 3.82
N GLU A 440 22.88 -17.69 4.14
CA GLU A 440 22.71 -19.06 3.65
C GLU A 440 22.44 -20.04 4.79
N PRO A 441 21.65 -21.12 4.52
CA PRO A 441 21.42 -22.13 5.58
C PRO A 441 22.73 -22.83 5.98
N TYR A 442 22.91 -22.98 7.29
CA TYR A 442 24.15 -23.51 7.85
C TYR A 442 24.28 -25.03 7.67
N ARG A 443 25.30 -25.43 6.91
CA ARG A 443 25.68 -26.84 6.74
C ARG A 443 26.99 -27.17 7.48
N MET A 444 27.05 -28.39 8.01
CA MET A 444 28.22 -28.83 8.77
C MET A 444 29.44 -29.25 7.92
N PHE A 445 29.22 -29.54 6.63
CA PHE A 445 30.32 -29.98 5.73
C PHE A 445 31.46 -28.95 5.60
N THR A 446 31.11 -27.71 5.24
CA THR A 446 32.07 -26.60 5.18
C THR A 446 32.63 -26.25 6.58
N SER A 447 31.84 -26.55 7.62
CA SER A 447 32.29 -26.49 9.01
C SER A 447 33.53 -27.39 9.19
N SER A 448 34.71 -26.76 9.15
CA SER A 448 35.98 -27.45 9.34
C SER A 448 36.49 -27.37 10.80
N ALA A 449 35.60 -27.76 11.73
CA ALA A 449 35.87 -27.77 13.18
C ALA A 449 37.26 -28.31 13.52
N GLU A 450 38.20 -27.37 13.78
CA GLU A 450 39.60 -27.69 14.11
C GLU A 450 39.79 -28.73 15.24
N HIS A 451 38.76 -28.90 16.08
CA HIS A 451 38.69 -29.97 17.10
C HIS A 451 38.23 -31.24 16.43
N ARG A 452 39.20 -32.05 15.98
CA ARG A 452 38.89 -33.18 15.12
C ARG A 452 39.11 -34.51 15.82
N LEU A 453 40.33 -34.77 16.29
CA LEU A 453 40.65 -36.07 16.84
C LEU A 453 39.89 -36.38 18.11
N ILE A 454 39.71 -35.36 18.95
CA ILE A 454 38.98 -35.51 20.22
C ILE A 454 37.46 -35.68 20.03
N LEU A 455 36.97 -35.39 18.82
CA LEU A 455 35.54 -35.45 18.52
C LEU A 455 35.18 -36.48 17.45
N ARG A 456 36.13 -37.38 17.16
CA ARG A 456 35.93 -38.41 16.15
C ARG A 456 34.67 -39.22 16.45
N HIS A 457 34.10 -39.82 15.40
CA HIS A 457 32.85 -40.59 15.54
C HIS A 457 32.91 -41.71 16.57
N ASP A 458 34.08 -42.36 16.69
CA ASP A 458 34.19 -43.61 17.44
C ASP A 458 34.28 -43.51 18.95
N ASN A 459 34.24 -42.31 19.51
CA ASN A 459 34.25 -42.19 20.96
C ASN A 459 33.10 -41.36 21.51
N ALA A 460 32.15 -41.07 20.62
CA ALA A 460 30.99 -40.24 20.93
C ALA A 460 30.26 -40.69 22.19
N ASP A 461 30.16 -42.01 22.38
CA ASP A 461 29.47 -42.57 23.53
C ASP A 461 30.17 -42.22 24.84
N LEU A 462 31.49 -42.38 24.88
CA LEU A 462 32.30 -42.06 26.07
C LEU A 462 32.11 -40.60 26.46
N ARG A 463 32.13 -39.72 25.46
CA ARG A 463 31.96 -38.29 25.67
C ARG A 463 30.58 -37.88 26.20
N LEU A 464 29.52 -38.47 25.63
CA LEU A 464 28.17 -37.96 25.87
C LEU A 464 27.24 -38.85 26.71
N ARG A 465 27.60 -40.12 26.86
CA ARG A 465 26.73 -41.10 27.53
C ARG A 465 26.25 -40.68 28.93
N LYS A 466 27.15 -40.12 29.74
CA LYS A 466 26.77 -39.65 31.07
C LYS A 466 25.75 -38.52 31.00
N ILE A 467 25.94 -37.60 30.05
CA ILE A 467 24.99 -36.50 29.84
C ILE A 467 23.62 -37.07 29.47
N GLY A 468 23.64 -38.11 28.64
CA GLY A 468 22.42 -38.84 28.30
C GLY A 468 21.68 -39.37 29.52
N TYR A 469 22.44 -39.99 30.44
CA TYR A 469 21.83 -40.53 31.65
C TYR A 469 21.01 -39.48 32.40
N ASP A 470 21.63 -38.34 32.72
CA ASP A 470 20.95 -37.28 33.49
C ASP A 470 19.61 -36.83 32.89
N CYS A 471 19.41 -37.16 31.62
CA CYS A 471 18.20 -36.74 30.93
C CYS A 471 17.27 -37.93 30.68
N ASN A 472 17.47 -39.00 31.43
CA ASN A 472 16.63 -40.19 31.34
C ASN A 472 16.51 -40.76 29.94
N LEU A 473 17.60 -40.74 29.19
CA LEU A 473 17.58 -41.27 27.82
C LEU A 473 18.53 -42.44 27.64
N VAL A 474 19.50 -42.58 28.55
CA VAL A 474 20.44 -43.70 28.50
C VAL A 474 20.23 -44.58 29.72
N SER A 475 20.12 -45.89 29.48
CA SER A 475 19.90 -46.86 30.55
C SER A 475 21.16 -47.03 31.40
N SER A 476 20.99 -47.48 32.64
CA SER A 476 22.11 -47.73 33.53
C SER A 476 23.04 -48.80 32.98
N ASP A 477 22.47 -49.87 32.42
CA ASP A 477 23.22 -50.93 31.77
C ASP A 477 24.02 -50.38 30.58
N ASP A 478 23.53 -49.30 29.99
CA ASP A 478 24.27 -48.58 28.97
C ASP A 478 25.34 -47.68 29.58
N LEU A 479 24.92 -46.70 30.39
CA LEU A 479 25.83 -45.74 31.03
C LEU A 479 27.00 -46.42 31.73
N HIS A 480 26.68 -47.39 32.58
CA HIS A 480 27.69 -48.12 33.34
C HIS A 480 28.61 -48.93 32.40
N ARG A 481 28.10 -49.32 31.24
CA ARG A 481 28.90 -50.11 30.30
C ARG A 481 29.94 -49.26 29.58
N THR A 482 29.62 -47.99 29.37
CA THR A 482 30.55 -47.07 28.74
C THR A 482 31.59 -46.59 29.77
N GLU A 483 31.18 -46.53 31.04
CA GLU A 483 32.07 -46.15 32.13
C GLU A 483 33.13 -47.22 32.37
N SER A 484 32.82 -48.45 31.96
CA SER A 484 33.75 -49.57 32.13
C SER A 484 34.66 -49.76 30.91
N ILE A 485 34.21 -49.29 29.75
CA ILE A 485 35.00 -49.44 28.53
C ILE A 485 36.18 -48.47 28.54
N ILE A 486 36.00 -47.32 29.18
CA ILE A 486 37.08 -46.34 29.40
C ILE A 486 38.10 -46.83 30.43
N LYS A 487 37.60 -47.53 31.46
CA LYS A 487 38.46 -48.13 32.48
C LYS A 487 39.44 -49.12 31.88
N ARG A 488 38.99 -49.89 30.89
CA ARG A 488 39.82 -50.91 30.25
C ARG A 488 40.91 -50.33 29.37
N VAL A 489 40.60 -49.23 28.68
CA VAL A 489 41.55 -48.59 27.77
C VAL A 489 42.77 -48.09 28.52
N GLN A 490 42.53 -47.29 29.56
CA GLN A 490 43.60 -46.80 30.42
C GLN A 490 44.31 -47.92 31.20
N HIS A 491 43.53 -48.90 31.68
CA HIS A 491 44.07 -50.09 32.33
C HIS A 491 44.98 -50.87 31.38
N CYS A 492 44.66 -50.82 30.09
CA CYS A 492 45.46 -51.47 29.06
C CYS A 492 46.71 -50.66 28.78
N LEU A 493 46.57 -49.34 28.73
CA LEU A 493 47.69 -48.41 28.52
C LEU A 493 48.75 -48.46 29.64
N GLU A 494 48.34 -48.95 30.82
CA GLU A 494 49.26 -49.25 31.90
C GLU A 494 50.22 -50.34 31.42
N VAL A 495 49.64 -51.38 30.81
CA VAL A 495 50.37 -52.58 30.43
C VAL A 495 51.16 -52.37 29.15
N MET A 496 50.70 -51.44 28.32
CA MET A 496 51.33 -51.16 27.03
C MET A 496 52.70 -50.49 27.13
N LYS A 497 53.08 -50.08 28.33
CA LYS A 497 54.39 -49.49 28.58
C LYS A 497 55.34 -50.50 29.19
N THR A 498 54.80 -51.31 30.10
CA THR A 498 55.59 -52.28 30.85
C THR A 498 55.92 -53.36 29.91
N ALA A 499 54.90 -53.69 29.18
CA ALA A 499 55.08 -54.84 28.38
C ALA A 499 56.32 -54.63 27.53
N LYS A 500 57.08 -55.70 27.44
CA LYS A 500 58.34 -55.74 26.75
C LYS A 500 58.27 -56.69 25.56
N VAL A 501 59.01 -56.36 24.50
CA VAL A 501 59.02 -57.17 23.28
C VAL A 501 60.42 -57.35 22.71
N THR A 502 60.92 -58.58 22.78
CA THR A 502 62.28 -58.89 22.34
C THR A 502 62.40 -58.82 20.83
N PRO A 503 63.60 -58.47 20.32
CA PRO A 503 63.84 -58.41 18.88
C PRO A 503 63.79 -59.79 18.22
N ALA A 504 63.54 -60.83 19.01
CA ALA A 504 63.43 -62.19 18.50
C ALA A 504 62.14 -62.38 17.72
N GLU A 505 61.06 -61.75 18.18
CA GLU A 505 59.71 -61.97 17.62
C GLU A 505 59.32 -61.04 16.48
N ILE A 506 59.72 -59.78 16.57
CA ILE A 506 59.22 -58.77 15.66
C ILE A 506 60.15 -58.50 14.49
N ASN A 507 61.43 -58.85 14.64
CA ASN A 507 62.40 -58.57 13.58
C ASN A 507 62.08 -59.17 12.21
N THR A 508 61.57 -60.40 12.18
CA THR A 508 61.17 -61.03 10.92
C THR A 508 59.89 -60.38 10.38
N LEU A 509 59.02 -59.94 11.28
CA LEU A 509 57.83 -59.18 10.90
C LEU A 509 58.21 -57.84 10.27
N LEU A 510 59.10 -57.11 10.94
CA LEU A 510 59.53 -55.80 10.49
C LEU A 510 60.37 -55.86 9.23
N MET A 511 61.09 -56.96 9.03
CA MET A 511 61.83 -57.20 7.78
C MET A 511 60.93 -57.18 6.56
N ASN A 512 59.78 -57.84 6.68
CA ASN A 512 58.82 -57.95 5.59
C ASN A 512 58.04 -56.65 5.41
N LYS A 513 57.66 -56.03 6.53
CA LYS A 513 56.96 -54.75 6.49
C LYS A 513 57.89 -53.60 6.08
N GLY A 514 59.19 -53.82 6.18
CA GLY A 514 60.22 -52.83 5.82
C GLY A 514 60.13 -51.56 6.65
N LEU A 515 59.93 -51.75 7.95
CA LEU A 515 59.59 -50.65 8.83
C LEU A 515 60.81 -50.15 9.62
N GLN A 516 60.75 -50.24 10.94
CA GLN A 516 61.90 -49.92 11.79
C GLN A 516 62.54 -51.24 12.14
N GLU A 517 63.84 -51.36 11.94
CA GLU A 517 64.49 -52.61 12.34
C GLU A 517 64.86 -52.59 13.80
N LEU A 518 64.58 -53.69 14.49
CA LEU A 518 64.81 -53.76 15.92
C LEU A 518 66.16 -54.40 16.22
N LYS A 519 67.21 -53.58 16.09
CA LYS A 519 68.59 -54.01 16.37
C LYS A 519 68.82 -54.52 17.79
N THR A 520 67.90 -54.18 18.70
CA THR A 520 68.25 -54.06 20.12
C THR A 520 67.08 -54.27 21.12
N PRO A 521 66.96 -53.40 22.14
CA PRO A 521 66.17 -53.78 23.31
C PRO A 521 64.76 -53.17 23.33
N ALA A 522 64.36 -52.55 22.24
CA ALA A 522 63.01 -51.99 22.13
C ALA A 522 61.97 -52.92 22.74
N ARG A 523 61.44 -52.53 23.90
CA ARG A 523 60.21 -53.11 24.40
C ARG A 523 59.08 -52.09 24.41
N ALA A 524 58.94 -51.36 25.51
CA ALA A 524 58.05 -50.21 25.58
C ALA A 524 56.97 -50.30 24.51
N LEU A 525 56.17 -51.35 24.57
CA LEU A 525 55.14 -51.62 23.54
C LEU A 525 54.65 -50.43 22.71
N SER A 526 54.24 -49.37 23.39
CA SER A 526 53.77 -48.16 22.73
C SER A 526 54.75 -47.69 21.66
N LEU A 527 56.04 -47.72 22.01
CA LEU A 527 57.13 -47.33 21.12
C LEU A 527 57.22 -48.21 19.86
N ILE A 528 56.64 -49.41 19.90
CA ILE A 528 56.56 -50.26 18.71
C ILE A 528 55.42 -49.77 17.83
N LYS A 529 54.18 -50.08 18.22
CA LYS A 529 52.99 -49.80 17.40
C LYS A 529 52.68 -48.31 17.24
N ARG A 530 53.37 -47.70 16.29
CA ARG A 530 53.17 -46.30 15.97
C ARG A 530 53.28 -46.04 14.47
N PRO A 531 54.35 -46.51 13.81
CA PRO A 531 54.55 -46.08 12.42
C PRO A 531 53.70 -46.78 11.36
N GLY A 532 53.35 -48.05 11.60
CA GLY A 532 52.52 -48.81 10.65
C GLY A 532 52.28 -50.25 11.07
N ILE A 533 52.16 -50.47 12.38
CA ILE A 533 51.99 -51.81 12.97
C ILE A 533 50.70 -51.86 13.75
N SER A 534 49.98 -52.97 13.60
CA SER A 534 48.73 -53.18 14.35
C SER A 534 49.00 -53.60 15.79
N LEU A 535 48.10 -53.22 16.68
CA LEU A 535 48.14 -53.70 18.04
C LEU A 535 48.07 -55.23 18.06
N GLN A 536 47.25 -55.77 17.16
CA GLN A 536 47.11 -57.23 17.03
C GLN A 536 48.32 -57.92 16.38
N ASP A 537 49.18 -57.15 15.73
CA ASP A 537 50.43 -57.70 15.18
C ASP A 537 51.38 -58.08 16.31
N ILE A 538 51.22 -57.41 17.45
CA ILE A 538 52.07 -57.63 18.61
C ILE A 538 51.56 -58.78 19.48
N LEU A 539 50.33 -58.69 19.96
CA LEU A 539 49.72 -59.79 20.73
C LEU A 539 49.95 -61.14 20.05
N GLU A 540 49.98 -61.13 18.73
CA GLU A 540 50.17 -62.34 17.93
C GLU A 540 51.63 -62.81 17.91
N HIS A 541 52.55 -61.88 18.11
CA HIS A 541 53.97 -62.20 17.97
C HIS A 541 54.74 -62.38 19.27
N SER A 542 54.24 -61.83 20.37
CA SER A 542 54.91 -61.99 21.66
C SER A 542 54.04 -62.65 22.72
N LEU A 543 54.61 -63.62 23.44
CA LEU A 543 53.94 -64.29 24.56
C LEU A 543 53.84 -63.33 25.74
N SER A 544 54.80 -62.41 25.81
CA SER A 544 54.87 -61.39 26.86
C SER A 544 53.58 -60.58 27.01
N VAL A 545 53.08 -60.06 25.90
CA VAL A 545 52.01 -59.07 25.93
C VAL A 545 50.64 -59.66 26.22
N ARG A 546 50.25 -60.68 25.45
CA ARG A 546 48.94 -61.34 25.60
C ARG A 546 48.73 -61.87 27.01
N SER A 547 49.83 -62.26 27.65
CA SER A 547 49.82 -62.70 29.05
C SER A 547 49.43 -61.56 29.98
N ALA A 548 49.89 -60.36 29.66
CA ALA A 548 49.61 -59.18 30.48
C ALA A 548 48.27 -58.54 30.12
N ALA A 549 47.79 -58.79 28.91
CA ALA A 549 46.52 -58.21 28.42
C ALA A 549 45.94 -58.93 27.20
N GLU A 550 44.97 -59.82 27.46
CA GLU A 550 44.25 -60.52 26.41
C GLU A 550 42.79 -60.10 26.47
N GLU A 551 42.51 -59.08 27.28
CA GLU A 551 41.17 -58.49 27.42
C GLU A 551 40.73 -57.68 26.19
N LEU A 552 41.71 -56.99 25.59
CA LEU A 552 41.51 -56.23 24.35
C LEU A 552 41.22 -57.13 23.17
N CYS A 553 41.81 -58.33 23.18
CA CYS A 553 41.47 -59.37 22.22
C CYS A 553 39.96 -59.63 22.25
N ASN A 554 39.47 -60.02 23.43
CA ASN A 554 38.05 -60.35 23.66
C ASN A 554 37.06 -59.23 23.32
N ASP A 555 37.48 -57.98 23.57
CA ASP A 555 36.69 -56.79 23.23
C ASP A 555 37.31 -56.03 22.05
N PRO A 556 36.53 -55.81 20.95
CA PRO A 556 37.14 -55.16 19.79
C PRO A 556 37.14 -53.64 19.88
N ARG A 557 36.36 -53.09 20.80
CA ARG A 557 36.23 -51.65 20.96
C ARG A 557 37.42 -51.05 21.67
N VAL A 558 37.78 -51.66 22.79
CA VAL A 558 38.98 -51.29 23.54
C VAL A 558 40.19 -51.31 22.60
N ALA A 559 40.38 -52.43 21.90
CA ALA A 559 41.47 -52.59 20.92
C ALA A 559 41.56 -51.43 19.93
N GLU A 560 40.40 -50.99 19.43
CA GLU A 560 40.31 -49.88 18.47
C GLU A 560 40.70 -48.54 19.09
N GLN A 561 40.23 -48.29 20.31
CA GLN A 561 40.49 -47.06 21.06
C GLN A 561 41.94 -46.91 21.48
N VAL A 562 42.46 -47.95 22.14
CA VAL A 562 43.85 -48.00 22.56
C VAL A 562 44.76 -47.75 21.37
N GLN A 563 44.53 -48.45 20.27
CA GLN A 563 45.40 -48.38 19.09
C GLN A 563 45.52 -46.96 18.52
N ILE A 564 44.48 -46.15 18.70
CA ILE A 564 44.46 -44.76 18.26
C ILE A 564 45.06 -43.82 19.32
N GLU A 565 44.67 -44.03 20.58
CA GLU A 565 45.16 -43.27 21.72
C GLU A 565 46.69 -43.17 21.76
N ILE A 566 47.35 -44.23 21.28
CA ILE A 566 48.81 -44.26 21.27
C ILE A 566 49.41 -43.90 19.92
N LYS A 567 48.73 -44.26 18.83
CA LYS A 567 49.18 -43.89 17.49
C LYS A 567 48.96 -42.40 17.22
N TYR A 568 48.15 -41.75 18.06
CA TYR A 568 47.85 -40.33 17.93
C TYR A 568 48.08 -39.58 19.24
N GLU A 569 49.03 -40.06 20.03
CA GLU A 569 49.38 -39.45 21.31
C GLU A 569 49.72 -37.97 21.14
N GLY A 570 50.64 -37.69 20.23
CA GLY A 570 51.13 -36.34 19.99
C GLY A 570 50.02 -35.37 19.67
N TYR A 571 49.22 -35.72 18.67
CA TYR A 571 48.19 -34.82 18.14
C TYR A 571 47.00 -34.64 19.08
N ILE A 572 46.67 -35.67 19.87
CA ILE A 572 45.57 -35.58 20.83
C ILE A 572 45.89 -34.60 21.96
N LYS A 573 47.12 -34.67 22.48
CA LYS A 573 47.54 -33.76 23.52
C LYS A 573 47.53 -32.33 22.98
N ARG A 574 48.01 -32.15 21.76
CA ARG A 574 48.07 -30.84 21.09
C ARG A 574 46.69 -30.24 20.88
N GLU A 575 45.75 -31.06 20.40
CA GLU A 575 44.37 -30.63 20.20
C GLU A 575 43.64 -30.34 21.52
N GLN A 576 43.91 -31.15 22.54
CA GLN A 576 43.23 -31.03 23.83
C GLN A 576 43.64 -29.79 24.59
N LEU A 577 44.90 -29.39 24.37
CA LEU A 577 45.47 -28.23 25.03
C LEU A 577 44.79 -26.96 24.54
N VAL A 578 44.49 -26.91 23.24
CA VAL A 578 43.80 -25.77 22.61
C VAL A 578 42.32 -25.77 23.01
N ALA A 579 41.73 -26.96 23.07
CA ALA A 579 40.35 -27.15 23.49
C ALA A 579 40.10 -26.66 24.92
N ASP A 580 41.15 -26.75 25.75
CA ASP A 580 41.10 -26.29 27.13
C ASP A 580 41.28 -24.78 27.20
N ARG A 581 42.13 -24.28 26.29
CA ARG A 581 42.33 -22.85 26.05
C ARG A 581 41.01 -22.22 25.62
N ILE A 582 40.36 -22.87 24.65
CA ILE A 582 39.04 -22.47 24.16
C ILE A 582 37.95 -22.74 25.20
N ALA A 583 38.13 -23.78 26.01
CA ALA A 583 37.21 -24.08 27.11
C ALA A 583 37.22 -22.96 28.15
N ARG A 584 38.41 -22.53 28.54
CA ARG A 584 38.62 -21.43 29.49
C ARG A 584 38.01 -20.11 28.99
N LEU A 585 38.17 -19.84 27.69
CA LEU A 585 37.60 -18.66 27.03
C LEU A 585 36.07 -18.68 27.04
N ASP A 586 35.49 -19.81 26.61
CA ASP A 586 34.03 -19.98 26.59
C ASP A 586 33.45 -20.05 28.01
N SER A 587 34.33 -20.02 29.00
CA SER A 587 33.95 -20.11 30.41
C SER A 587 34.06 -18.76 31.13
N LEU A 588 33.99 -17.67 30.35
CA LEU A 588 33.93 -16.30 30.90
C LEU A 588 32.73 -15.56 30.29
N HIS A 589 31.53 -15.89 30.78
CA HIS A 589 30.26 -15.46 30.15
C HIS A 589 29.74 -14.09 30.64
N ILE A 590 30.54 -13.38 31.44
CA ILE A 590 30.10 -12.15 32.13
C ILE A 590 30.16 -10.77 31.40
N PRO A 591 30.77 -10.72 30.17
CA PRO A 591 30.83 -9.42 29.47
C PRO A 591 29.48 -8.92 28.91
N ASP A 592 28.80 -8.05 29.65
CA ASP A 592 27.51 -7.52 29.23
C ASP A 592 27.42 -6.00 29.35
N ASN A 593 26.70 -5.54 30.38
CA ASN A 593 26.39 -4.12 30.55
C ASN A 593 27.56 -3.29 31.11
N PHE A 594 28.71 -3.38 30.44
CA PHE A 594 29.91 -2.64 30.83
C PHE A 594 30.44 -1.77 29.70
N ASN A 595 31.09 -0.67 30.07
CA ASN A 595 31.66 0.27 29.11
C ASN A 595 32.73 -0.36 28.22
N TYR A 596 32.39 -0.53 26.94
CA TYR A 596 33.35 -0.95 25.94
C TYR A 596 34.33 0.19 25.61
N ASP A 597 34.05 1.37 26.15
CA ASP A 597 34.96 2.52 26.09
C ASP A 597 35.70 2.72 27.40
N SER A 598 36.09 1.61 28.03
CA SER A 598 36.95 1.61 29.22
C SER A 598 38.30 0.99 28.91
N LEU A 599 38.28 -0.03 28.04
CA LEU A 599 39.44 -0.84 27.69
C LEU A 599 40.59 -0.02 27.07
N ASN A 600 41.82 -0.31 27.50
CA ASN A 600 42.96 0.58 27.27
C ASN A 600 43.53 0.62 25.85
N SER A 601 44.08 -0.51 25.38
CA SER A 601 44.83 -0.55 24.11
C SER A 601 44.21 -1.47 23.05
N LEU A 602 42.90 -1.33 22.86
CA LEU A 602 42.13 -2.23 22.01
C LEU A 602 42.22 -2.04 20.49
N SER A 603 41.55 -0.99 20.00
CA SER A 603 40.52 -1.14 18.98
C SER A 603 41.01 -0.82 17.58
N SER A 604 40.41 0.18 16.95
CA SER A 604 40.76 0.57 15.60
C SER A 604 40.18 -0.38 14.55
N GLU A 605 39.60 -1.48 15.02
CA GLU A 605 38.85 -2.37 14.15
C GLU A 605 38.20 -3.51 14.94
N GLY A 606 38.91 -3.99 15.94
CA GLY A 606 38.28 -4.60 17.11
C GLY A 606 37.08 -3.80 17.60
N ARG A 607 37.35 -2.79 18.42
CA ARG A 607 36.30 -2.17 19.24
C ARG A 607 34.98 -1.95 18.49
N GLU A 608 35.08 -1.64 17.20
CA GLU A 608 33.90 -1.37 16.38
C GLU A 608 33.13 -2.64 16.03
N LYS A 609 33.86 -3.75 15.90
CA LYS A 609 33.26 -5.07 15.72
C LYS A 609 32.60 -5.57 17.01
N LEU A 610 33.16 -5.18 18.15
CA LEU A 610 32.62 -5.55 19.47
C LEU A 610 31.28 -4.87 19.76
N LEU A 611 31.19 -3.58 19.43
CA LEU A 611 29.97 -2.80 19.64
C LEU A 611 28.87 -3.20 18.64
N LYS A 612 29.27 -3.59 17.44
CA LYS A 612 28.34 -4.06 16.42
C LYS A 612 27.76 -5.43 16.78
N HIS A 613 28.63 -6.41 16.97
CA HIS A 613 28.22 -7.80 17.20
C HIS A 613 27.72 -8.04 18.62
N ARG A 614 28.34 -7.38 19.60
CA ARG A 614 27.96 -7.48 21.01
C ARG A 614 28.06 -8.92 21.54
N PRO A 615 29.29 -9.46 21.67
CA PRO A 615 29.51 -10.88 21.98
C PRO A 615 29.10 -11.28 23.40
N ALA A 616 28.38 -12.40 23.53
CA ALA A 616 27.90 -12.91 24.82
C ALA A 616 29.05 -13.48 25.67
N THR A 617 29.84 -14.36 25.07
CA THR A 617 31.03 -14.94 25.72
C THR A 617 32.30 -14.43 25.04
N ILE A 618 33.38 -14.33 25.80
CA ILE A 618 34.65 -13.83 25.24
C ILE A 618 35.32 -14.83 24.29
N GLY A 619 34.88 -16.09 24.35
CA GLY A 619 35.29 -17.10 23.37
C GLY A 619 34.63 -16.78 22.04
N GLN A 620 33.36 -16.42 22.09
CA GLN A 620 32.61 -15.98 20.93
C GLN A 620 33.23 -14.73 20.29
N ALA A 621 33.85 -13.90 21.13
CA ALA A 621 34.47 -12.66 20.70
C ALA A 621 35.77 -12.88 19.91
N SER A 622 36.45 -14.00 20.16
CA SER A 622 37.72 -14.32 19.49
C SER A 622 37.55 -14.95 18.10
N ARG A 623 36.30 -15.21 17.72
CA ARG A 623 35.98 -15.77 16.40
C ARG A 623 35.46 -14.72 15.40
N ILE A 624 35.22 -13.50 15.89
CA ILE A 624 34.88 -12.36 15.04
C ILE A 624 36.14 -11.95 14.26
N LEU A 625 36.05 -11.91 12.93
CA LEU A 625 37.23 -11.69 12.07
C LEU A 625 37.89 -10.31 12.24
N GLY A 626 37.15 -9.37 12.83
CA GLY A 626 37.66 -8.04 13.09
C GLY A 626 38.65 -7.96 14.25
N VAL A 627 38.36 -8.68 15.34
CA VAL A 627 39.20 -8.62 16.55
C VAL A 627 40.47 -9.47 16.38
N SER A 628 41.57 -9.00 16.96
CA SER A 628 42.87 -9.70 16.86
C SER A 628 43.13 -10.59 18.09
N PRO A 629 44.09 -11.54 17.97
CA PRO A 629 44.53 -12.33 19.13
C PRO A 629 45.06 -11.48 20.29
N SER A 630 45.67 -10.33 19.97
CA SER A 630 46.19 -9.41 20.97
C SER A 630 45.10 -8.60 21.68
N ASP A 631 43.95 -8.44 21.02
CA ASP A 631 42.82 -7.67 21.57
C ASP A 631 42.07 -8.43 22.65
N VAL A 632 41.85 -9.72 22.42
CA VAL A 632 41.16 -10.59 23.39
C VAL A 632 41.99 -10.81 24.65
N SER A 633 43.31 -10.63 24.54
CA SER A 633 44.23 -10.72 25.67
C SER A 633 44.05 -9.55 26.64
N ILE A 634 43.63 -8.41 26.10
CA ILE A 634 43.38 -7.20 26.90
C ILE A 634 41.95 -7.22 27.48
N LEU A 635 41.12 -8.13 26.97
CA LEU A 635 39.77 -8.35 27.48
C LEU A 635 39.80 -9.40 28.59
N MET A 636 40.90 -10.14 28.67
CA MET A 636 41.11 -11.18 29.68
C MET A 636 41.81 -10.67 30.93
N ILE A 637 42.86 -9.86 30.74
CA ILE A 637 43.51 -9.16 31.87
C ILE A 637 42.54 -8.15 32.49
N ARG A 638 41.25 -8.38 32.23
CA ARG A 638 40.16 -7.50 32.66
C ARG A 638 39.05 -8.25 33.40
N LEU A 639 38.60 -9.37 32.83
CA LEU A 639 37.46 -10.13 33.35
C LEU A 639 37.89 -11.35 34.17
N HIS B 20 7.26 -40.89 -31.75
CA HIS B 20 6.56 -41.90 -30.97
C HIS B 20 6.23 -41.39 -29.58
N MET B 21 4.96 -41.55 -29.19
CA MET B 21 4.47 -40.99 -27.91
C MET B 21 4.00 -42.12 -26.98
N TYR B 22 3.10 -41.80 -26.04
CA TYR B 22 2.45 -42.81 -25.19
C TYR B 22 1.14 -43.34 -25.79
N ASP B 23 0.70 -44.52 -25.34
CA ASP B 23 -0.60 -45.09 -25.75
C ASP B 23 -1.73 -44.62 -24.85
N VAL B 24 -1.64 -45.00 -23.58
CA VAL B 24 -2.65 -44.65 -22.59
C VAL B 24 -1.98 -43.91 -21.47
N ILE B 25 -2.50 -42.73 -21.14
CA ILE B 25 -2.03 -42.06 -19.93
C ILE B 25 -3.14 -42.03 -18.90
N VAL B 26 -2.86 -42.57 -17.72
CA VAL B 26 -3.86 -42.74 -16.67
C VAL B 26 -3.62 -41.67 -15.64
N VAL B 27 -4.56 -40.75 -15.46
CA VAL B 27 -4.39 -39.72 -14.43
C VAL B 27 -5.02 -40.15 -13.11
N GLY B 28 -4.21 -40.05 -12.05
CA GLY B 28 -4.57 -40.46 -10.71
C GLY B 28 -4.20 -41.91 -10.42
N ALA B 29 -3.37 -42.12 -9.41
CA ALA B 29 -2.99 -43.49 -9.03
C ALA B 29 -3.69 -43.89 -7.74
N GLY B 30 -5.02 -43.76 -7.73
CA GLY B 30 -5.86 -44.38 -6.70
C GLY B 30 -6.29 -45.78 -7.11
N HIS B 31 -7.44 -46.22 -6.62
CA HIS B 31 -7.89 -47.57 -6.88
C HIS B 31 -8.29 -47.84 -8.31
N ALA B 32 -9.01 -46.91 -8.91
CA ALA B 32 -9.32 -47.00 -10.33
C ALA B 32 -8.04 -46.91 -11.14
N GLY B 33 -7.22 -45.89 -10.84
CA GLY B 33 -6.02 -45.58 -11.59
C GLY B 33 -5.05 -46.72 -11.70
N CYS B 34 -4.83 -47.42 -10.60
CA CYS B 34 -3.91 -48.57 -10.57
C CYS B 34 -4.39 -49.71 -11.47
N GLU B 35 -5.62 -50.17 -11.22
CA GLU B 35 -6.19 -51.27 -11.98
C GLU B 35 -6.19 -50.92 -13.45
N ALA B 36 -6.38 -49.62 -13.72
CA ALA B 36 -6.33 -49.09 -15.07
C ALA B 36 -4.94 -49.23 -15.63
N ALA B 37 -3.97 -48.57 -15.00
CA ALA B 37 -2.57 -48.60 -15.44
C ALA B 37 -2.03 -50.03 -15.52
N LEU B 38 -2.38 -50.87 -14.55
CA LEU B 38 -1.97 -52.27 -14.57
C LEU B 38 -2.58 -53.06 -15.72
N ALA B 39 -3.85 -52.81 -16.01
CA ALA B 39 -4.53 -53.46 -17.13
C ALA B 39 -3.95 -53.04 -18.47
N VAL B 40 -3.64 -51.75 -18.62
CA VAL B 40 -3.03 -51.24 -19.85
C VAL B 40 -1.66 -51.87 -20.09
N ALA B 41 -0.87 -51.94 -19.03
CA ALA B 41 0.49 -52.48 -19.09
C ALA B 41 0.50 -53.98 -19.35
N ARG B 42 -0.15 -54.74 -18.47
CA ARG B 42 -0.25 -56.19 -18.63
C ARG B 42 -0.89 -56.55 -19.98
N GLY B 43 -1.67 -55.63 -20.53
CA GLY B 43 -2.20 -55.75 -21.89
C GLY B 43 -1.22 -55.37 -22.98
N GLY B 44 0.05 -55.20 -22.60
CA GLY B 44 1.15 -54.98 -23.55
C GLY B 44 1.20 -53.65 -24.26
N LEU B 45 0.79 -52.57 -23.59
CA LEU B 45 0.88 -51.24 -24.16
C LEU B 45 1.64 -50.25 -23.26
N HIS B 46 2.32 -49.29 -23.89
CA HIS B 46 3.10 -48.29 -23.17
C HIS B 46 2.17 -47.35 -22.42
N CYS B 47 2.37 -47.25 -21.11
CA CYS B 47 1.43 -46.51 -20.27
C CYS B 47 2.10 -45.46 -19.38
N LEU B 48 1.44 -44.31 -19.21
CA LEU B 48 2.00 -43.28 -18.36
C LEU B 48 1.06 -42.89 -17.21
N LEU B 49 1.45 -43.27 -16.00
CA LEU B 49 0.69 -42.97 -14.80
C LEU B 49 1.11 -41.62 -14.24
N ILE B 50 0.22 -40.64 -14.32
CA ILE B 50 0.48 -39.30 -13.80
C ILE B 50 -0.30 -39.12 -12.51
N THR B 51 0.40 -38.80 -11.43
CA THR B 51 -0.26 -38.55 -10.17
C THR B 51 0.46 -37.51 -9.29
N SER B 52 -0.34 -36.72 -8.58
CA SER B 52 0.13 -35.62 -7.77
C SER B 52 1.05 -36.06 -6.64
N ASP B 53 0.93 -37.30 -6.19
CA ASP B 53 1.74 -37.74 -5.04
C ASP B 53 1.95 -39.24 -5.03
N LEU B 54 3.19 -39.65 -5.29
CA LEU B 54 3.56 -41.06 -5.29
C LEU B 54 3.62 -41.68 -3.89
N SER B 55 3.81 -40.85 -2.87
CA SER B 55 3.81 -41.34 -1.49
C SER B 55 2.44 -41.91 -1.17
N ALA B 56 1.47 -41.65 -2.05
CA ALA B 56 0.08 -41.89 -1.75
C ALA B 56 -0.65 -42.79 -2.74
N VAL B 57 0.06 -43.62 -3.52
CA VAL B 57 -0.69 -44.46 -4.46
C VAL B 57 -1.57 -45.44 -3.70
N ALA B 58 -2.76 -45.66 -4.24
CA ALA B 58 -3.77 -46.54 -3.67
C ALA B 58 -4.00 -46.37 -2.17
N ARG B 59 -3.80 -45.15 -1.67
CA ARG B 59 -4.06 -44.83 -0.26
C ARG B 59 -5.53 -45.13 0.10
N MET B 60 -5.77 -45.70 1.26
CA MET B 60 -7.14 -45.97 1.66
C MET B 60 -7.64 -44.82 2.53
N SER B 61 -8.24 -43.85 1.85
CA SER B 61 -8.67 -42.59 2.46
C SER B 61 -9.68 -42.82 3.57
N CYS B 62 -10.48 -43.85 3.43
CA CYS B 62 -11.54 -44.04 4.38
C CYS B 62 -11.42 -45.30 5.25
N ASN B 63 -12.23 -46.30 4.91
CA ASN B 63 -12.22 -47.59 5.57
C ASN B 63 -10.90 -48.31 5.49
N PRO B 64 -10.42 -48.86 6.61
CA PRO B 64 -9.23 -49.70 6.62
C PRO B 64 -9.58 -51.16 6.34
N ALA B 65 -10.41 -51.39 5.33
CA ALA B 65 -10.92 -52.72 5.03
C ALA B 65 -11.29 -52.87 3.57
N ILE B 66 -11.29 -54.10 3.09
CA ILE B 66 -11.76 -54.37 1.74
C ILE B 66 -12.78 -55.50 1.71
N GLY B 67 -13.88 -55.26 1.00
CA GLY B 67 -14.95 -56.25 0.90
C GLY B 67 -16.15 -55.87 1.72
N GLY B 68 -16.99 -56.85 1.97
CA GLY B 68 -18.28 -56.62 2.61
C GLY B 68 -19.40 -57.08 1.72
N VAL B 69 -20.62 -56.64 2.00
CA VAL B 69 -21.82 -57.18 1.34
C VAL B 69 -21.66 -57.35 -0.16
N ALA B 70 -21.70 -56.28 -0.94
CA ALA B 70 -21.54 -56.47 -2.38
C ALA B 70 -20.08 -56.38 -2.77
N LYS B 71 -19.31 -55.75 -1.88
CA LYS B 71 -17.93 -55.37 -2.15
C LYS B 71 -17.00 -56.56 -2.20
N GLY B 72 -17.30 -57.59 -1.40
CA GLY B 72 -16.54 -58.83 -1.42
C GLY B 72 -16.62 -59.54 -2.76
N GLN B 73 -17.83 -59.67 -3.29
CA GLN B 73 -18.06 -60.35 -4.56
C GLN B 73 -17.33 -59.63 -5.67
N ILE B 74 -17.46 -58.31 -5.66
CA ILE B 74 -16.86 -57.49 -6.70
C ILE B 74 -15.33 -57.50 -6.63
N THR B 75 -14.77 -57.77 -5.46
CA THR B 75 -13.32 -57.92 -5.30
C THR B 75 -12.83 -59.20 -5.95
N ARG B 76 -13.52 -60.30 -5.63
CA ARG B 76 -13.22 -61.61 -6.19
C ARG B 76 -13.35 -61.61 -7.71
N GLU B 77 -14.31 -60.85 -8.22
CA GLU B 77 -14.51 -60.70 -9.65
C GLU B 77 -13.39 -59.90 -10.31
N ILE B 78 -12.86 -58.92 -9.58
CA ILE B 78 -11.66 -58.22 -10.01
C ILE B 78 -10.50 -59.20 -10.08
N ASP B 79 -10.33 -60.03 -9.05
CA ASP B 79 -9.28 -61.05 -9.08
C ASP B 79 -9.46 -61.98 -10.27
N ALA B 80 -10.67 -62.50 -10.44
CA ALA B 80 -10.99 -63.44 -11.51
C ALA B 80 -10.60 -62.92 -12.88
N LEU B 81 -10.71 -61.60 -13.07
CA LEU B 81 -10.35 -60.97 -14.34
C LEU B 81 -8.87 -60.64 -14.47
N GLY B 82 -8.11 -60.77 -13.38
CA GLY B 82 -6.67 -60.54 -13.43
C GLY B 82 -6.27 -59.19 -12.87
N GLY B 83 -7.00 -58.73 -11.86
CA GLY B 83 -6.71 -57.46 -11.20
C GLY B 83 -5.93 -57.65 -9.91
N GLU B 84 -5.48 -56.54 -9.32
CA GLU B 84 -4.60 -56.65 -8.18
C GLU B 84 -5.29 -56.68 -6.85
N MET B 85 -6.43 -56.00 -6.75
CA MET B 85 -7.10 -55.75 -5.45
C MET B 85 -7.26 -57.03 -4.63
N GLY B 86 -7.59 -58.14 -5.29
CA GLY B 86 -7.72 -59.44 -4.63
C GLY B 86 -6.44 -59.88 -3.96
N LYS B 87 -5.37 -59.93 -4.76
CA LYS B 87 -4.04 -60.29 -4.27
C LYS B 87 -3.57 -59.35 -3.17
N ALA B 88 -3.81 -58.06 -3.36
CA ALA B 88 -3.37 -57.04 -2.41
C ALA B 88 -3.91 -57.26 -1.00
N ILE B 89 -5.17 -57.65 -0.88
CA ILE B 89 -5.75 -57.82 0.45
C ILE B 89 -5.36 -59.15 1.09
N ASP B 90 -5.04 -60.14 0.26
CA ASP B 90 -4.56 -61.40 0.79
C ASP B 90 -3.14 -61.19 1.30
N ALA B 91 -2.44 -60.28 0.65
CA ALA B 91 -1.05 -59.96 0.97
C ALA B 91 -0.97 -59.11 2.21
N THR B 92 -2.03 -58.35 2.47
CA THR B 92 -1.99 -57.27 3.44
C THR B 92 -3.08 -57.32 4.51
N GLY B 93 -3.86 -58.39 4.53
CA GLY B 93 -4.95 -58.51 5.48
C GLY B 93 -4.48 -58.55 6.91
N ILE B 94 -5.35 -58.10 7.81
CA ILE B 94 -5.07 -58.05 9.24
C ILE B 94 -6.04 -58.96 10.01
N GLN B 95 -7.32 -58.95 9.62
CA GLN B 95 -8.29 -59.93 10.08
C GLN B 95 -9.24 -60.28 8.95
N PHE B 96 -9.38 -61.57 8.67
CA PHE B 96 -10.31 -62.01 7.64
C PHE B 96 -11.60 -62.49 8.27
N ARG B 97 -12.71 -62.06 7.70
CA ARG B 97 -14.03 -62.43 8.22
C ARG B 97 -15.07 -62.48 7.12
N MET B 98 -15.71 -63.63 6.99
CA MET B 98 -16.79 -63.86 6.05
C MET B 98 -18.10 -63.39 6.69
N LEU B 99 -18.83 -62.55 5.98
CA LEU B 99 -20.11 -62.01 6.45
C LEU B 99 -21.26 -62.88 5.96
N ASN B 100 -22.32 -62.94 6.77
CA ASN B 100 -23.51 -63.74 6.46
C ASN B 100 -23.18 -65.22 6.39
N ARG B 101 -22.78 -65.76 7.53
CA ARG B 101 -22.35 -67.15 7.58
C ARG B 101 -23.56 -68.11 7.60
N SER B 102 -24.58 -67.75 8.37
CA SER B 102 -25.77 -68.58 8.53
C SER B 102 -26.65 -68.57 7.29
N LYS B 103 -26.49 -67.53 6.47
CA LYS B 103 -27.26 -67.38 5.23
C LYS B 103 -26.63 -68.25 4.13
N GLY B 104 -27.18 -68.19 2.93
CA GLY B 104 -26.73 -69.08 1.86
C GLY B 104 -25.51 -68.61 1.09
N PRO B 105 -24.96 -69.48 0.22
CA PRO B 105 -23.88 -69.20 -0.73
C PRO B 105 -23.99 -67.88 -1.47
N ALA B 106 -25.21 -67.42 -1.72
CA ALA B 106 -25.44 -66.16 -2.41
C ALA B 106 -25.23 -64.98 -1.46
N MET B 107 -25.38 -65.24 -0.17
CA MET B 107 -25.26 -64.23 0.87
C MET B 107 -23.85 -64.12 1.48
N HIS B 108 -23.08 -65.20 1.39
CA HIS B 108 -21.70 -65.26 1.90
C HIS B 108 -20.87 -64.16 1.28
N SER B 109 -20.35 -63.27 2.11
CA SER B 109 -19.62 -62.10 1.61
C SER B 109 -18.28 -61.91 2.29
N PRO B 110 -17.18 -62.08 1.52
CA PRO B 110 -15.83 -62.01 2.06
C PRO B 110 -15.41 -60.56 2.36
N ARG B 111 -14.71 -60.38 3.49
CA ARG B 111 -14.30 -59.06 3.96
C ARG B 111 -13.10 -59.20 4.90
N ALA B 112 -12.09 -58.35 4.70
CA ALA B 112 -10.91 -58.34 5.55
C ALA B 112 -10.48 -56.92 5.92
N GLN B 113 -9.88 -56.75 7.09
CA GLN B 113 -9.24 -55.50 7.47
C GLN B 113 -7.91 -55.40 6.77
N ALA B 114 -7.55 -54.21 6.28
CA ALA B 114 -6.27 -54.01 5.63
C ALA B 114 -5.33 -53.23 6.53
N ASP B 115 -4.03 -53.43 6.37
CA ASP B 115 -3.07 -52.52 6.97
C ASP B 115 -2.96 -51.38 5.97
N LYS B 116 -3.61 -50.26 6.28
CA LYS B 116 -3.80 -49.18 5.31
C LYS B 116 -2.50 -48.88 4.63
N THR B 117 -1.48 -48.67 5.44
CA THR B 117 -0.22 -48.21 4.92
C THR B 117 0.48 -49.30 4.13
N GLN B 118 0.31 -50.54 4.58
CA GLN B 118 0.96 -51.68 3.98
C GLN B 118 0.29 -52.07 2.66
N TYR B 119 -1.02 -51.81 2.59
CA TYR B 119 -1.81 -52.04 1.40
C TYR B 119 -1.30 -51.11 0.33
N SER B 120 -1.22 -49.83 0.66
CA SER B 120 -0.76 -48.83 -0.28
C SER B 120 0.63 -49.14 -0.82
N LEU B 121 1.51 -49.62 0.07
CA LEU B 121 2.88 -49.93 -0.29
C LEU B 121 2.92 -51.07 -1.28
N TYR B 122 2.09 -52.08 -1.05
CA TYR B 122 2.00 -53.25 -1.92
C TYR B 122 1.61 -52.81 -3.31
N MET B 123 0.55 -51.99 -3.40
CA MET B 123 0.02 -51.54 -4.67
C MET B 123 1.01 -50.73 -5.49
N ARG B 124 1.87 -49.98 -4.82
CA ARG B 124 2.91 -49.21 -5.52
C ARG B 124 3.94 -50.15 -6.08
N ARG B 125 4.32 -51.11 -5.24
CA ARG B 125 5.35 -52.07 -5.53
C ARG B 125 4.99 -52.79 -6.80
N ILE B 126 3.72 -53.17 -6.95
CA ILE B 126 3.27 -53.90 -8.15
C ILE B 126 3.31 -53.03 -9.40
N VAL B 127 2.79 -51.81 -9.30
CA VAL B 127 2.81 -50.86 -10.38
C VAL B 127 4.25 -50.55 -10.82
N GLU B 128 5.18 -50.49 -9.88
CA GLU B 128 6.56 -50.16 -10.21
C GLU B 128 7.33 -51.33 -10.80
N HIS B 129 6.81 -52.55 -10.67
CA HIS B 129 7.49 -53.72 -11.21
C HIS B 129 6.94 -54.16 -12.55
N GLU B 130 6.04 -53.34 -13.08
CA GLU B 130 5.48 -53.55 -14.40
C GLU B 130 6.19 -52.65 -15.41
N PRO B 131 7.00 -53.25 -16.31
CA PRO B 131 7.90 -52.54 -17.23
C PRO B 131 7.22 -51.53 -18.14
N ASN B 132 5.98 -51.82 -18.54
CA ASN B 132 5.27 -50.95 -19.48
C ASN B 132 4.82 -49.59 -18.93
N ILE B 133 4.65 -49.51 -17.61
CA ILE B 133 4.27 -48.28 -16.93
C ILE B 133 5.46 -47.36 -16.63
N ASP B 134 5.49 -46.19 -17.26
CA ASP B 134 6.39 -45.11 -16.84
C ASP B 134 5.58 -44.30 -15.82
N LEU B 135 6.26 -43.63 -14.90
CA LEU B 135 5.61 -42.84 -13.85
C LEU B 135 5.94 -41.36 -13.99
N LEU B 136 4.98 -40.50 -13.65
CA LEU B 136 5.28 -39.09 -13.52
C LEU B 136 4.49 -38.48 -12.37
N GLN B 137 5.18 -37.71 -11.53
CA GLN B 137 4.55 -36.93 -10.48
C GLN B 137 4.29 -35.50 -10.92
N ASP B 138 3.06 -35.23 -11.34
CA ASP B 138 2.59 -33.90 -11.70
C ASP B 138 1.07 -33.90 -11.55
N THR B 139 0.44 -32.73 -11.69
CA THR B 139 -1.01 -32.65 -11.64
C THR B 139 -1.52 -32.22 -13.00
N VAL B 140 -2.59 -32.87 -13.46
CA VAL B 140 -3.19 -32.55 -14.74
C VAL B 140 -4.22 -31.44 -14.54
N ILE B 141 -4.04 -30.33 -15.25
CA ILE B 141 -4.93 -29.16 -15.16
C ILE B 141 -5.76 -28.95 -16.43
N GLY B 142 -5.70 -29.90 -17.35
CA GLY B 142 -6.44 -29.78 -18.59
C GLY B 142 -6.24 -30.95 -19.52
N VAL B 143 -7.28 -31.26 -20.27
CA VAL B 143 -7.19 -32.23 -21.36
C VAL B 143 -7.58 -31.59 -22.69
N SER B 144 -6.69 -31.70 -23.68
CA SER B 144 -6.89 -31.09 -24.98
C SER B 144 -7.44 -32.13 -25.95
N ALA B 145 -8.28 -31.70 -26.89
CA ALA B 145 -8.92 -32.62 -27.85
C ALA B 145 -9.21 -31.97 -29.21
N ASN B 146 -8.92 -32.69 -30.29
CA ASN B 146 -9.14 -32.18 -31.65
C ASN B 146 -10.32 -32.82 -32.36
N SER B 147 -11.30 -32.00 -32.70
CA SER B 147 -12.54 -32.46 -33.37
C SER B 147 -13.21 -33.66 -32.69
N GLY B 148 -13.34 -33.59 -31.36
CA GLY B 148 -14.09 -34.57 -30.60
C GLY B 148 -13.40 -35.89 -30.29
N LYS B 149 -12.10 -35.95 -30.53
CA LYS B 149 -11.30 -37.13 -30.16
C LYS B 149 -10.05 -36.71 -29.37
N PHE B 150 -9.72 -37.49 -28.34
CA PHE B 150 -8.62 -37.19 -27.42
C PHE B 150 -7.28 -37.03 -28.13
N SER B 151 -6.50 -36.05 -27.68
CA SER B 151 -5.17 -35.80 -28.22
C SER B 151 -4.09 -35.72 -27.16
N SER B 152 -4.25 -34.82 -26.19
CA SER B 152 -3.22 -34.60 -25.17
C SER B 152 -3.77 -34.13 -23.82
N VAL B 153 -2.84 -33.91 -22.89
CA VAL B 153 -3.17 -33.59 -21.51
C VAL B 153 -2.20 -32.54 -20.98
N THR B 154 -2.75 -31.50 -20.37
CA THR B 154 -1.93 -30.39 -19.88
C THR B 154 -1.63 -30.52 -18.40
N VAL B 155 -0.34 -30.57 -18.09
CA VAL B 155 0.13 -30.62 -16.71
C VAL B 155 0.36 -29.20 -16.19
N ARG B 156 0.57 -29.08 -14.88
CA ARG B 156 0.67 -27.77 -14.23
C ARG B 156 1.64 -26.80 -14.90
N SER B 157 2.79 -27.32 -15.31
CA SER B 157 3.82 -26.55 -16.01
C SER B 157 3.30 -25.94 -17.32
N GLY B 158 2.24 -26.53 -17.86
CA GLY B 158 1.68 -26.08 -19.12
C GLY B 158 2.20 -26.87 -20.31
N ARG B 159 2.90 -27.96 -20.03
CA ARG B 159 3.26 -28.92 -21.07
C ARG B 159 2.01 -29.65 -21.53
N ALA B 160 2.03 -30.07 -22.78
CA ALA B 160 1.03 -30.99 -23.28
C ALA B 160 1.71 -32.35 -23.41
N ILE B 161 1.08 -33.40 -22.88
CA ILE B 161 1.62 -34.74 -23.01
C ILE B 161 0.70 -35.57 -23.90
N GLN B 162 1.24 -36.03 -25.03
CA GLN B 162 0.46 -36.62 -26.09
C GLN B 162 0.26 -38.12 -25.90
N ALA B 163 -0.96 -38.57 -26.17
CA ALA B 163 -1.34 -39.97 -25.98
C ALA B 163 -2.49 -40.38 -26.89
N LYS B 164 -2.61 -41.68 -27.13
CA LYS B 164 -3.66 -42.22 -27.99
C LYS B 164 -5.01 -42.33 -27.27
N ALA B 165 -4.98 -42.53 -25.96
CA ALA B 165 -6.19 -42.70 -25.15
C ALA B 165 -5.91 -42.46 -23.67
N ALA B 166 -6.84 -41.81 -22.96
CA ALA B 166 -6.60 -41.42 -21.56
C ALA B 166 -7.72 -41.79 -20.57
N ILE B 167 -7.32 -42.39 -19.45
CA ILE B 167 -8.24 -42.74 -18.37
C ILE B 167 -8.13 -41.70 -17.27
N LEU B 168 -9.25 -41.11 -16.89
CA LEU B 168 -9.27 -40.16 -15.79
C LEU B 168 -9.81 -40.82 -14.53
N ALA B 169 -8.99 -40.81 -13.48
CA ALA B 169 -9.37 -41.47 -12.24
C ALA B 169 -8.96 -40.58 -11.08
N CYS B 170 -9.75 -39.53 -10.85
CA CYS B 170 -9.33 -38.42 -9.99
C CYS B 170 -9.87 -38.46 -8.58
N GLY B 171 -10.73 -39.43 -8.32
CA GLY B 171 -11.32 -39.57 -7.00
C GLY B 171 -11.99 -38.30 -6.54
N THR B 172 -11.72 -37.90 -5.28
CA THR B 172 -12.40 -36.75 -4.69
C THR B 172 -11.60 -35.46 -4.80
N PHE B 173 -10.60 -35.43 -5.67
CA PHE B 173 -9.67 -34.29 -5.73
C PHE B 173 -10.09 -33.06 -6.55
N LEU B 174 -11.05 -33.23 -7.45
CA LEU B 174 -11.44 -32.16 -8.36
C LEU B 174 -12.22 -31.08 -7.62
N ASN B 175 -11.55 -29.95 -7.38
CA ASN B 175 -12.07 -28.85 -6.56
C ASN B 175 -12.63 -29.34 -5.22
N GLY B 176 -11.81 -30.09 -4.48
CA GLY B 176 -12.24 -30.68 -3.23
C GLY B 176 -12.40 -29.64 -2.14
N LEU B 177 -13.30 -29.92 -1.20
CA LEU B 177 -13.54 -29.03 -0.08
C LEU B 177 -13.84 -29.85 1.18
N ILE B 178 -13.11 -29.58 2.26
CA ILE B 178 -13.26 -30.33 3.50
C ILE B 178 -14.25 -29.61 4.41
N HIS B 179 -15.23 -30.32 4.92
CA HIS B 179 -16.27 -29.73 5.77
C HIS B 179 -16.25 -30.30 7.18
N ILE B 180 -15.82 -29.50 8.14
CA ILE B 180 -15.99 -29.84 9.56
C ILE B 180 -16.92 -28.79 10.14
N GLY B 181 -18.18 -29.17 10.31
CA GLY B 181 -19.20 -28.27 10.81
C GLY B 181 -19.45 -27.10 9.88
N MET B 182 -19.09 -25.91 10.35
CA MET B 182 -19.40 -24.67 9.67
C MET B 182 -18.25 -24.08 8.85
N ASP B 183 -17.02 -24.41 9.22
CA ASP B 183 -15.85 -23.97 8.45
C ASP B 183 -15.38 -25.03 7.45
N HIS B 184 -14.76 -24.57 6.37
CA HIS B 184 -14.36 -25.43 5.26
C HIS B 184 -13.02 -24.99 4.69
N PHE B 185 -12.16 -25.98 4.46
CA PHE B 185 -10.82 -25.73 3.98
C PHE B 185 -10.65 -26.39 2.62
N PRO B 186 -9.74 -25.86 1.78
CA PRO B 186 -9.33 -26.57 0.58
C PRO B 186 -8.66 -27.90 0.96
N GLY B 187 -8.74 -28.87 0.06
CA GLY B 187 -8.20 -30.19 0.33
C GLY B 187 -8.93 -31.21 -0.51
N GLY B 188 -8.18 -32.11 -1.13
CA GLY B 188 -8.79 -33.08 -2.03
C GLY B 188 -9.24 -34.39 -1.40
N ARG B 189 -8.41 -34.95 -0.52
CA ARG B 189 -8.75 -36.19 0.15
C ARG B 189 -8.88 -35.90 1.62
N SER B 190 -7.78 -35.46 2.21
CA SER B 190 -7.83 -34.86 3.50
C SER B 190 -7.35 -33.44 3.34
N THR B 191 -7.47 -32.68 4.43
CA THR B 191 -6.86 -31.36 4.55
C THR B 191 -5.37 -31.40 4.11
N ALA B 192 -4.74 -32.56 4.30
CA ALA B 192 -3.33 -32.79 4.00
C ALA B 192 -2.99 -32.80 2.50
N GLU B 193 -4.02 -32.76 1.65
CA GLU B 193 -3.83 -32.78 0.20
C GLU B 193 -4.35 -31.53 -0.48
N PRO B 194 -3.59 -30.96 -1.42
CA PRO B 194 -4.10 -29.85 -2.23
C PRO B 194 -5.14 -30.36 -3.24
N PRO B 195 -6.25 -29.63 -3.44
CA PRO B 195 -7.22 -30.01 -4.46
C PRO B 195 -6.76 -29.64 -5.86
N VAL B 196 -7.25 -30.34 -6.87
CA VAL B 196 -6.96 -30.01 -8.28
C VAL B 196 -7.94 -28.95 -8.76
N GLU B 197 -7.44 -27.95 -9.49
CA GLU B 197 -8.28 -26.81 -9.85
C GLU B 197 -8.51 -26.55 -11.33
N GLY B 198 -7.48 -26.75 -12.16
CA GLY B 198 -7.62 -26.48 -13.59
C GLY B 198 -8.65 -27.35 -14.32
N LEU B 199 -8.53 -28.66 -14.13
CA LEU B 199 -9.14 -29.68 -14.98
C LEU B 199 -10.66 -29.65 -15.19
N THR B 200 -11.39 -29.35 -14.13
CA THR B 200 -12.87 -29.43 -14.16
C THR B 200 -13.46 -28.39 -15.14
N GLU B 201 -12.87 -27.20 -15.18
CA GLU B 201 -13.29 -26.12 -16.08
C GLU B 201 -12.89 -26.46 -17.52
N SER B 202 -11.74 -27.11 -17.66
CA SER B 202 -11.24 -27.55 -18.96
C SER B 202 -12.12 -28.64 -19.58
N LEU B 203 -12.68 -29.49 -18.74
CA LEU B 203 -13.56 -30.56 -19.21
C LEU B 203 -14.95 -30.04 -19.54
N ALA B 204 -15.45 -29.13 -18.71
CA ALA B 204 -16.71 -28.47 -18.98
C ALA B 204 -16.60 -27.72 -20.30
N SER B 205 -15.42 -27.16 -20.55
CA SER B 205 -15.08 -26.50 -21.82
C SER B 205 -15.23 -27.43 -23.04
N LEU B 206 -15.00 -28.72 -22.84
CA LEU B 206 -15.14 -29.72 -23.92
C LEU B 206 -16.56 -30.32 -23.98
N GLY B 207 -17.49 -29.67 -23.28
CA GLY B 207 -18.90 -30.06 -23.33
C GLY B 207 -19.27 -31.11 -22.31
N PHE B 208 -18.78 -30.95 -21.09
CA PHE B 208 -19.11 -31.87 -20.00
C PHE B 208 -19.88 -31.14 -18.90
N SER B 209 -21.03 -31.71 -18.53
CA SER B 209 -21.76 -31.25 -17.37
C SER B 209 -21.18 -31.93 -16.14
N PHE B 210 -21.25 -31.24 -15.00
CA PHE B 210 -20.72 -31.76 -13.74
C PHE B 210 -21.51 -31.24 -12.55
N GLY B 211 -21.60 -32.06 -11.50
CA GLY B 211 -22.26 -31.68 -10.28
C GLY B 211 -21.30 -31.71 -9.11
N ARG B 212 -21.85 -31.76 -7.91
CA ARG B 212 -21.04 -31.86 -6.70
C ARG B 212 -21.62 -32.88 -5.74
N LEU B 213 -20.75 -33.73 -5.21
CA LEU B 213 -21.15 -34.70 -4.19
C LEU B 213 -20.41 -34.49 -2.87
N LYS B 214 -21.03 -34.93 -1.79
CA LYS B 214 -20.42 -34.91 -0.46
C LYS B 214 -20.38 -36.35 0.08
N THR B 215 -19.24 -36.75 0.62
CA THR B 215 -19.14 -38.02 1.32
C THR B 215 -18.36 -37.86 2.62
N GLY B 216 -18.72 -38.62 3.65
CA GLY B 216 -18.10 -38.48 4.97
C GLY B 216 -17.15 -39.58 5.42
N THR B 217 -16.24 -39.22 6.31
CA THR B 217 -15.36 -40.20 6.93
C THR B 217 -15.42 -40.03 8.45
N PRO B 218 -15.35 -41.13 9.20
CA PRO B 218 -15.39 -41.02 10.65
C PRO B 218 -14.04 -40.62 11.24
N PRO B 219 -14.04 -40.12 12.48
CA PRO B 219 -12.82 -39.69 13.14
C PRO B 219 -11.92 -40.86 13.50
N ARG B 220 -10.63 -40.61 13.69
CA ARG B 220 -9.70 -41.64 14.16
C ARG B 220 -9.28 -41.37 15.59
N ILE B 221 -9.11 -42.44 16.37
CA ILE B 221 -8.82 -42.32 17.79
C ILE B 221 -7.58 -43.13 18.15
N ASP B 222 -6.95 -42.76 19.26
CA ASP B 222 -5.77 -43.45 19.76
C ASP B 222 -6.23 -44.74 20.44
N SER B 223 -5.70 -45.89 20.00
CA SER B 223 -6.10 -47.21 20.51
C SER B 223 -5.96 -47.27 22.00
N ARG B 224 -4.84 -46.75 22.47
CA ARG B 224 -4.50 -46.81 23.89
C ARG B 224 -5.51 -46.09 24.80
N SER B 225 -6.32 -45.21 24.22
CA SER B 225 -7.32 -44.45 24.98
C SER B 225 -8.66 -45.18 25.08
N VAL B 226 -8.69 -46.42 24.62
CA VAL B 226 -9.89 -47.25 24.62
C VAL B 226 -9.93 -48.14 25.86
N ASP B 227 -11.13 -48.33 26.38
CA ASP B 227 -11.33 -49.15 27.57
C ASP B 227 -11.64 -50.60 27.16
N TYR B 228 -10.59 -51.43 27.13
CA TYR B 228 -10.72 -52.81 26.69
C TYR B 228 -11.35 -53.74 27.73
N THR B 229 -12.02 -53.13 28.72
CA THR B 229 -12.81 -53.88 29.72
C THR B 229 -14.26 -53.97 29.27
N ILE B 230 -14.73 -52.93 28.61
CA ILE B 230 -16.12 -52.83 28.21
C ILE B 230 -16.33 -53.30 26.77
N VAL B 231 -15.49 -52.80 25.87
CA VAL B 231 -15.59 -53.11 24.45
C VAL B 231 -15.41 -54.62 24.21
N THR B 232 -16.30 -55.22 23.42
CA THR B 232 -16.21 -56.65 23.09
C THR B 232 -15.36 -56.92 21.84
N GLU B 233 -14.38 -57.82 21.99
CA GLU B 233 -13.42 -58.17 20.96
C GLU B 233 -14.00 -59.10 19.93
N GLN B 234 -13.70 -58.84 18.65
CA GLN B 234 -14.20 -59.64 17.54
C GLN B 234 -13.05 -60.16 16.64
N PRO B 235 -12.54 -61.37 16.94
CA PRO B 235 -11.42 -61.97 16.21
C PRO B 235 -11.82 -62.41 14.81
N GLY B 236 -10.85 -62.50 13.91
CA GLY B 236 -11.07 -63.05 12.57
C GLY B 236 -11.40 -64.54 12.69
N ASP B 237 -12.22 -65.04 11.77
CA ASP B 237 -12.71 -66.41 11.94
C ASP B 237 -11.66 -67.49 11.64
N VAL B 238 -11.66 -68.52 12.48
CA VAL B 238 -10.83 -69.70 12.30
C VAL B 238 -11.09 -70.24 10.90
N ASP B 239 -10.02 -70.42 10.13
CA ASP B 239 -10.11 -70.93 8.76
C ASP B 239 -10.76 -69.90 7.82
N PRO B 240 -10.07 -68.79 7.54
CA PRO B 240 -10.58 -67.68 6.76
C PRO B 240 -10.53 -67.95 5.25
N VAL B 241 -11.17 -67.08 4.46
CA VAL B 241 -11.29 -67.28 3.01
C VAL B 241 -10.50 -66.25 2.21
N PRO B 242 -9.58 -66.73 1.36
CA PRO B 242 -8.78 -65.87 0.50
C PRO B 242 -9.62 -65.24 -0.58
N PHE B 243 -9.34 -63.98 -0.86
CA PHE B 243 -10.01 -63.26 -1.93
C PHE B 243 -9.50 -63.78 -3.26
N SER B 244 -8.19 -63.88 -3.38
CA SER B 244 -7.59 -64.28 -4.64
C SER B 244 -7.69 -65.78 -4.82
N PHE B 245 -8.02 -66.18 -6.05
CA PHE B 245 -8.06 -67.59 -6.40
C PHE B 245 -6.65 -68.15 -6.54
N SER B 246 -5.68 -67.25 -6.64
CA SER B 246 -4.27 -67.61 -6.74
C SER B 246 -3.64 -67.84 -5.38
N SER B 247 -4.16 -67.17 -4.35
CA SER B 247 -3.68 -67.36 -2.98
C SER B 247 -4.02 -68.75 -2.50
N THR B 248 -3.27 -69.24 -1.52
CA THR B 248 -3.46 -70.61 -1.03
C THR B 248 -3.95 -70.65 0.44
N SER B 249 -3.41 -69.75 1.25
CA SER B 249 -3.84 -69.58 2.64
C SER B 249 -3.85 -68.11 3.01
N VAL B 250 -4.63 -67.79 4.02
CA VAL B 250 -4.60 -66.48 4.64
C VAL B 250 -4.71 -66.74 6.14
N ALA B 251 -4.42 -67.97 6.53
CA ALA B 251 -4.55 -68.42 7.90
C ALA B 251 -3.71 -67.56 8.85
N ASN B 252 -2.45 -67.35 8.47
CA ASN B 252 -1.54 -66.55 9.29
C ASN B 252 -1.88 -65.07 9.29
N ARG B 253 -2.71 -64.62 8.36
CA ARG B 253 -3.05 -63.19 8.23
C ARG B 253 -4.13 -62.73 9.19
N ASN B 254 -4.37 -63.49 10.27
CA ASN B 254 -5.26 -63.04 11.33
C ASN B 254 -4.45 -62.39 12.43
N LEU B 255 -4.06 -61.14 12.21
CA LEU B 255 -3.09 -60.48 13.08
C LEU B 255 -3.66 -59.50 14.10
N VAL B 256 -4.71 -58.78 13.74
CA VAL B 256 -5.42 -57.95 14.71
C VAL B 256 -6.90 -58.30 14.71
N SER B 257 -7.57 -58.04 15.83
CA SER B 257 -9.02 -58.14 15.85
C SER B 257 -9.66 -56.78 16.05
N CYS B 258 -10.95 -56.70 15.69
CA CYS B 258 -11.74 -55.47 15.79
C CYS B 258 -12.54 -55.45 17.08
N TYR B 259 -13.23 -54.35 17.34
CA TYR B 259 -13.84 -54.12 18.66
C TYR B 259 -15.22 -53.51 18.56
N LEU B 260 -16.22 -54.25 19.05
CA LEU B 260 -17.60 -53.84 18.89
C LEU B 260 -18.12 -53.01 20.06
N THR B 261 -18.90 -51.97 19.73
CA THR B 261 -19.72 -51.22 20.71
C THR B 261 -20.96 -50.65 20.03
N LYS B 262 -21.86 -50.13 20.86
CA LYS B 262 -23.10 -49.53 20.44
C LYS B 262 -23.20 -48.14 21.06
N THR B 263 -24.07 -47.29 20.50
CA THR B 263 -24.27 -45.94 21.03
C THR B 263 -25.47 -45.88 21.99
N THR B 264 -25.46 -44.84 22.85
CA THR B 264 -26.51 -44.61 23.85
C THR B 264 -27.49 -43.54 23.38
N GLU B 265 -28.72 -43.61 23.90
CA GLU B 265 -29.69 -42.51 23.79
C GLU B 265 -29.02 -41.15 24.08
N LYS B 266 -28.07 -41.19 25.02
CA LYS B 266 -27.33 -40.01 25.46
C LYS B 266 -26.35 -39.51 24.39
N THR B 267 -25.82 -40.43 23.58
CA THR B 267 -24.95 -40.07 22.46
C THR B 267 -25.74 -39.24 21.45
N HIS B 268 -26.95 -39.70 21.16
CA HIS B 268 -27.83 -39.07 20.18
C HIS B 268 -28.25 -37.64 20.56
N ASP B 269 -28.47 -37.40 21.85
CA ASP B 269 -28.78 -36.05 22.34
C ASP B 269 -27.65 -35.08 22.03
N ILE B 270 -26.43 -35.50 22.35
CA ILE B 270 -25.24 -34.67 22.14
C ILE B 270 -25.08 -34.29 20.66
N LEU B 271 -25.38 -35.23 19.77
CA LEU B 271 -25.21 -35.03 18.33
C LEU B 271 -26.29 -34.16 17.66
N ARG B 272 -27.50 -34.15 18.21
CA ARG B 272 -28.61 -33.34 17.68
C ARG B 272 -28.27 -31.84 17.68
N THR B 273 -27.43 -31.43 18.63
CA THR B 273 -26.89 -30.07 18.72
C THR B 273 -26.39 -29.52 17.37
N GLY B 274 -25.56 -30.29 16.68
CA GLY B 274 -24.89 -29.77 15.50
C GLY B 274 -25.54 -30.04 14.15
N PHE B 275 -26.74 -30.61 14.16
CA PHE B 275 -27.42 -31.03 12.91
C PHE B 275 -27.46 -29.95 11.83
N ASP B 276 -27.91 -28.74 12.21
CA ASP B 276 -28.07 -27.62 11.28
C ASP B 276 -26.77 -26.99 10.79
N ARG B 277 -25.64 -27.42 11.35
CA ARG B 277 -24.31 -26.99 10.89
C ARG B 277 -23.71 -27.98 9.91
N SER B 278 -23.88 -29.26 10.19
CA SER B 278 -23.24 -30.32 9.40
C SER B 278 -23.80 -30.40 7.97
N PRO B 279 -22.92 -30.20 6.97
CA PRO B 279 -23.37 -30.19 5.57
C PRO B 279 -23.51 -31.60 4.98
N LEU B 280 -23.78 -32.59 5.83
CA LEU B 280 -24.20 -33.93 5.36
C LEU B 280 -25.63 -34.26 5.80
N PHE B 281 -26.10 -33.57 6.83
CA PHE B 281 -27.47 -33.72 7.31
C PHE B 281 -28.43 -33.46 6.15
N THR B 282 -29.29 -34.46 5.88
CA THR B 282 -30.15 -34.45 4.68
C THR B 282 -31.66 -34.62 4.95
N GLY B 283 -32.46 -33.72 4.37
CA GLY B 283 -33.91 -33.77 4.46
C GLY B 283 -34.44 -33.39 5.83
N CYS B 293 -26.64 -44.78 3.25
CA CYS B 293 -26.73 -43.34 3.53
C CYS B 293 -25.59 -42.81 4.45
N PRO B 294 -25.09 -41.58 4.17
CA PRO B 294 -23.73 -41.20 4.55
C PRO B 294 -23.66 -40.27 5.76
N SER B 295 -23.96 -40.79 6.96
CA SER B 295 -23.87 -39.98 8.17
C SER B 295 -24.25 -40.77 9.40
N ILE B 296 -23.84 -40.25 10.55
CA ILE B 296 -24.40 -40.69 11.80
C ILE B 296 -25.51 -39.72 12.14
N GLU B 297 -25.38 -38.49 11.62
CA GLU B 297 -26.40 -37.46 11.75
C GLU B 297 -27.67 -37.91 11.04
N ASP B 298 -27.51 -38.28 9.77
CA ASP B 298 -28.58 -38.78 8.93
C ASP B 298 -29.25 -40.01 9.55
N LYS B 299 -28.42 -40.94 10.04
CA LYS B 299 -28.90 -42.17 10.66
C LYS B 299 -29.87 -41.90 11.83
N ILE B 300 -29.45 -41.07 12.80
CA ILE B 300 -30.28 -40.74 13.97
C ILE B 300 -31.51 -39.94 13.57
N SER B 301 -31.37 -39.15 12.50
CA SER B 301 -32.47 -38.34 11.97
C SER B 301 -33.56 -39.22 11.34
N ARG B 302 -33.16 -40.08 10.40
CA ARG B 302 -34.11 -40.97 9.71
C ARG B 302 -34.63 -42.10 10.60
N PHE B 303 -33.89 -42.45 11.65
CA PHE B 303 -34.30 -43.51 12.59
C PHE B 303 -34.22 -43.09 14.07
N PRO B 304 -35.11 -42.19 14.51
CA PRO B 304 -35.07 -41.78 15.91
C PRO B 304 -35.74 -42.78 16.86
N ASP B 305 -36.30 -43.86 16.30
CA ASP B 305 -36.96 -44.91 17.10
C ASP B 305 -36.00 -45.92 17.70
N LYS B 306 -34.93 -46.24 16.97
CA LYS B 306 -33.85 -47.08 17.50
C LYS B 306 -33.04 -46.30 18.52
N SER B 307 -32.98 -46.83 19.74
CA SER B 307 -32.31 -46.16 20.84
C SER B 307 -30.82 -46.54 20.91
N SER B 308 -30.33 -47.16 19.84
CA SER B 308 -28.95 -47.65 19.74
C SER B 308 -28.50 -47.82 18.28
N HIS B 309 -27.20 -47.61 18.04
CA HIS B 309 -26.57 -47.84 16.74
C HIS B 309 -25.20 -48.48 16.89
N HIS B 310 -24.84 -49.37 15.96
CA HIS B 310 -23.57 -50.10 16.03
C HIS B 310 -22.39 -49.26 15.64
N ILE B 311 -21.29 -49.41 16.39
CA ILE B 311 -19.99 -48.86 15.95
C ILE B 311 -18.86 -49.90 16.06
N PHE B 312 -18.02 -49.96 15.04
CA PHE B 312 -16.92 -50.92 14.99
C PHE B 312 -15.60 -50.19 15.09
N LEU B 313 -14.81 -50.51 16.10
CA LEU B 313 -13.50 -49.92 16.24
C LEU B 313 -12.49 -50.81 15.53
N GLU B 314 -11.82 -50.26 14.53
CA GLU B 314 -10.91 -51.03 13.68
C GLU B 314 -9.51 -50.45 13.65
N PRO B 315 -8.51 -51.22 14.14
CA PRO B 315 -7.13 -50.82 14.02
C PRO B 315 -6.78 -50.64 12.56
N GLU B 316 -5.95 -49.64 12.26
CA GLU B 316 -5.60 -49.34 10.90
C GLU B 316 -4.32 -50.04 10.46
N GLY B 317 -3.67 -50.70 11.42
CA GLY B 317 -2.43 -51.40 11.14
C GLY B 317 -2.08 -52.37 12.25
N THR B 318 -1.09 -53.22 12.01
CA THR B 318 -0.69 -54.19 13.00
C THR B 318 0.03 -53.51 14.15
N ASP B 319 0.76 -52.46 13.86
CA ASP B 319 1.37 -51.65 14.93
C ASP B 319 1.35 -50.15 14.66
N THR B 320 0.16 -49.64 14.40
CA THR B 320 -0.13 -48.23 14.49
C THR B 320 -1.03 -48.06 15.69
N VAL B 321 -1.12 -46.84 16.20
CA VAL B 321 -1.99 -46.58 17.32
C VAL B 321 -3.30 -45.97 16.80
N GLU B 322 -3.34 -45.69 15.50
CA GLU B 322 -4.47 -45.02 14.87
C GLU B 322 -5.61 -45.99 14.67
N MET B 323 -6.81 -45.59 15.08
CA MET B 323 -7.99 -46.48 15.04
C MET B 323 -9.22 -45.84 14.40
N TYR B 324 -9.83 -46.56 13.46
CA TYR B 324 -10.97 -46.11 12.67
C TYR B 324 -12.25 -46.39 13.40
N VAL B 325 -13.13 -45.40 13.49
CA VAL B 325 -14.40 -45.59 14.20
C VAL B 325 -15.55 -45.76 13.22
N ASN B 326 -15.70 -46.99 12.71
CA ASN B 326 -16.74 -47.32 11.75
C ASN B 326 -18.17 -47.03 12.22
N GLY B 327 -19.00 -46.58 11.29
CA GLY B 327 -20.41 -46.28 11.57
C GLY B 327 -20.63 -44.95 12.24
N PHE B 328 -19.58 -44.13 12.28
CA PHE B 328 -19.61 -42.78 12.86
C PHE B 328 -19.10 -41.74 11.86
N SER B 329 -19.45 -41.91 10.58
CA SER B 329 -19.18 -40.87 9.58
C SER B 329 -19.92 -39.60 9.94
N THR B 330 -19.21 -38.48 9.94
CA THR B 330 -19.76 -37.25 10.49
C THR B 330 -19.18 -35.97 9.91
N SER B 331 -19.97 -34.91 9.96
CA SER B 331 -19.55 -33.57 9.56
C SER B 331 -19.84 -32.55 10.65
N LEU B 332 -20.13 -33.05 11.86
CA LEU B 332 -20.46 -32.18 12.99
C LEU B 332 -19.23 -31.37 13.42
N PRO B 333 -19.46 -30.22 14.09
CA PRO B 333 -18.32 -29.40 14.54
C PRO B 333 -17.33 -30.21 15.36
N GLU B 334 -16.04 -29.95 15.14
CA GLU B 334 -14.95 -30.69 15.81
C GLU B 334 -15.19 -30.94 17.29
N ASP B 335 -15.66 -29.92 18.00
CA ASP B 335 -15.89 -30.03 19.45
C ASP B 335 -17.07 -30.92 19.84
N ILE B 336 -18.06 -31.04 18.96
CA ILE B 336 -19.24 -31.85 19.25
C ILE B 336 -18.95 -33.33 19.05
N GLN B 337 -18.05 -33.63 18.12
CA GLN B 337 -17.64 -35.01 17.80
C GLN B 337 -17.05 -35.72 19.02
N ILE B 338 -16.04 -35.10 19.65
CA ILE B 338 -15.38 -35.68 20.82
C ILE B 338 -16.39 -35.88 21.96
N ALA B 339 -17.26 -34.90 22.12
CA ALA B 339 -18.31 -34.94 23.11
C ALA B 339 -19.24 -36.14 22.88
N GLY B 340 -19.49 -36.44 21.61
CA GLY B 340 -20.30 -37.60 21.24
C GLY B 340 -19.57 -38.89 21.51
N LEU B 341 -18.33 -38.99 21.00
CA LEU B 341 -17.51 -40.19 21.13
C LEU B 341 -17.32 -40.64 22.56
N ARG B 342 -17.12 -39.68 23.45
CA ARG B 342 -16.86 -40.00 24.84
C ARG B 342 -18.08 -40.58 25.54
N SER B 343 -19.27 -40.35 24.96
CA SER B 343 -20.52 -40.87 25.53
C SER B 343 -20.73 -42.33 25.20
N ILE B 344 -20.11 -42.78 24.10
CA ILE B 344 -20.13 -44.19 23.70
C ILE B 344 -19.38 -45.03 24.74
N PRO B 345 -20.04 -46.09 25.27
CA PRO B 345 -19.40 -46.97 26.24
C PRO B 345 -18.07 -47.54 25.73
N GLY B 346 -17.04 -47.51 26.58
CA GLY B 346 -15.70 -47.95 26.19
C GLY B 346 -14.80 -46.82 25.68
N LEU B 347 -15.42 -45.69 25.33
CA LEU B 347 -14.68 -44.56 24.78
C LEU B 347 -14.77 -43.29 25.65
N GLU B 348 -15.00 -43.47 26.96
CA GLU B 348 -15.14 -42.36 27.90
C GLU B 348 -13.89 -41.50 27.97
N GLU B 349 -12.73 -42.11 27.71
CA GLU B 349 -11.46 -41.41 27.78
C GLU B 349 -10.75 -41.42 26.42
N ALA B 350 -11.55 -41.46 25.36
CA ALA B 350 -11.03 -41.54 24.00
C ALA B 350 -10.26 -40.28 23.60
N LYS B 351 -9.05 -40.49 23.12
CA LYS B 351 -8.24 -39.41 22.55
C LYS B 351 -8.38 -39.44 21.04
N MET B 352 -8.86 -38.35 20.48
CA MET B 352 -9.17 -38.26 19.06
C MET B 352 -7.99 -37.67 18.27
N ILE B 353 -7.40 -38.47 17.39
CA ILE B 353 -6.27 -38.01 16.60
C ILE B 353 -6.70 -37.12 15.44
N ARG B 354 -7.79 -37.48 14.78
CA ARG B 354 -8.41 -36.63 13.76
C ARG B 354 -9.92 -36.49 13.97
N PRO B 355 -10.50 -35.35 13.56
CA PRO B 355 -11.95 -35.26 13.50
C PRO B 355 -12.52 -35.90 12.23
N GLY B 356 -13.75 -36.38 12.31
CA GLY B 356 -14.45 -36.84 11.13
C GLY B 356 -14.82 -35.62 10.31
N TYR B 357 -14.86 -35.77 8.99
CA TYR B 357 -15.21 -34.66 8.12
C TYR B 357 -15.93 -35.13 6.86
N ALA B 358 -16.43 -34.18 6.06
CA ALA B 358 -17.00 -34.52 4.77
C ALA B 358 -16.19 -33.90 3.67
N ILE B 359 -16.09 -34.59 2.54
CA ILE B 359 -15.36 -34.09 1.38
C ILE B 359 -16.36 -33.80 0.27
N GLU B 360 -16.36 -32.56 -0.20
CA GLU B 360 -17.21 -32.16 -1.31
C GLU B 360 -16.35 -32.04 -2.56
N TYR B 361 -16.82 -32.62 -3.67
CA TYR B 361 -16.00 -32.76 -4.87
C TYR B 361 -16.81 -32.71 -6.16
N ASP B 362 -16.12 -32.44 -7.27
CA ASP B 362 -16.74 -32.43 -8.59
C ASP B 362 -16.82 -33.83 -9.15
N PHE B 363 -17.99 -34.17 -9.69
CA PHE B 363 -18.19 -35.44 -10.37
C PHE B 363 -18.90 -35.25 -11.70
N PHE B 364 -18.66 -36.16 -12.63
CA PHE B 364 -19.22 -36.08 -13.97
C PHE B 364 -20.37 -37.06 -14.18
N HIS B 365 -21.54 -36.51 -14.52
CA HIS B 365 -22.80 -37.26 -14.65
C HIS B 365 -22.69 -38.52 -15.50
N PRO B 366 -23.00 -39.68 -14.90
CA PRO B 366 -22.67 -40.99 -15.45
C PRO B 366 -23.37 -41.32 -16.77
N TRP B 367 -24.31 -40.48 -17.19
CA TRP B 367 -24.95 -40.69 -18.50
C TRP B 367 -24.01 -40.27 -19.64
N GLN B 368 -23.03 -39.43 -19.30
CA GLN B 368 -22.09 -38.90 -20.27
C GLN B 368 -21.06 -39.94 -20.69
N ILE B 369 -20.97 -41.03 -19.94
CA ILE B 369 -20.10 -42.14 -20.30
C ILE B 369 -20.89 -43.35 -20.79
N ARG B 370 -20.28 -44.13 -21.67
CA ARG B 370 -20.86 -45.37 -22.16
C ARG B 370 -20.71 -46.48 -21.14
N SER B 371 -21.38 -47.60 -21.41
CA SER B 371 -21.27 -48.83 -20.63
C SER B 371 -19.82 -49.35 -20.69
N THR B 372 -19.11 -48.93 -21.73
CA THR B 372 -17.78 -49.42 -22.03
C THR B 372 -16.73 -48.59 -21.29
N MET B 373 -17.19 -47.66 -20.47
CA MET B 373 -16.35 -46.74 -19.69
C MET B 373 -15.75 -45.58 -20.50
N GLU B 374 -15.99 -45.60 -21.81
CA GLU B 374 -15.59 -44.53 -22.73
C GLU B 374 -16.64 -43.42 -22.70
N THR B 375 -16.20 -42.18 -22.90
CA THR B 375 -17.11 -41.03 -22.85
C THR B 375 -17.76 -40.76 -24.18
N ARG B 376 -19.00 -40.26 -24.13
CA ARG B 376 -19.71 -39.84 -25.31
C ARG B 376 -19.10 -38.58 -25.92
N PRO B 377 -18.98 -37.48 -25.14
CA PRO B 377 -18.45 -36.23 -25.70
C PRO B 377 -17.10 -36.33 -26.40
N VAL B 378 -16.24 -37.25 -25.99
CA VAL B 378 -14.92 -37.39 -26.63
C VAL B 378 -14.42 -38.84 -26.66
N GLU B 379 -14.09 -39.30 -27.86
CA GLU B 379 -13.58 -40.64 -28.09
C GLU B 379 -12.21 -40.79 -27.45
N ASN B 380 -11.90 -42.02 -27.01
CA ASN B 380 -10.61 -42.37 -26.40
C ASN B 380 -10.34 -41.75 -25.02
N LEU B 381 -11.35 -41.10 -24.45
CA LEU B 381 -11.27 -40.59 -23.09
C LEU B 381 -12.18 -41.44 -22.21
N PHE B 382 -11.58 -42.09 -21.21
CA PHE B 382 -12.32 -42.96 -20.29
C PHE B 382 -12.39 -42.37 -18.89
N PHE B 383 -13.51 -42.59 -18.22
CA PHE B 383 -13.71 -42.10 -16.85
C PHE B 383 -13.86 -43.31 -15.94
N ALA B 384 -13.09 -43.33 -14.85
CA ALA B 384 -13.14 -44.44 -13.88
C ALA B 384 -13.02 -43.96 -12.45
N GLY B 385 -13.90 -44.46 -11.58
CA GLY B 385 -13.75 -44.21 -10.16
C GLY B 385 -14.74 -43.24 -9.57
N GLN B 386 -14.33 -42.54 -8.51
CA GLN B 386 -15.19 -41.62 -7.75
C GLN B 386 -15.70 -40.45 -8.60
N ILE B 387 -14.99 -40.21 -9.69
CA ILE B 387 -15.30 -39.17 -10.66
C ILE B 387 -16.62 -39.42 -11.40
N ASN B 388 -17.07 -40.67 -11.41
CA ASN B 388 -18.37 -41.05 -11.96
C ASN B 388 -19.46 -41.05 -10.89
N GLY B 389 -19.16 -40.42 -9.75
CA GLY B 389 -20.12 -40.28 -8.65
C GLY B 389 -20.54 -41.58 -8.00
N THR B 390 -19.63 -42.55 -8.02
CA THR B 390 -19.78 -43.78 -7.26
C THR B 390 -18.95 -43.64 -5.99
N SER B 391 -19.11 -44.55 -5.03
CA SER B 391 -18.22 -44.56 -3.87
C SER B 391 -17.88 -45.98 -3.49
N GLY B 392 -16.61 -46.19 -3.19
CA GLY B 392 -16.06 -47.47 -2.75
C GLY B 392 -14.73 -47.69 -3.42
N TYR B 393 -13.81 -48.39 -2.77
CA TYR B 393 -12.56 -48.73 -3.44
C TYR B 393 -12.89 -49.75 -4.51
N GLU B 394 -13.57 -50.83 -4.12
CA GLU B 394 -13.89 -51.93 -5.02
C GLU B 394 -14.68 -51.43 -6.21
N GLU B 395 -15.67 -50.58 -5.94
CA GLU B 395 -16.48 -49.95 -6.99
C GLU B 395 -15.61 -49.14 -7.95
N ALA B 396 -14.65 -48.39 -7.42
CA ALA B 396 -13.72 -47.64 -8.25
C ALA B 396 -12.76 -48.56 -8.98
N ALA B 397 -12.24 -49.56 -8.28
CA ALA B 397 -11.24 -50.47 -8.85
C ALA B 397 -11.83 -51.18 -10.04
N ALA B 398 -13.06 -51.66 -9.91
CA ALA B 398 -13.75 -52.41 -10.96
C ALA B 398 -13.91 -51.59 -12.24
N GLN B 399 -14.19 -50.31 -12.08
CA GLN B 399 -14.32 -49.41 -13.22
C GLN B 399 -12.97 -49.20 -13.88
N GLY B 400 -11.95 -48.95 -13.07
CA GLY B 400 -10.58 -48.82 -13.55
C GLY B 400 -10.16 -50.00 -14.40
N LEU B 401 -10.46 -51.21 -13.91
CA LEU B 401 -10.11 -52.44 -14.62
C LEU B 401 -10.74 -52.44 -16.00
N MET B 402 -12.04 -52.19 -16.07
CA MET B 402 -12.76 -52.19 -17.33
C MET B 402 -12.29 -51.07 -18.24
N ALA B 403 -12.20 -49.86 -17.70
CA ALA B 403 -11.69 -48.71 -18.44
C ALA B 403 -10.33 -49.03 -19.05
N GLY B 404 -9.46 -49.66 -18.27
CA GLY B 404 -8.14 -50.07 -18.73
C GLY B 404 -8.22 -51.03 -19.90
N ILE B 405 -8.87 -52.18 -19.70
CA ILE B 405 -9.06 -53.18 -20.74
C ILE B 405 -9.53 -52.55 -22.05
N ASN B 406 -10.58 -51.74 -21.95
CA ASN B 406 -11.21 -51.11 -23.11
C ASN B 406 -10.35 -50.05 -23.80
N ALA B 407 -9.45 -49.43 -23.05
CA ALA B 407 -8.49 -48.52 -23.67
C ALA B 407 -7.51 -49.26 -24.58
N VAL B 408 -7.08 -50.45 -24.15
CA VAL B 408 -6.19 -51.30 -24.94
C VAL B 408 -6.93 -51.75 -26.18
N ARG B 409 -8.16 -52.22 -25.99
CA ARG B 409 -8.99 -52.76 -27.08
C ARG B 409 -9.24 -51.74 -28.18
N LYS B 410 -9.48 -50.50 -27.78
CA LYS B 410 -9.73 -49.40 -28.71
C LYS B 410 -8.51 -49.11 -29.58
N ILE B 411 -7.35 -48.99 -28.95
CA ILE B 411 -6.09 -48.72 -29.66
C ILE B 411 -5.77 -49.87 -30.62
N LEU B 412 -5.98 -51.11 -30.17
CA LEU B 412 -5.82 -52.29 -31.01
C LEU B 412 -6.91 -52.39 -32.08
N GLY B 413 -8.06 -51.76 -31.82
CA GLY B 413 -9.18 -51.81 -32.74
C GLY B 413 -10.00 -53.07 -32.57
N LYS B 414 -9.85 -53.70 -31.40
CA LYS B 414 -10.56 -54.92 -31.05
C LYS B 414 -11.93 -54.58 -30.45
N GLU B 415 -12.70 -55.61 -30.09
CA GLU B 415 -14.04 -55.45 -29.50
C GLU B 415 -13.92 -54.91 -28.08
N LEU B 416 -14.71 -53.90 -27.74
CA LEU B 416 -14.74 -53.43 -26.35
C LEU B 416 -15.58 -54.40 -25.52
N ILE B 417 -15.29 -54.48 -24.21
CA ILE B 417 -15.96 -55.43 -23.32
C ILE B 417 -16.97 -54.76 -22.41
N VAL B 418 -18.20 -55.25 -22.46
CA VAL B 418 -19.24 -54.88 -21.50
C VAL B 418 -19.70 -56.15 -20.82
N LEU B 419 -19.70 -56.16 -19.50
CA LEU B 419 -20.15 -57.33 -18.75
C LEU B 419 -21.65 -57.27 -18.54
N GLY B 420 -22.30 -58.42 -18.59
CA GLY B 420 -23.75 -58.50 -18.42
C GLY B 420 -24.16 -58.68 -16.98
N ARG B 421 -25.40 -58.31 -16.65
CA ARG B 421 -25.95 -58.39 -15.30
C ARG B 421 -26.13 -59.82 -14.78
N ASP B 422 -25.93 -60.78 -15.67
CA ASP B 422 -25.99 -62.20 -15.33
C ASP B 422 -24.58 -62.75 -15.24
N GLN B 423 -23.60 -61.94 -15.66
CA GLN B 423 -22.20 -62.35 -15.68
C GLN B 423 -21.45 -61.98 -14.41
N ALA B 424 -21.66 -60.75 -13.93
CA ALA B 424 -20.88 -60.22 -12.80
C ALA B 424 -21.61 -59.09 -12.07
N TYR B 425 -21.27 -58.92 -10.79
CA TYR B 425 -21.67 -57.75 -10.02
C TYR B 425 -21.14 -56.47 -10.67
N ILE B 426 -19.96 -56.58 -11.29
CA ILE B 426 -19.35 -55.47 -12.03
C ILE B 426 -20.25 -55.06 -13.19
N GLY B 427 -20.89 -56.04 -13.83
CA GLY B 427 -21.82 -55.78 -14.93
C GLY B 427 -23.02 -55.02 -14.43
N VAL B 428 -23.58 -55.48 -13.30
CA VAL B 428 -24.70 -54.82 -12.63
C VAL B 428 -24.33 -53.39 -12.25
N LEU B 429 -23.18 -53.23 -11.63
CA LEU B 429 -22.69 -51.91 -11.20
C LEU B 429 -22.59 -50.92 -12.34
N ILE B 430 -21.86 -51.29 -13.40
CA ILE B 430 -21.62 -50.43 -14.55
C ILE B 430 -22.92 -50.09 -15.31
N ASP B 431 -23.80 -51.08 -15.41
CA ASP B 431 -25.11 -50.85 -16.00
C ASP B 431 -25.95 -49.90 -15.15
N ASP B 432 -26.04 -50.17 -13.85
CA ASP B 432 -26.81 -49.35 -12.92
C ASP B 432 -26.28 -47.91 -12.86
N LEU B 433 -24.96 -47.77 -13.01
CA LEU B 433 -24.29 -46.47 -12.94
C LEU B 433 -24.80 -45.55 -14.05
N ILE B 434 -24.56 -45.95 -15.30
CA ILE B 434 -25.01 -45.19 -16.47
C ILE B 434 -26.54 -45.04 -16.57
N THR B 435 -27.29 -45.98 -15.96
CA THR B 435 -28.76 -45.99 -15.97
C THR B 435 -29.35 -45.17 -14.81
N LYS B 436 -29.31 -45.73 -13.60
CA LYS B 436 -29.97 -45.13 -12.44
C LYS B 436 -29.31 -43.81 -12.01
N GLU B 437 -30.01 -42.71 -12.25
CA GLU B 437 -29.51 -41.36 -11.96
C GLU B 437 -30.13 -40.76 -10.68
N THR B 438 -29.29 -40.62 -9.65
CA THR B 438 -29.71 -40.10 -8.34
C THR B 438 -28.66 -39.21 -7.62
N LYS B 439 -29.16 -38.21 -6.86
CA LYS B 439 -28.36 -37.22 -6.13
C LYS B 439 -27.28 -37.75 -5.17
N GLU B 440 -27.23 -39.07 -4.98
CA GLU B 440 -26.32 -39.68 -4.01
C GLU B 440 -25.28 -40.62 -4.68
N PRO B 441 -24.05 -40.70 -4.13
CA PRO B 441 -23.07 -41.61 -4.70
C PRO B 441 -23.55 -43.07 -4.60
N TYR B 442 -23.36 -43.82 -5.69
CA TYR B 442 -23.87 -45.18 -5.79
C TYR B 442 -23.03 -46.17 -4.99
N ARG B 443 -23.69 -46.81 -4.01
CA ARG B 443 -23.09 -47.91 -3.24
C ARG B 443 -23.75 -49.26 -3.59
N MET B 444 -22.94 -50.31 -3.55
CA MET B 444 -23.43 -51.63 -3.91
C MET B 444 -24.22 -52.34 -2.78
N PHE B 445 -24.06 -51.90 -1.53
CA PHE B 445 -24.74 -52.54 -0.38
C PHE B 445 -26.28 -52.53 -0.49
N THR B 446 -26.87 -51.35 -0.72
CA THR B 446 -28.31 -51.21 -0.97
C THR B 446 -28.73 -51.89 -2.28
N SER B 447 -27.78 -52.02 -3.21
CA SER B 447 -27.96 -52.82 -4.43
C SER B 447 -28.29 -54.26 -4.06
N SER B 448 -29.59 -54.60 -4.11
CA SER B 448 -30.09 -55.93 -3.79
C SER B 448 -30.28 -56.79 -5.06
N ALA B 449 -29.21 -56.86 -5.87
CA ALA B 449 -29.19 -57.60 -7.14
C ALA B 449 -29.85 -58.98 -7.05
N GLU B 450 -31.09 -59.06 -7.53
CA GLU B 450 -31.91 -60.28 -7.50
C GLU B 450 -31.21 -61.53 -8.05
N HIS B 451 -30.21 -61.33 -8.92
CA HIS B 451 -29.32 -62.40 -9.41
C HIS B 451 -28.28 -62.67 -8.35
N ARG B 452 -28.56 -63.64 -7.49
CA ARG B 452 -27.73 -63.85 -6.32
C ARG B 452 -26.92 -65.14 -6.38
N LEU B 453 -27.61 -66.27 -6.50
CA LEU B 453 -26.94 -67.57 -6.47
C LEU B 453 -25.96 -67.78 -7.62
N ILE B 454 -26.33 -67.32 -8.81
CA ILE B 454 -25.49 -67.44 -10.01
C ILE B 454 -24.28 -66.51 -10.00
N LEU B 455 -24.28 -65.53 -9.10
CA LEU B 455 -23.22 -64.54 -9.02
C LEU B 455 -22.43 -64.59 -7.71
N ARG B 456 -22.64 -65.65 -6.93
CA ARG B 456 -21.99 -65.83 -5.63
C ARG B 456 -20.49 -65.69 -5.74
N HIS B 457 -19.83 -65.26 -4.67
CA HIS B 457 -18.38 -65.04 -4.66
C HIS B 457 -17.56 -66.22 -5.14
N ASP B 458 -18.00 -67.44 -4.83
CA ASP B 458 -17.16 -68.64 -4.99
C ASP B 458 -17.07 -69.24 -6.39
N ASN B 459 -17.71 -68.64 -7.37
CA ASN B 459 -17.56 -69.13 -8.74
C ASN B 459 -17.11 -68.06 -9.71
N ALA B 460 -16.73 -66.92 -9.17
CA ALA B 460 -16.34 -65.75 -9.94
C ALA B 460 -15.32 -66.10 -11.01
N ASP B 461 -14.38 -66.98 -10.68
CA ASP B 461 -13.33 -67.34 -11.60
C ASP B 461 -13.87 -68.06 -12.83
N LEU B 462 -14.77 -69.03 -12.61
CA LEU B 462 -15.37 -69.82 -13.69
C LEU B 462 -16.09 -68.88 -14.67
N ARG B 463 -16.83 -67.92 -14.12
CA ARG B 463 -17.60 -66.96 -14.90
C ARG B 463 -16.75 -66.01 -15.74
N LEU B 464 -15.65 -65.52 -15.17
CA LEU B 464 -14.92 -64.40 -15.79
C LEU B 464 -13.51 -64.72 -16.33
N ARG B 465 -12.93 -65.84 -15.88
CA ARG B 465 -11.57 -66.20 -16.23
C ARG B 465 -11.26 -66.18 -17.74
N LYS B 466 -12.18 -66.69 -18.56
CA LYS B 466 -11.99 -66.68 -20.01
C LYS B 466 -11.95 -65.25 -20.55
N ILE B 467 -12.82 -64.38 -20.04
CA ILE B 467 -12.84 -62.98 -20.43
C ILE B 467 -11.51 -62.32 -20.06
N GLY B 468 -10.98 -62.71 -18.90
CA GLY B 468 -9.66 -62.28 -18.47
C GLY B 468 -8.58 -62.62 -19.48
N TYR B 469 -8.59 -63.86 -19.97
CA TYR B 469 -7.60 -64.33 -20.95
C TYR B 469 -7.52 -63.46 -22.19
N ASP B 470 -8.68 -63.20 -22.82
CA ASP B 470 -8.73 -62.37 -24.04
C ASP B 470 -8.09 -60.98 -23.87
N CYS B 471 -7.94 -60.55 -22.63
CA CYS B 471 -7.39 -59.24 -22.34
C CYS B 471 -5.97 -59.33 -21.80
N ASN B 472 -5.32 -60.46 -22.04
CA ASN B 472 -3.95 -60.68 -21.60
C ASN B 472 -3.71 -60.43 -20.10
N LEU B 473 -4.66 -60.81 -19.26
CA LEU B 473 -4.54 -60.60 -17.81
C LEU B 473 -4.54 -61.90 -17.02
N VAL B 474 -5.01 -62.98 -17.64
CA VAL B 474 -5.01 -64.29 -17.00
C VAL B 474 -4.11 -65.22 -17.81
N SER B 475 -3.21 -65.90 -17.11
CA SER B 475 -2.27 -66.83 -17.74
C SER B 475 -2.98 -68.08 -18.24
N SER B 476 -2.36 -68.77 -19.19
CA SER B 476 -2.91 -70.01 -19.74
C SER B 476 -3.01 -71.09 -18.68
N ASP B 477 -1.97 -71.22 -17.85
CA ASP B 477 -1.98 -72.13 -16.71
C ASP B 477 -3.13 -71.81 -15.74
N ASP B 478 -3.55 -70.53 -15.71
CA ASP B 478 -4.72 -70.13 -14.94
C ASP B 478 -6.01 -70.45 -15.69
N LEU B 479 -6.18 -69.88 -16.88
CA LEU B 479 -7.38 -70.08 -17.70
C LEU B 479 -7.73 -71.54 -17.88
N HIS B 480 -6.74 -72.32 -18.31
CA HIS B 480 -6.92 -73.75 -18.57
C HIS B 480 -7.22 -74.52 -17.28
N ARG B 481 -6.77 -73.99 -16.15
CA ARG B 481 -7.01 -74.63 -14.85
C ARG B 481 -8.45 -74.44 -14.38
N THR B 482 -9.05 -73.32 -14.76
CA THR B 482 -10.44 -73.06 -14.41
C THR B 482 -11.36 -73.81 -15.37
N GLU B 483 -10.88 -74.01 -16.60
CA GLU B 483 -11.63 -74.78 -17.60
C GLU B 483 -11.70 -76.26 -17.24
N SER B 484 -10.75 -76.72 -16.43
CA SER B 484 -10.72 -78.11 -15.98
C SER B 484 -11.47 -78.32 -14.67
N ILE B 485 -11.64 -77.27 -13.88
CA ILE B 485 -12.33 -77.39 -12.59
C ILE B 485 -13.85 -77.53 -12.82
N ILE B 486 -14.34 -76.91 -13.89
CA ILE B 486 -15.74 -77.02 -14.29
C ILE B 486 -16.04 -78.40 -14.88
N LYS B 487 -15.05 -78.96 -15.58
CA LYS B 487 -15.15 -80.31 -16.15
C LYS B 487 -15.37 -81.34 -15.06
N ARG B 488 -14.68 -81.18 -13.92
CA ARG B 488 -14.75 -82.14 -12.82
C ARG B 488 -16.09 -82.09 -12.09
N VAL B 489 -16.66 -80.90 -11.95
CA VAL B 489 -17.92 -80.71 -11.24
C VAL B 489 -19.03 -81.47 -11.94
N GLN B 490 -19.21 -81.20 -13.24
CA GLN B 490 -20.19 -81.90 -14.06
C GLN B 490 -19.88 -83.39 -14.22
N HIS B 491 -18.60 -83.72 -14.37
CA HIS B 491 -18.13 -85.12 -14.38
C HIS B 491 -18.49 -85.85 -13.09
N CYS B 492 -18.50 -85.10 -11.99
CA CYS B 492 -18.83 -85.64 -10.69
C CYS B 492 -20.34 -85.80 -10.55
N LEU B 493 -21.08 -84.82 -11.06
CA LEU B 493 -22.55 -84.84 -11.05
C LEU B 493 -23.13 -85.99 -11.90
N GLU B 494 -22.32 -86.52 -12.82
CA GLU B 494 -22.66 -87.74 -13.54
C GLU B 494 -22.76 -88.89 -12.55
N VAL B 495 -21.75 -88.98 -11.69
CA VAL B 495 -21.62 -90.09 -10.74
C VAL B 495 -22.54 -89.93 -9.53
N MET B 496 -22.89 -88.70 -9.21
CA MET B 496 -23.74 -88.41 -8.05
C MET B 496 -25.18 -88.91 -8.18
N LYS B 497 -25.58 -89.30 -9.39
CA LYS B 497 -26.90 -89.85 -9.66
C LYS B 497 -26.84 -91.37 -9.62
N THR B 498 -25.70 -91.90 -10.06
CA THR B 498 -25.43 -93.34 -10.11
C THR B 498 -25.09 -94.01 -8.72
N ALA B 499 -24.05 -93.53 -7.97
CA ALA B 499 -23.49 -94.10 -6.66
C ALA B 499 -24.47 -94.44 -5.53
N LYS B 500 -24.14 -95.46 -4.74
CA LYS B 500 -25.06 -96.02 -3.76
C LYS B 500 -24.54 -95.95 -2.33
N VAL B 501 -25.44 -95.79 -1.36
CA VAL B 501 -25.07 -95.73 0.06
C VAL B 501 -26.01 -96.51 0.97
N THR B 502 -25.48 -97.58 1.57
CA THR B 502 -26.29 -98.50 2.38
C THR B 502 -26.67 -97.85 3.71
N PRO B 503 -27.82 -98.25 4.29
CA PRO B 503 -28.27 -97.71 5.57
C PRO B 503 -27.37 -98.15 6.72
N ALA B 504 -26.34 -98.93 6.42
CA ALA B 504 -25.39 -99.39 7.42
C ALA B 504 -24.47 -98.25 7.88
N GLU B 505 -24.11 -97.36 6.96
CA GLU B 505 -23.11 -96.32 7.22
C GLU B 505 -23.67 -95.00 7.73
N ILE B 506 -24.82 -94.60 7.20
CA ILE B 506 -25.32 -93.26 7.45
C ILE B 506 -26.35 -93.22 8.58
N ASN B 507 -26.97 -94.35 8.89
CA ASN B 507 -28.01 -94.39 9.93
C ASN B 507 -27.59 -93.88 11.31
N THR B 508 -26.38 -94.22 11.74
CA THR B 508 -25.85 -93.71 13.01
C THR B 508 -25.53 -92.23 12.90
N LEU B 509 -25.09 -91.78 11.72
CA LEU B 509 -24.86 -90.36 11.46
C LEU B 509 -26.17 -89.59 11.53
N LEU B 510 -27.18 -90.11 10.85
CA LEU B 510 -28.48 -89.45 10.77
C LEU B 510 -29.22 -89.46 12.10
N MET B 511 -28.96 -90.48 12.92
CA MET B 511 -29.52 -90.54 14.27
C MET B 511 -29.09 -89.35 15.12
N ASN B 512 -27.81 -89.00 15.02
CA ASN B 512 -27.25 -87.90 15.79
C ASN B 512 -27.68 -86.56 15.21
N LYS B 513 -27.67 -86.45 13.89
CA LYS B 513 -28.09 -85.22 13.24
C LYS B 513 -29.60 -85.02 13.34
N GLY B 514 -30.32 -86.10 13.65
CA GLY B 514 -31.79 -86.07 13.78
C GLY B 514 -32.49 -85.70 12.48
N LEU B 515 -32.01 -86.26 11.38
CA LEU B 515 -32.39 -85.80 10.06
C LEU B 515 -33.46 -86.70 9.44
N GLN B 516 -33.14 -87.32 8.29
CA GLN B 516 -34.03 -88.32 7.68
C GLN B 516 -33.49 -89.67 8.09
N GLU B 517 -34.33 -90.53 8.63
CA GLU B 517 -33.84 -91.85 8.97
C GLU B 517 -33.87 -92.77 7.76
N LEU B 518 -32.79 -93.51 7.55
CA LEU B 518 -32.69 -94.37 6.38
C LEU B 518 -33.12 -95.80 6.71
N LYS B 519 -34.43 -96.02 6.70
CA LYS B 519 -35.06 -97.32 6.97
C LYS B 519 -34.64 -98.42 6.00
N THR B 520 -34.10 -98.03 4.85
CA THR B 520 -34.20 -98.85 3.65
C THR B 520 -33.07 -98.65 2.61
N PRO B 521 -33.43 -98.52 1.30
CA PRO B 521 -32.43 -98.73 0.28
C PRO B 521 -31.87 -97.43 -0.33
N ALA B 522 -32.21 -96.29 0.26
CA ALA B 522 -31.70 -95.01 -0.21
C ALA B 522 -30.23 -95.11 -0.58
N ARG B 523 -29.96 -95.05 -1.88
CA ARG B 523 -28.61 -94.77 -2.38
C ARG B 523 -28.55 -93.43 -3.09
N ALA B 524 -28.79 -93.44 -4.40
CA ALA B 524 -28.99 -92.21 -5.15
C ALA B 524 -28.35 -91.03 -4.44
N LEU B 525 -27.04 -91.11 -4.22
CA LEU B 525 -26.32 -90.07 -3.46
C LEU B 525 -26.95 -88.70 -3.35
N SER B 526 -27.31 -88.12 -4.50
CA SER B 526 -27.92 -86.81 -4.53
C SER B 526 -29.11 -86.73 -3.58
N LEU B 527 -29.91 -87.79 -3.55
CA LEU B 527 -31.08 -87.88 -2.69
C LEU B 527 -30.74 -87.86 -1.20
N ILE B 528 -29.49 -88.18 -0.87
CA ILE B 528 -29.02 -88.05 0.52
C ILE B 528 -28.72 -86.58 0.79
N LYS B 529 -27.59 -86.10 0.29
CA LYS B 529 -27.09 -84.76 0.61
C LYS B 529 -27.97 -83.66 0.02
N ARG B 530 -29.01 -83.33 0.77
CA ARG B 530 -29.93 -82.24 0.43
C ARG B 530 -30.42 -81.46 1.67
N PRO B 531 -30.96 -82.14 2.70
CA PRO B 531 -31.62 -81.40 3.77
C PRO B 531 -30.69 -80.75 4.79
N GLY B 532 -29.52 -81.34 5.05
CA GLY B 532 -28.54 -80.77 5.98
C GLY B 532 -27.31 -81.65 6.19
N ILE B 533 -26.86 -82.27 5.09
CA ILE B 533 -25.71 -83.17 5.12
C ILE B 533 -24.64 -82.68 4.16
N SER B 534 -23.38 -82.72 4.61
CA SER B 534 -22.26 -82.35 3.75
C SER B 534 -21.93 -83.43 2.74
N LEU B 535 -21.47 -83.01 1.57
CA LEU B 535 -20.90 -83.93 0.60
C LEU B 535 -19.77 -84.71 1.24
N GLN B 536 -18.99 -84.04 2.09
CA GLN B 536 -17.89 -84.68 2.81
C GLN B 536 -18.33 -85.61 3.94
N ASP B 537 -19.58 -85.51 4.36
CA ASP B 537 -20.13 -86.43 5.35
C ASP B 537 -20.35 -87.81 4.75
N ILE B 538 -20.51 -87.84 3.42
CA ILE B 538 -20.76 -89.08 2.70
C ILE B 538 -19.45 -89.77 2.35
N LEU B 539 -18.58 -89.06 1.61
CA LEU B 539 -17.25 -89.60 1.26
C LEU B 539 -16.55 -90.24 2.46
N GLU B 540 -16.80 -89.68 3.64
CA GLU B 540 -16.21 -90.14 4.88
C GLU B 540 -16.90 -91.38 5.41
N HIS B 541 -18.17 -91.56 5.08
CA HIS B 541 -18.94 -92.67 5.65
C HIS B 541 -19.14 -93.90 4.78
N SER B 542 -19.02 -93.75 3.45
CA SER B 542 -19.16 -94.91 2.55
C SER B 542 -17.92 -95.16 1.69
N LEU B 543 -17.53 -96.44 1.62
CA LEU B 543 -16.41 -96.88 0.78
C LEU B 543 -16.81 -96.82 -0.68
N SER B 544 -18.12 -96.97 -0.91
CA SER B 544 -18.71 -96.94 -2.24
C SER B 544 -18.37 -95.66 -3.02
N VAL B 545 -18.56 -94.51 -2.38
CA VAL B 545 -18.51 -93.22 -3.07
C VAL B 545 -17.11 -92.74 -3.39
N ARG B 546 -16.24 -92.69 -2.38
CA ARG B 546 -14.84 -92.25 -2.54
C ARG B 546 -14.09 -93.08 -3.59
N SER B 547 -14.49 -94.34 -3.73
CA SER B 547 -13.95 -95.23 -4.76
C SER B 547 -14.34 -94.75 -6.16
N ALA B 548 -15.56 -94.23 -6.29
CA ALA B 548 -16.07 -93.75 -7.57
C ALA B 548 -15.66 -92.31 -7.85
N ALA B 549 -15.33 -91.56 -6.79
CA ALA B 549 -14.93 -90.15 -6.91
C ALA B 549 -14.20 -89.61 -5.67
N GLU B 550 -12.87 -89.56 -5.75
CA GLU B 550 -12.04 -88.99 -4.71
C GLU B 550 -11.30 -87.76 -5.27
N GLU B 551 -11.71 -87.35 -6.47
CA GLU B 551 -11.18 -86.17 -7.17
C GLU B 551 -11.66 -84.86 -6.53
N LEU B 552 -12.90 -84.87 -6.07
CA LEU B 552 -13.51 -83.74 -5.38
C LEU B 552 -12.83 -83.52 -4.03
N CYS B 553 -12.41 -84.61 -3.41
CA CYS B 553 -11.62 -84.53 -2.20
C CYS B 553 -10.39 -83.66 -2.44
N ASN B 554 -9.57 -84.07 -3.42
CA ASN B 554 -8.31 -83.39 -3.81
C ASN B 554 -8.47 -81.95 -4.25
N ASP B 555 -9.57 -81.65 -4.93
CA ASP B 555 -9.93 -80.29 -5.26
C ASP B 555 -11.03 -79.90 -4.27
N PRO B 556 -10.64 -79.34 -3.10
CA PRO B 556 -11.65 -79.03 -2.10
C PRO B 556 -12.62 -78.04 -2.71
N ARG B 557 -12.23 -77.52 -3.88
CA ARG B 557 -13.04 -76.58 -4.64
C ARG B 557 -14.19 -77.26 -5.35
N VAL B 558 -13.88 -78.35 -6.06
CA VAL B 558 -14.90 -79.16 -6.72
C VAL B 558 -15.95 -79.60 -5.70
N ALA B 559 -15.48 -80.16 -4.58
CA ALA B 559 -16.35 -80.57 -3.47
C ALA B 559 -17.32 -79.48 -3.03
N GLU B 560 -16.82 -78.24 -2.93
CA GLU B 560 -17.60 -77.08 -2.51
C GLU B 560 -18.65 -76.66 -3.54
N GLN B 561 -18.27 -76.71 -4.82
CA GLN B 561 -19.14 -76.36 -5.95
C GLN B 561 -20.26 -77.36 -6.16
N VAL B 562 -19.90 -78.64 -6.27
CA VAL B 562 -20.85 -79.74 -6.42
C VAL B 562 -21.90 -79.71 -5.31
N GLN B 563 -21.44 -79.58 -4.06
CA GLN B 563 -22.33 -79.61 -2.91
C GLN B 563 -23.42 -78.54 -2.97
N ILE B 564 -23.10 -77.41 -3.59
CA ILE B 564 -24.05 -76.30 -3.75
C ILE B 564 -24.92 -76.51 -4.99
N GLU B 565 -24.29 -76.87 -6.10
CA GLU B 565 -24.98 -77.15 -7.36
C GLU B 565 -26.17 -78.07 -7.19
N ILE B 566 -26.10 -78.98 -6.23
CA ILE B 566 -27.17 -79.94 -6.00
C ILE B 566 -28.08 -79.53 -4.83
N LYS B 567 -27.51 -78.90 -3.81
CA LYS B 567 -28.30 -78.42 -2.68
C LYS B 567 -29.14 -77.20 -3.05
N TYR B 568 -28.81 -76.59 -4.19
CA TYR B 568 -29.48 -75.39 -4.69
C TYR B 568 -29.91 -75.56 -6.13
N GLU B 569 -30.22 -76.79 -6.51
CA GLU B 569 -30.66 -77.13 -7.86
C GLU B 569 -31.89 -76.32 -8.25
N GLY B 570 -32.91 -76.37 -7.39
CA GLY B 570 -34.19 -75.71 -7.64
C GLY B 570 -34.03 -74.22 -7.89
N TYR B 571 -33.34 -73.55 -6.98
CA TYR B 571 -33.21 -72.10 -7.02
C TYR B 571 -32.29 -71.59 -8.11
N ILE B 572 -31.28 -72.37 -8.47
CA ILE B 572 -30.34 -72.00 -9.54
C ILE B 572 -31.04 -71.98 -10.89
N LYS B 573 -31.81 -73.01 -11.17
CA LYS B 573 -32.57 -73.07 -12.41
C LYS B 573 -33.56 -71.91 -12.49
N ARG B 574 -34.23 -71.63 -11.37
CA ARG B 574 -35.20 -70.54 -11.28
C ARG B 574 -34.56 -69.18 -11.54
N GLU B 575 -33.42 -68.93 -10.91
CA GLU B 575 -32.70 -67.68 -11.10
C GLU B 575 -32.14 -67.55 -12.53
N GLN B 576 -31.66 -68.66 -13.09
CA GLN B 576 -31.01 -68.65 -14.40
C GLN B 576 -32.00 -68.41 -15.52
N LEU B 577 -33.23 -68.84 -15.30
CA LEU B 577 -34.31 -68.70 -16.27
C LEU B 577 -34.67 -67.23 -16.44
N VAL B 578 -34.70 -66.50 -15.31
CA VAL B 578 -35.00 -65.07 -15.31
C VAL B 578 -33.83 -64.29 -15.92
N ALA B 579 -32.61 -64.72 -15.58
CA ALA B 579 -31.38 -64.11 -16.09
C ALA B 579 -31.26 -64.21 -17.60
N ASP B 580 -31.88 -65.24 -18.16
CA ASP B 580 -31.89 -65.45 -19.60
C ASP B 580 -32.89 -64.55 -20.31
N ARG B 581 -33.94 -64.14 -19.62
CA ARG B 581 -34.84 -63.13 -20.16
C ARG B 581 -34.11 -61.78 -20.19
N ILE B 582 -33.43 -61.46 -19.09
CA ILE B 582 -32.57 -60.27 -19.00
C ILE B 582 -31.32 -60.39 -19.91
N ALA B 583 -30.94 -61.61 -20.26
CA ALA B 583 -29.82 -61.85 -21.20
C ALA B 583 -30.18 -61.38 -22.60
N ARG B 584 -31.31 -61.88 -23.11
CA ARG B 584 -31.82 -61.52 -24.43
C ARG B 584 -32.06 -60.00 -24.55
N LEU B 585 -32.78 -59.43 -23.60
CA LEU B 585 -33.15 -58.00 -23.62
C LEU B 585 -31.98 -57.03 -23.43
N ASP B 586 -30.88 -57.52 -22.85
CA ASP B 586 -29.62 -56.77 -22.77
C ASP B 586 -29.12 -56.42 -24.18
N SER B 587 -29.02 -57.44 -25.03
CA SER B 587 -28.49 -57.26 -26.39
C SER B 587 -29.59 -57.05 -27.44
N LEU B 588 -30.34 -55.96 -27.27
CA LEU B 588 -31.24 -55.45 -28.30
C LEU B 588 -30.92 -53.97 -28.54
N HIS B 589 -29.75 -53.76 -29.14
CA HIS B 589 -29.14 -52.43 -29.34
C HIS B 589 -29.49 -51.78 -30.69
N ILE B 590 -30.62 -52.17 -31.26
CA ILE B 590 -30.99 -51.74 -32.63
C ILE B 590 -31.74 -50.38 -32.80
N PRO B 591 -32.51 -49.93 -31.78
CA PRO B 591 -33.34 -48.71 -31.96
C PRO B 591 -32.58 -47.37 -31.99
N ASP B 592 -31.39 -47.36 -32.59
CA ASP B 592 -30.48 -46.21 -32.54
C ASP B 592 -31.05 -44.90 -33.11
N ASN B 593 -31.45 -44.92 -34.38
CA ASN B 593 -31.83 -43.68 -35.05
C ASN B 593 -33.33 -43.59 -35.41
N PHE B 594 -34.15 -43.30 -34.40
CA PHE B 594 -35.60 -43.08 -34.57
C PHE B 594 -36.22 -42.27 -33.42
N ASN B 595 -37.27 -41.52 -33.73
CA ASN B 595 -37.99 -40.70 -32.75
C ASN B 595 -38.98 -41.51 -31.91
N TYR B 596 -39.21 -41.06 -30.68
CA TYR B 596 -40.22 -41.67 -29.81
C TYR B 596 -41.62 -41.12 -30.10
N ASP B 597 -41.68 -40.18 -31.05
CA ASP B 597 -42.92 -39.56 -31.51
C ASP B 597 -43.74 -40.52 -32.38
N SER B 598 -43.05 -41.34 -33.19
CA SER B 598 -43.69 -42.36 -34.00
C SER B 598 -43.77 -43.70 -33.25
N LEU B 599 -44.64 -43.75 -32.25
CA LEU B 599 -44.88 -44.97 -31.48
C LEU B 599 -46.27 -44.90 -30.84
N ASN B 600 -47.12 -45.86 -31.21
CA ASN B 600 -48.58 -45.74 -31.06
C ASN B 600 -49.15 -45.78 -29.63
N SER B 601 -49.33 -46.99 -29.10
CA SER B 601 -50.17 -47.23 -27.92
C SER B 601 -49.44 -47.07 -26.56
N LEU B 602 -48.50 -46.12 -26.51
CA LEU B 602 -47.51 -46.04 -25.42
C LEU B 602 -47.90 -45.36 -24.11
N SER B 603 -47.87 -44.03 -24.11
CA SER B 603 -47.28 -43.27 -23.01
C SER B 603 -48.28 -43.12 -21.86
N SER B 604 -48.96 -41.98 -21.83
CA SER B 604 -48.82 -41.03 -20.73
C SER B 604 -47.36 -40.87 -20.32
N GLU B 605 -47.09 -41.07 -19.03
CA GLU B 605 -45.72 -41.02 -18.52
C GLU B 605 -44.75 -41.66 -19.50
N GLY B 606 -45.10 -42.84 -20.02
CA GLY B 606 -44.13 -43.79 -20.52
C GLY B 606 -43.23 -43.18 -21.58
N ARG B 607 -43.80 -42.35 -22.43
CA ARG B 607 -43.07 -41.77 -23.55
C ARG B 607 -42.18 -40.62 -23.09
N GLU B 608 -42.57 -39.97 -22.00
CA GLU B 608 -41.84 -38.82 -21.47
C GLU B 608 -40.57 -39.23 -20.74
N LYS B 609 -40.61 -40.40 -20.11
CA LYS B 609 -39.44 -40.99 -19.47
C LYS B 609 -38.45 -41.51 -20.51
N LEU B 610 -38.97 -41.96 -21.65
CA LEU B 610 -38.14 -42.46 -22.75
C LEU B 610 -37.34 -41.34 -23.43
N LEU B 611 -37.99 -40.21 -23.67
CA LEU B 611 -37.34 -39.05 -24.30
C LEU B 611 -36.34 -38.38 -23.34
N LYS B 612 -36.63 -38.43 -22.04
CA LYS B 612 -35.75 -37.87 -21.01
C LYS B 612 -34.50 -38.73 -20.85
N HIS B 613 -34.70 -40.01 -20.54
CA HIS B 613 -33.59 -40.92 -20.25
C HIS B 613 -32.84 -41.40 -21.49
N ARG B 614 -33.58 -41.62 -22.58
CA ARG B 614 -33.02 -42.03 -23.88
C ARG B 614 -32.25 -43.36 -23.78
N PRO B 615 -32.98 -44.47 -23.53
CA PRO B 615 -32.35 -45.77 -23.22
C PRO B 615 -31.60 -46.41 -24.41
N ALA B 616 -30.38 -46.88 -24.15
CA ALA B 616 -29.55 -47.51 -25.19
C ALA B 616 -30.09 -48.88 -25.61
N THR B 617 -30.36 -49.74 -24.63
CA THR B 617 -30.95 -51.07 -24.85
C THR B 617 -32.39 -51.12 -24.32
N ILE B 618 -33.25 -51.94 -24.93
CA ILE B 618 -34.65 -52.02 -24.50
C ILE B 618 -34.81 -52.75 -23.16
N GLY B 619 -33.78 -53.48 -22.76
CA GLY B 619 -33.71 -54.07 -21.43
C GLY B 619 -33.54 -52.97 -20.41
N GLN B 620 -32.64 -52.03 -20.71
CA GLN B 620 -32.41 -50.85 -19.89
C GLN B 620 -33.68 -50.01 -19.75
N ALA B 621 -34.51 -50.04 -20.79
CA ALA B 621 -35.75 -49.27 -20.82
C ALA B 621 -36.81 -49.81 -19.88
N SER B 622 -36.78 -51.11 -19.61
CA SER B 622 -37.77 -51.77 -18.76
C SER B 622 -37.50 -51.60 -17.26
N ARG B 623 -36.36 -50.99 -16.93
CA ARG B 623 -35.97 -50.72 -15.54
C ARG B 623 -36.23 -49.28 -15.10
N ILE B 624 -36.62 -48.42 -16.05
CA ILE B 624 -37.03 -47.04 -15.75
C ILE B 624 -38.40 -47.10 -15.07
N LEU B 625 -38.52 -46.48 -13.91
CA LEU B 625 -39.74 -46.64 -13.08
C LEU B 625 -41.00 -46.05 -13.73
N GLY B 626 -40.81 -45.17 -14.70
CA GLY B 626 -41.92 -44.55 -15.43
C GLY B 626 -42.63 -45.46 -16.42
N VAL B 627 -41.85 -46.26 -17.16
CA VAL B 627 -42.40 -47.15 -18.18
C VAL B 627 -43.04 -48.41 -17.56
N SER B 628 -44.14 -48.87 -18.17
CA SER B 628 -44.86 -50.03 -17.66
C SER B 628 -44.45 -51.32 -18.40
N PRO B 629 -44.77 -52.51 -17.83
CA PRO B 629 -44.56 -53.78 -18.52
C PRO B 629 -45.31 -53.88 -19.86
N SER B 630 -46.46 -53.22 -19.96
CA SER B 630 -47.25 -53.19 -21.19
C SER B 630 -46.66 -52.29 -22.27
N ASP B 631 -45.87 -51.30 -21.86
CA ASP B 631 -45.25 -50.34 -22.78
C ASP B 631 -44.07 -50.91 -23.54
N VAL B 632 -43.23 -51.66 -22.83
CA VAL B 632 -42.08 -52.31 -23.44
C VAL B 632 -42.50 -53.42 -24.42
N SER B 633 -43.70 -53.96 -24.24
CA SER B 633 -44.27 -54.96 -25.14
C SER B 633 -44.61 -54.37 -26.51
N ILE B 634 -44.93 -53.08 -26.52
CA ILE B 634 -45.25 -52.36 -27.75
C ILE B 634 -43.97 -51.83 -28.41
N LEU B 635 -42.87 -51.85 -27.66
CA LEU B 635 -41.56 -51.49 -28.18
C LEU B 635 -40.89 -52.74 -28.79
N MET B 636 -41.40 -53.91 -28.43
CA MET B 636 -40.88 -55.18 -28.92
C MET B 636 -41.57 -55.66 -30.20
N ILE B 637 -42.89 -55.53 -30.24
CA ILE B 637 -43.65 -55.81 -31.46
C ILE B 637 -43.28 -54.78 -32.54
N ARG B 638 -42.11 -54.16 -32.36
CA ARG B 638 -41.61 -53.10 -33.21
C ARG B 638 -40.19 -53.36 -33.71
N LEU B 639 -39.30 -53.73 -32.79
CA LEU B 639 -37.89 -53.87 -33.11
C LEU B 639 -37.50 -55.33 -33.34
N HIS C 20 16.24 55.82 -29.59
CA HIS C 20 14.92 55.21 -29.43
C HIS C 20 14.63 54.87 -27.97
N MET C 21 14.05 55.82 -27.25
CA MET C 21 13.86 55.68 -25.79
C MET C 21 12.36 55.64 -25.43
N TYR C 22 11.98 56.13 -24.24
CA TYR C 22 10.57 56.34 -23.88
C TYR C 22 10.08 57.76 -24.18
N ASP C 23 8.75 57.94 -24.25
CA ASP C 23 8.16 59.26 -24.50
C ASP C 23 7.87 59.95 -23.19
N VAL C 24 6.97 59.35 -22.41
CA VAL C 24 6.57 59.88 -21.11
C VAL C 24 6.85 58.84 -20.06
N ILE C 25 7.60 59.22 -19.03
CA ILE C 25 7.74 58.34 -17.89
C ILE C 25 7.02 58.93 -16.68
N VAL C 26 6.08 58.16 -16.12
CA VAL C 26 5.21 58.65 -15.04
C VAL C 26 5.67 58.06 -13.72
N VAL C 27 6.18 58.89 -12.83
CA VAL C 27 6.63 58.36 -11.54
C VAL C 27 5.50 58.36 -10.51
N GLY C 28 5.33 57.20 -9.87
CA GLY C 28 4.26 56.97 -8.91
C GLY C 28 2.98 56.46 -9.57
N ALA C 29 2.54 55.28 -9.17
CA ALA C 29 1.29 54.75 -9.69
C ALA C 29 0.15 54.84 -8.66
N GLY C 30 -0.05 56.05 -8.14
CA GLY C 30 -1.25 56.38 -7.36
C GLY C 30 -2.37 56.86 -8.27
N HIS C 31 -3.25 57.70 -7.74
CA HIS C 31 -4.41 58.17 -8.49
C HIS C 31 -4.10 59.13 -9.60
N ALA C 32 -3.14 60.02 -9.37
CA ALA C 32 -2.67 60.89 -10.44
C ALA C 32 -1.89 60.07 -11.46
N GLY C 33 -0.96 59.25 -10.96
CA GLY C 33 -0.06 58.46 -11.80
C GLY C 33 -0.77 57.57 -12.80
N CYS C 34 -1.83 56.90 -12.34
CA CYS C 34 -2.61 56.01 -13.20
C CYS C 34 -3.27 56.76 -14.33
N GLU C 35 -4.14 57.70 -13.98
CA GLU C 35 -4.83 58.52 -14.98
C GLU C 35 -3.84 59.14 -15.94
N ALA C 36 -2.65 59.49 -15.41
CA ALA C 36 -1.57 60.00 -16.23
C ALA C 36 -1.10 58.94 -17.21
N ALA C 37 -0.59 57.83 -16.67
CA ALA C 37 -0.08 56.74 -17.50
C ALA C 37 -1.12 56.21 -18.50
N LEU C 38 -2.37 56.08 -18.05
CA LEU C 38 -3.46 55.67 -18.94
C LEU C 38 -3.76 56.67 -20.06
N ALA C 39 -3.70 57.95 -19.76
CA ALA C 39 -3.94 58.99 -20.76
C ALA C 39 -2.83 59.04 -21.80
N VAL C 40 -1.58 58.89 -21.36
CA VAL C 40 -0.45 58.88 -22.27
C VAL C 40 -0.54 57.68 -23.21
N ALA C 41 -0.90 56.53 -22.65
CA ALA C 41 -0.99 55.28 -23.41
C ALA C 41 -2.15 55.28 -24.40
N ARG C 42 -3.36 55.50 -23.90
CA ARG C 42 -4.55 55.55 -24.75
C ARG C 42 -4.42 56.68 -25.76
N GLY C 43 -3.56 57.66 -25.46
CA GLY C 43 -3.17 58.69 -26.45
C GLY C 43 -2.11 58.25 -27.46
N GLY C 44 -1.84 56.95 -27.50
CA GLY C 44 -0.92 56.34 -28.45
C GLY C 44 0.56 56.63 -28.34
N LEU C 45 1.07 56.76 -27.12
CA LEU C 45 2.51 56.99 -26.92
C LEU C 45 3.12 56.00 -25.94
N HIS C 46 4.39 55.67 -26.18
CA HIS C 46 5.14 54.73 -25.33
C HIS C 46 5.38 55.31 -23.95
N CYS C 47 4.88 54.61 -22.92
CA CYS C 47 4.89 55.14 -21.57
C CYS C 47 5.56 54.23 -20.57
N LEU C 48 6.34 54.78 -19.66
CA LEU C 48 6.95 53.97 -18.60
C LEU C 48 6.53 54.36 -17.17
N LEU C 49 5.74 53.48 -16.53
CA LEU C 49 5.24 53.74 -15.18
C LEU C 49 6.22 53.22 -14.15
N ILE C 50 6.88 54.12 -13.43
CA ILE C 50 7.85 53.71 -12.42
C ILE C 50 7.25 53.90 -11.02
N THR C 51 7.23 52.84 -10.22
CA THR C 51 6.69 52.95 -8.88
C THR C 51 7.34 51.98 -7.90
N SER C 52 7.44 52.43 -6.65
CA SER C 52 8.17 51.72 -5.60
C SER C 52 7.52 50.39 -5.23
N ASP C 53 6.22 50.26 -5.47
CA ASP C 53 5.48 49.06 -5.06
C ASP C 53 4.22 48.75 -5.87
N LEU C 54 4.32 47.73 -6.71
CA LEU C 54 3.21 47.32 -7.57
C LEU C 54 2.06 46.63 -6.83
N SER C 55 2.35 46.11 -5.64
CA SER C 55 1.30 45.57 -4.80
C SER C 55 0.35 46.68 -4.37
N ALA C 56 0.78 47.92 -4.63
CA ALA C 56 0.08 49.09 -4.09
C ALA C 56 -0.39 50.12 -5.10
N VAL C 57 -0.58 49.73 -6.36
CA VAL C 57 -1.09 50.72 -7.30
C VAL C 57 -2.50 51.18 -6.90
N ALA C 58 -2.74 52.48 -7.08
CA ALA C 58 -3.99 53.13 -6.74
C ALA C 58 -4.58 52.76 -5.38
N ARG C 59 -3.71 52.48 -4.42
CA ARG C 59 -4.15 52.13 -3.05
C ARG C 59 -4.89 53.29 -2.41
N MET C 60 -5.99 53.00 -1.73
CA MET C 60 -6.76 54.07 -1.12
C MET C 60 -6.27 54.23 0.32
N SER C 61 -5.26 55.09 0.48
CA SER C 61 -4.58 55.31 1.74
C SER C 61 -5.50 55.77 2.86
N CYS C 62 -6.53 56.52 2.50
CA CYS C 62 -7.40 57.10 3.51
C CYS C 62 -8.86 56.60 3.49
N ASN C 63 -9.73 57.39 2.88
CA ASN C 63 -11.14 57.08 2.77
C ASN C 63 -11.41 55.87 1.90
N PRO C 64 -12.28 54.95 2.36
CA PRO C 64 -12.72 53.82 1.55
C PRO C 64 -13.93 54.20 0.70
N ALA C 65 -13.86 55.38 0.08
CA ALA C 65 -14.98 55.92 -0.69
C ALA C 65 -14.51 56.85 -1.81
N ILE C 66 -15.35 57.00 -2.82
CA ILE C 66 -15.09 57.94 -3.89
C ILE C 66 -16.31 58.83 -4.15
N GLY C 67 -16.06 60.13 -4.24
CA GLY C 67 -17.12 61.09 -4.49
C GLY C 67 -17.43 61.89 -3.25
N GLY C 68 -18.59 62.52 -3.25
CA GLY C 68 -18.98 63.44 -2.20
C GLY C 68 -19.30 64.79 -2.80
N VAL C 69 -19.30 65.83 -1.96
CA VAL C 69 -19.77 67.15 -2.37
C VAL C 69 -19.17 67.64 -3.68
N ALA C 70 -17.91 68.03 -3.72
CA ALA C 70 -17.35 68.45 -5.01
C ALA C 70 -16.74 67.28 -5.77
N LYS C 71 -16.41 66.24 -5.00
CA LYS C 71 -15.66 65.08 -5.48
C LYS C 71 -16.46 64.22 -6.44
N GLY C 72 -17.77 64.14 -6.23
CA GLY C 72 -18.66 63.40 -7.12
C GLY C 72 -18.66 63.98 -8.52
N GLN C 73 -18.86 65.29 -8.61
CA GLN C 73 -18.88 65.97 -9.92
C GLN C 73 -17.56 65.78 -10.63
N ILE C 74 -16.48 65.91 -9.89
CA ILE C 74 -15.15 65.85 -10.46
C ILE C 74 -14.80 64.43 -10.91
N THR C 75 -15.43 63.44 -10.30
CA THR C 75 -15.28 62.06 -10.75
C THR C 75 -15.96 61.83 -12.09
N ARG C 76 -17.23 62.26 -12.19
CA ARG C 76 -18.00 62.14 -13.42
C ARG C 76 -17.35 62.88 -14.58
N GLU C 77 -16.70 64.00 -14.27
CA GLU C 77 -15.97 64.78 -15.28
C GLU C 77 -14.71 64.04 -15.74
N ILE C 78 -14.07 63.32 -14.83
CA ILE C 78 -12.99 62.42 -15.19
C ILE C 78 -13.51 61.35 -16.16
N ASP C 79 -14.66 60.75 -15.84
CA ASP C 79 -15.27 59.75 -16.71
C ASP C 79 -15.56 60.33 -18.07
N ALA C 80 -16.23 61.49 -18.09
CA ALA C 80 -16.61 62.17 -19.33
C ALA C 80 -15.43 62.40 -20.27
N LEU C 81 -14.25 62.64 -19.71
CA LEU C 81 -13.05 62.86 -20.50
C LEU C 81 -12.35 61.57 -20.93
N GLY C 82 -12.77 60.44 -20.37
CA GLY C 82 -12.22 59.13 -20.74
C GLY C 82 -11.22 58.59 -19.74
N GLY C 83 -11.45 58.90 -18.47
CA GLY C 83 -10.59 58.43 -17.37
C GLY C 83 -11.14 57.20 -16.69
N GLU C 84 -10.36 56.61 -15.80
CA GLU C 84 -10.76 55.34 -15.25
C GLU C 84 -11.59 55.45 -14.01
N MET C 85 -11.31 56.46 -13.18
CA MET C 85 -11.87 56.54 -11.81
C MET C 85 -13.38 56.33 -11.74
N GLY C 86 -14.09 56.80 -12.75
CA GLY C 86 -15.53 56.62 -12.86
C GLY C 86 -15.89 55.16 -12.98
N LYS C 87 -15.33 54.50 -14.00
CA LYS C 87 -15.55 53.07 -14.21
C LYS C 87 -15.15 52.23 -13.00
N ALA C 88 -14.00 52.56 -12.41
CA ALA C 88 -13.46 51.81 -11.29
C ALA C 88 -14.42 51.73 -10.14
N ILE C 89 -15.10 52.83 -9.82
CA ILE C 89 -16.00 52.83 -8.65
C ILE C 89 -17.34 52.16 -8.95
N ASP C 90 -17.73 52.13 -10.22
CA ASP C 90 -18.92 51.42 -10.62
C ASP C 90 -18.64 49.92 -10.56
N ALA C 91 -17.40 49.56 -10.86
CA ALA C 91 -16.94 48.18 -10.88
C ALA C 91 -16.78 47.63 -9.47
N THR C 92 -16.50 48.52 -8.52
CA THR C 92 -15.99 48.16 -7.22
C THR C 92 -16.80 48.73 -6.05
N GLY C 93 -17.90 49.41 -6.34
CA GLY C 93 -18.72 50.01 -5.28
C GLY C 93 -19.29 49.01 -4.31
N ILE C 94 -19.51 49.46 -3.08
CA ILE C 94 -20.05 48.64 -2.01
C ILE C 94 -21.39 49.18 -1.54
N GLN C 95 -21.51 50.50 -1.40
CA GLN C 95 -22.82 51.15 -1.27
C GLN C 95 -22.82 52.45 -2.06
N PHE C 96 -23.84 52.65 -2.88
CA PHE C 96 -23.98 53.89 -3.63
C PHE C 96 -25.03 54.78 -2.98
N ARG C 97 -24.66 56.05 -2.83
CA ARG C 97 -25.52 57.02 -2.17
C ARG C 97 -25.31 58.41 -2.74
N MET C 98 -26.39 58.99 -3.25
CA MET C 98 -26.40 60.37 -3.74
C MET C 98 -26.61 61.33 -2.56
N LEU C 99 -25.74 62.33 -2.44
CA LEU C 99 -25.83 63.32 -1.37
C LEU C 99 -26.63 64.53 -1.82
N ASN C 100 -27.28 65.18 -0.86
CA ASN C 100 -28.11 66.36 -1.13
C ASN C 100 -29.27 66.03 -2.07
N ARG C 101 -30.18 65.19 -1.58
CA ARG C 101 -31.29 64.71 -2.40
C ARG C 101 -32.39 65.75 -2.49
N SER C 102 -32.69 66.38 -1.36
CA SER C 102 -33.76 67.39 -1.26
C SER C 102 -33.41 68.71 -1.95
N LYS C 103 -32.10 68.95 -2.10
CA LYS C 103 -31.59 70.13 -2.75
C LYS C 103 -31.67 69.96 -4.27
N GLY C 104 -31.19 70.94 -5.03
CA GLY C 104 -31.37 70.92 -6.48
C GLY C 104 -30.31 70.16 -7.25
N PRO C 105 -30.54 69.97 -8.57
CA PRO C 105 -29.59 69.38 -9.53
C PRO C 105 -28.14 69.83 -9.40
N ALA C 106 -27.94 71.08 -8.97
CA ALA C 106 -26.61 71.62 -8.77
C ALA C 106 -25.99 71.09 -7.50
N MET C 107 -26.85 70.67 -6.57
CA MET C 107 -26.43 70.19 -5.24
C MET C 107 -26.29 68.66 -5.14
N HIS C 108 -26.98 67.94 -6.03
CA HIS C 108 -26.90 66.48 -6.12
C HIS C 108 -25.47 66.05 -6.34
N SER C 109 -24.96 65.27 -5.39
CA SER C 109 -23.56 64.83 -5.39
C SER C 109 -23.40 63.32 -5.20
N PRO C 110 -22.91 62.64 -6.24
CA PRO C 110 -22.77 61.20 -6.23
C PRO C 110 -21.58 60.74 -5.41
N ARG C 111 -21.78 59.68 -4.63
CA ARG C 111 -20.77 59.16 -3.72
C ARG C 111 -21.01 57.67 -3.41
N ALA C 112 -19.96 56.88 -3.49
CA ALA C 112 -20.04 55.45 -3.18
C ALA C 112 -18.88 54.98 -2.29
N GLN C 113 -19.14 53.97 -1.46
CA GLN C 113 -18.07 53.27 -0.74
C GLN C 113 -17.35 52.31 -1.66
N ALA C 114 -16.02 52.25 -1.58
CA ALA C 114 -15.25 51.36 -2.42
C ALA C 114 -14.80 50.14 -1.63
N ASP C 115 -14.56 49.03 -2.30
CA ASP C 115 -13.81 47.96 -1.68
C ASP C 115 -12.35 48.33 -1.91
N LYS C 116 -11.69 48.80 -0.86
CA LYS C 116 -10.38 49.45 -1.01
C LYS C 116 -9.47 48.57 -1.81
N THR C 117 -9.39 47.32 -1.36
CA THR C 117 -8.48 46.36 -1.96
C THR C 117 -8.90 45.99 -3.39
N GLN C 118 -10.20 45.87 -3.61
CA GLN C 118 -10.74 45.50 -4.90
C GLN C 118 -10.62 46.64 -5.91
N TYR C 119 -10.67 47.87 -5.39
CA TYR C 119 -10.52 49.07 -6.21
C TYR C 119 -9.12 49.10 -6.78
N SER C 120 -8.15 48.91 -5.90
CA SER C 120 -6.74 48.93 -6.27
C SER C 120 -6.43 47.87 -7.28
N LEU C 121 -7.04 46.70 -7.10
CA LEU C 121 -6.81 45.57 -8.00
C LEU C 121 -7.33 45.89 -9.39
N TYR C 122 -8.50 46.49 -9.45
CA TYR C 122 -9.11 46.89 -10.70
C TYR C 122 -8.20 47.85 -11.45
N MET C 123 -7.72 48.87 -10.76
CA MET C 123 -6.88 49.90 -11.38
C MET C 123 -5.60 49.34 -11.96
N ARG C 124 -5.02 48.35 -11.28
CA ARG C 124 -3.82 47.70 -11.78
C ARG C 124 -4.14 46.93 -13.04
N ARG C 125 -5.21 46.16 -12.94
CA ARG C 125 -5.68 45.33 -14.02
C ARG C 125 -5.76 46.14 -15.29
N ILE C 126 -6.34 47.34 -15.22
CA ILE C 126 -6.54 48.20 -16.40
C ILE C 126 -5.22 48.72 -16.96
N VAL C 127 -4.34 49.21 -16.07
CA VAL C 127 -3.02 49.68 -16.44
C VAL C 127 -2.19 48.57 -17.10
N GLU C 128 -2.33 47.34 -16.60
CA GLU C 128 -1.60 46.19 -17.14
C GLU C 128 -2.12 45.69 -18.52
N HIS C 129 -3.36 46.06 -18.88
CA HIS C 129 -3.96 45.59 -20.12
C HIS C 129 -3.85 46.63 -21.23
N GLU C 130 -3.11 47.70 -20.93
CA GLU C 130 -2.83 48.74 -21.90
C GLU C 130 -1.42 48.55 -22.47
N PRO C 131 -1.33 48.13 -23.75
CA PRO C 131 -0.09 47.71 -24.40
C PRO C 131 1.03 48.75 -24.37
N ASN C 132 0.67 50.03 -24.41
CA ASN C 132 1.67 51.09 -24.50
C ASN C 132 2.47 51.34 -23.22
N ILE C 133 1.91 50.97 -22.07
CA ILE C 133 2.55 51.12 -20.78
C ILE C 133 3.51 49.96 -20.48
N ASP C 134 4.81 50.24 -20.34
CA ASP C 134 5.73 49.28 -19.76
C ASP C 134 5.77 49.64 -18.28
N LEU C 135 6.10 48.66 -17.43
CA LEU C 135 6.13 48.86 -15.98
C LEU C 135 7.53 48.68 -15.44
N LEU C 136 7.86 49.42 -14.39
CA LEU C 136 9.10 49.18 -13.64
C LEU C 136 8.92 49.46 -12.14
N GLN C 137 9.40 48.53 -11.33
CA GLN C 137 9.39 48.69 -9.88
C GLN C 137 10.74 49.18 -9.39
N ASP C 138 10.83 50.50 -9.19
CA ASP C 138 12.03 51.14 -8.64
C ASP C 138 11.60 52.48 -8.04
N THR C 139 12.50 53.13 -7.30
CA THR C 139 12.21 54.43 -6.74
C THR C 139 13.08 55.46 -7.44
N VAL C 140 12.48 56.59 -7.80
CA VAL C 140 13.19 57.68 -8.46
C VAL C 140 13.81 58.59 -7.40
N ILE C 141 15.13 58.76 -7.45
CA ILE C 141 15.88 59.58 -6.48
C ILE C 141 16.44 60.87 -7.08
N GLY C 142 16.05 61.15 -8.32
CA GLY C 142 16.54 62.33 -9.01
C GLY C 142 16.02 62.47 -10.43
N VAL C 143 15.83 63.72 -10.85
CA VAL C 143 15.53 64.04 -12.24
C VAL C 143 16.60 64.96 -12.82
N SER C 144 17.16 64.53 -13.94
CA SER C 144 18.24 65.26 -14.60
C SER C 144 17.65 66.11 -15.73
N ALA C 145 18.25 67.27 -15.98
CA ALA C 145 17.74 68.20 -17.01
C ALA C 145 18.85 69.05 -17.65
N ASN C 146 18.79 69.20 -18.98
CA ASN C 146 19.80 69.97 -19.71
C ASN C 146 19.27 71.31 -20.20
N SER C 147 19.91 72.39 -19.74
CA SER C 147 19.53 73.77 -20.10
C SER C 147 18.03 74.07 -19.96
N GLY C 148 17.46 73.61 -18.84
CA GLY C 148 16.08 73.96 -18.48
C GLY C 148 14.98 73.14 -19.12
N LYS C 149 15.35 72.06 -19.81
CA LYS C 149 14.37 71.14 -20.38
C LYS C 149 14.67 69.71 -19.95
N PHE C 150 13.60 68.96 -19.64
CA PHE C 150 13.71 67.59 -19.12
C PHE C 150 14.51 66.67 -20.04
N SER C 151 15.31 65.81 -19.43
CA SER C 151 16.10 64.82 -20.17
C SER C 151 15.93 63.39 -19.61
N SER C 152 16.24 63.20 -18.34
CA SER C 152 16.21 61.87 -17.75
C SER C 152 15.86 61.84 -16.27
N VAL C 153 15.86 60.64 -15.71
CA VAL C 153 15.40 60.40 -14.35
C VAL C 153 16.27 59.33 -13.69
N THR C 154 16.78 59.62 -12.50
CA THR C 154 17.70 58.73 -11.81
C THR C 154 16.98 57.84 -10.81
N VAL C 155 17.12 56.53 -11.01
CA VAL C 155 16.57 55.54 -10.11
C VAL C 155 17.59 55.17 -9.06
N ARG C 156 17.16 54.46 -8.02
CA ARG C 156 18.00 54.17 -6.85
C ARG C 156 19.36 53.59 -7.20
N SER C 157 19.38 52.69 -8.18
CA SER C 157 20.60 52.05 -8.65
C SER C 157 21.60 53.07 -9.20
N GLY C 158 21.10 54.24 -9.59
CA GLY C 158 21.94 55.28 -10.18
C GLY C 158 21.91 55.26 -11.69
N ARG C 159 21.02 54.46 -12.27
CA ARG C 159 20.76 54.51 -13.70
C ARG C 159 20.07 55.81 -14.04
N ALA C 160 20.27 56.29 -15.27
CA ALA C 160 19.45 57.35 -15.82
C ALA C 160 18.50 56.71 -16.80
N ILE C 161 17.23 57.07 -16.76
CA ILE C 161 16.26 56.55 -17.72
C ILE C 161 15.73 57.72 -18.55
N GLN C 162 15.99 57.65 -19.85
CA GLN C 162 15.78 58.77 -20.75
C GLN C 162 14.37 58.81 -21.29
N ALA C 163 13.80 60.02 -21.35
CA ALA C 163 12.42 60.24 -21.80
C ALA C 163 12.20 61.64 -22.35
N LYS C 164 11.16 61.79 -23.16
CA LYS C 164 10.86 63.08 -23.79
C LYS C 164 10.11 64.01 -22.84
N ALA C 165 9.33 63.44 -21.92
CA ALA C 165 8.53 64.22 -20.97
C ALA C 165 8.14 63.37 -19.77
N ALA C 166 8.17 63.94 -18.56
CA ALA C 166 7.90 63.17 -17.33
C ALA C 166 6.86 63.78 -16.37
N ILE C 167 5.91 62.95 -15.96
CA ILE C 167 4.90 63.33 -14.97
C ILE C 167 5.33 62.85 -13.58
N LEU C 168 5.38 63.75 -12.61
CA LEU C 168 5.69 63.38 -11.24
C LEU C 168 4.42 63.32 -10.39
N ALA C 169 4.16 62.16 -9.81
CA ALA C 169 2.93 61.94 -9.08
C ALA C 169 3.23 61.15 -7.81
N CYS C 170 3.88 61.81 -6.85
CA CYS C 170 4.51 61.11 -5.73
C CYS C 170 3.69 61.05 -4.45
N GLY C 171 2.51 61.64 -4.48
CA GLY C 171 1.65 61.65 -3.30
C GLY C 171 2.37 62.14 -2.05
N THR C 172 2.21 61.41 -0.95
CA THR C 172 2.76 61.84 0.32
C THR C 172 4.12 61.22 0.63
N PHE C 173 4.79 60.69 -0.38
CA PHE C 173 6.01 59.91 -0.15
C PHE C 173 7.32 60.66 -0.02
N LEU C 174 7.38 61.89 -0.52
CA LEU C 174 8.61 62.66 -0.54
C LEU C 174 9.02 63.11 0.87
N ASN C 175 10.04 62.43 1.42
CA ASN C 175 10.46 62.60 2.82
C ASN C 175 9.28 62.59 3.78
N GLY C 176 8.50 61.52 3.72
CA GLY C 176 7.30 61.37 4.54
C GLY C 176 7.65 61.10 5.98
N LEU C 177 6.78 61.53 6.89
CA LEU C 177 6.97 61.33 8.31
C LEU C 177 5.61 61.05 8.94
N ILE C 178 5.53 59.98 9.74
CA ILE C 178 4.29 59.60 10.39
C ILE C 178 4.24 60.17 11.81
N HIS C 179 3.14 60.82 12.16
CA HIS C 179 3.02 61.45 13.48
C HIS C 179 1.89 60.85 14.31
N ILE C 180 2.25 60.06 15.32
CA ILE C 180 1.28 59.67 16.35
C ILE C 180 1.67 60.31 17.68
N GLY C 181 0.96 61.39 18.01
CA GLY C 181 1.27 62.16 19.20
C GLY C 181 2.64 62.81 19.16
N MET C 182 3.54 62.34 20.03
CA MET C 182 4.83 62.97 20.22
C MET C 182 5.98 62.28 19.49
N ASP C 183 5.83 60.98 19.21
CA ASP C 183 6.83 60.24 18.44
C ASP C 183 6.49 60.18 16.97
N HIS C 184 7.53 60.06 16.15
CA HIS C 184 7.40 60.10 14.71
C HIS C 184 8.35 59.12 14.04
N PHE C 185 7.82 58.41 13.06
CA PHE C 185 8.57 57.38 12.35
C PHE C 185 8.67 57.73 10.87
N PRO C 186 9.74 57.27 10.21
CA PRO C 186 9.79 57.35 8.74
C PRO C 186 8.66 56.52 8.15
N GLY C 187 8.20 56.92 6.97
CA GLY C 187 7.05 56.26 6.35
C GLY C 187 6.37 57.21 5.39
N GLY C 188 6.10 56.74 4.19
CA GLY C 188 5.57 57.60 3.14
C GLY C 188 4.05 57.72 3.11
N ARG C 189 3.37 56.59 3.25
CA ARG C 189 1.90 56.58 3.24
C ARG C 189 1.42 56.11 4.59
N SER C 190 1.81 54.88 4.91
CA SER C 190 1.73 54.41 6.26
C SER C 190 3.14 54.09 6.72
N THR C 191 3.26 53.81 8.02
CA THR C 191 4.48 53.26 8.61
C THR C 191 5.01 52.10 7.77
N ALA C 192 4.09 51.42 7.07
CA ALA C 192 4.38 50.25 6.26
C ALA C 192 5.14 50.54 4.96
N GLU C 193 5.29 51.82 4.63
CA GLU C 193 5.99 52.22 3.41
C GLU C 193 7.24 53.02 3.72
N PRO C 194 8.35 52.74 3.00
CA PRO C 194 9.54 53.59 3.11
C PRO C 194 9.32 54.92 2.40
N PRO C 195 9.77 56.04 3.00
CA PRO C 195 9.68 57.33 2.29
C PRO C 195 10.76 57.45 1.23
N VAL C 196 10.51 58.29 0.23
CA VAL C 196 11.49 58.61 -0.82
C VAL C 196 12.38 59.76 -0.34
N GLU C 197 13.69 59.64 -0.55
CA GLU C 197 14.62 60.61 0.03
C GLU C 197 15.46 61.44 -0.94
N GLY C 198 15.90 60.84 -2.03
CA GLY C 198 16.77 61.55 -2.97
C GLY C 198 16.15 62.72 -3.71
N LEU C 199 14.95 62.50 -4.25
CA LEU C 199 14.32 63.35 -5.27
C LEU C 199 14.09 64.82 -4.90
N THR C 200 13.67 65.08 -3.66
CA THR C 200 13.27 66.42 -3.24
C THR C 200 14.45 67.41 -3.27
N GLU C 201 15.63 66.91 -2.89
CA GLU C 201 16.86 67.70 -2.91
C GLU C 201 17.33 67.92 -4.34
N SER C 202 17.12 66.92 -5.18
CA SER C 202 17.47 66.97 -6.60
C SER C 202 16.61 67.96 -7.38
N LEU C 203 15.34 68.10 -6.98
CA LEU C 203 14.43 69.05 -7.61
C LEU C 203 14.68 70.48 -7.16
N ALA C 204 14.95 70.65 -5.85
CA ALA C 204 15.37 71.93 -5.29
C ALA C 204 16.64 72.41 -5.99
N SER C 205 17.53 71.46 -6.28
CA SER C 205 18.74 71.68 -7.06
C SER C 205 18.45 72.28 -8.45
N LEU C 206 17.32 71.92 -9.04
CA LEU C 206 16.92 72.43 -10.35
C LEU C 206 16.12 73.73 -10.25
N GLY C 207 16.13 74.34 -9.05
CA GLY C 207 15.46 75.61 -8.83
C GLY C 207 13.99 75.49 -8.46
N PHE C 208 13.68 74.55 -7.56
CA PHE C 208 12.32 74.38 -7.07
C PHE C 208 12.25 74.66 -5.59
N SER C 209 11.32 75.54 -5.21
CA SER C 209 11.02 75.75 -3.81
C SER C 209 10.02 74.69 -3.36
N PHE C 210 10.07 74.33 -2.09
CA PHE C 210 9.18 73.32 -1.54
C PHE C 210 8.88 73.57 -0.06
N GLY C 211 7.68 73.20 0.36
CA GLY C 211 7.29 73.33 1.76
C GLY C 211 6.96 71.96 2.34
N ARG C 212 6.20 71.97 3.43
CA ARG C 212 5.77 70.74 4.06
C ARG C 212 4.32 70.85 4.48
N LEU C 213 3.55 69.81 4.19
CA LEU C 213 2.17 69.74 4.63
C LEU C 213 1.92 68.55 5.53
N LYS C 214 0.89 68.66 6.37
CA LYS C 214 0.46 67.57 7.23
C LYS C 214 -1.01 67.25 6.93
N THR C 215 -1.32 65.97 6.78
CA THR C 215 -2.73 65.53 6.64
C THR C 215 -2.99 64.29 7.49
N GLY C 216 -4.21 64.17 8.01
CA GLY C 216 -4.55 63.08 8.91
C GLY C 216 -5.45 61.99 8.38
N THR C 217 -5.30 60.80 8.94
CA THR C 217 -6.23 59.70 8.67
C THR C 217 -6.77 59.16 10.00
N PRO C 218 -8.06 58.74 10.01
CA PRO C 218 -8.63 58.21 11.25
C PRO C 218 -8.23 56.75 11.48
N PRO C 219 -8.37 56.27 12.73
CA PRO C 219 -8.02 54.89 13.07
C PRO C 219 -8.98 53.89 12.44
N ARG C 220 -8.55 52.63 12.33
CA ARG C 220 -9.41 51.55 11.84
C ARG C 220 -9.73 50.62 12.97
N ILE C 221 -10.95 50.11 12.97
CA ILE C 221 -11.43 49.27 14.07
C ILE C 221 -11.99 47.95 13.54
N ASP C 222 -12.07 46.96 14.43
CA ASP C 222 -12.57 45.64 14.09
C ASP C 222 -14.09 45.72 14.08
N SER C 223 -14.72 45.36 12.95
CA SER C 223 -16.20 45.47 12.82
C SER C 223 -16.88 44.75 13.95
N ARG C 224 -16.38 43.56 14.26
CA ARG C 224 -17.00 42.66 15.21
C ARG C 224 -17.05 43.25 16.62
N SER C 225 -16.21 44.26 16.88
CA SER C 225 -16.16 44.91 18.19
C SER C 225 -17.16 46.07 18.32
N VAL C 226 -18.04 46.20 17.32
CA VAL C 226 -19.03 47.26 17.29
C VAL C 226 -20.35 46.75 17.82
N ASP C 227 -21.04 47.61 18.56
CA ASP C 227 -22.34 47.31 19.12
C ASP C 227 -23.47 47.68 18.15
N TYR C 228 -23.90 46.72 17.35
CA TYR C 228 -24.93 46.96 16.32
C TYR C 228 -26.35 47.09 16.87
N THR C 229 -26.47 47.30 18.17
CA THR C 229 -27.74 47.59 18.83
C THR C 229 -27.97 49.09 18.91
N ILE C 230 -26.89 49.84 19.09
CA ILE C 230 -26.96 51.28 19.29
C ILE C 230 -26.74 52.04 17.98
N VAL C 231 -25.69 51.66 17.26
CA VAL C 231 -25.34 52.30 15.99
C VAL C 231 -26.46 52.16 14.97
N THR C 232 -26.83 53.26 14.32
CA THR C 232 -27.89 53.26 13.30
C THR C 232 -27.36 52.99 11.88
N GLU C 233 -27.97 52.01 11.23
CA GLU C 233 -27.56 51.51 9.91
C GLU C 233 -28.01 52.43 8.80
N GLN C 234 -27.12 52.67 7.83
CA GLN C 234 -27.41 53.54 6.70
C GLN C 234 -27.17 52.83 5.36
N PRO C 235 -28.22 52.20 4.80
CA PRO C 235 -28.13 51.44 3.55
C PRO C 235 -27.95 52.35 2.35
N GLY C 236 -27.39 51.82 1.26
CA GLY C 236 -27.33 52.56 -0.01
C GLY C 236 -28.72 52.77 -0.56
N ASP C 237 -28.94 53.85 -1.29
CA ASP C 237 -30.31 54.16 -1.70
C ASP C 237 -30.83 53.28 -2.83
N VAL C 238 -32.10 52.90 -2.71
CA VAL C 238 -32.80 52.15 -3.74
C VAL C 238 -32.72 52.93 -5.05
N ASP C 239 -32.24 52.27 -6.09
CA ASP C 239 -32.08 52.89 -7.42
C ASP C 239 -30.93 53.91 -7.43
N PRO C 240 -29.69 53.43 -7.29
CA PRO C 240 -28.51 54.28 -7.17
C PRO C 240 -28.04 54.83 -8.51
N VAL C 241 -27.10 55.77 -8.47
CA VAL C 241 -26.62 56.45 -9.68
C VAL C 241 -25.18 56.10 -10.05
N PRO C 242 -24.97 55.58 -11.28
CA PRO C 242 -23.65 55.24 -11.79
C PRO C 242 -22.80 56.48 -12.04
N PHE C 243 -21.53 56.40 -11.66
CA PHE C 243 -20.59 57.45 -11.95
C PHE C 243 -20.30 57.50 -13.41
N SER C 244 -19.99 56.34 -14.00
CA SER C 244 -19.65 56.28 -15.40
C SER C 244 -20.87 56.38 -16.30
N PHE C 245 -20.74 57.16 -17.36
CA PHE C 245 -21.82 57.28 -18.35
C PHE C 245 -21.87 56.02 -19.20
N SER C 246 -20.81 55.22 -19.12
CA SER C 246 -20.71 53.95 -19.85
C SER C 246 -21.39 52.81 -19.11
N SER C 247 -21.40 52.88 -17.78
CA SER C 247 -22.09 51.90 -16.96
C SER C 247 -23.59 51.97 -17.19
N THR C 248 -24.27 50.87 -16.89
CA THR C 248 -25.70 50.78 -17.14
C THR C 248 -26.51 50.61 -15.85
N SER C 249 -25.98 49.86 -14.91
CA SER C 249 -26.60 49.69 -13.60
C SER C 249 -25.51 49.61 -12.55
N VAL C 250 -25.88 49.92 -11.32
CA VAL C 250 -25.04 49.69 -10.15
C VAL C 250 -25.98 49.20 -9.06
N ALA C 251 -27.13 48.69 -9.50
CA ALA C 251 -28.20 48.24 -8.60
C ALA C 251 -27.69 47.12 -7.69
N ASN C 252 -27.03 46.13 -8.29
CA ASN C 252 -26.48 45.00 -7.53
C ASN C 252 -25.30 45.37 -6.64
N ARG C 253 -24.71 46.53 -6.85
CA ARG C 253 -23.50 46.94 -6.13
C ARG C 253 -23.79 47.57 -4.77
N ASN C 254 -24.99 47.35 -4.23
CA ASN C 254 -25.32 47.73 -2.86
C ASN C 254 -25.09 46.59 -1.90
N LEU C 255 -23.82 46.37 -1.57
CA LEU C 255 -23.42 45.14 -0.88
C LEU C 255 -23.19 45.30 0.62
N VAL C 256 -22.67 46.44 1.05
CA VAL C 256 -22.55 46.75 2.47
C VAL C 256 -23.22 48.08 2.77
N SER C 257 -23.66 48.26 4.01
CA SER C 257 -24.12 49.57 4.44
C SER C 257 -23.22 50.13 5.53
N CYS C 258 -23.26 51.44 5.68
CA CYS C 258 -22.46 52.18 6.67
C CYS C 258 -23.23 52.38 7.96
N TYR C 259 -22.58 52.98 8.95
CA TYR C 259 -23.13 53.00 10.29
C TYR C 259 -22.90 54.34 10.97
N LEU C 260 -23.99 55.02 11.33
CA LEU C 260 -23.91 56.37 11.87
C LEU C 260 -23.85 56.40 13.39
N THR C 261 -23.00 57.27 13.93
CA THR C 261 -23.01 57.65 15.34
C THR C 261 -22.53 59.10 15.52
N LYS C 262 -22.69 59.59 16.73
CA LYS C 262 -22.28 60.94 17.11
C LYS C 262 -21.42 60.86 18.38
N THR C 263 -20.61 61.89 18.64
CA THR C 263 -19.76 61.93 19.82
C THR C 263 -20.44 62.61 21.01
N THR C 264 -19.95 62.31 22.23
CA THR C 264 -20.47 62.88 23.47
C THR C 264 -19.57 64.00 23.97
N GLU C 265 -20.15 64.92 24.76
CA GLU C 265 -19.38 65.89 25.55
C GLU C 265 -18.21 65.22 26.27
N LYS C 266 -18.43 63.97 26.68
CA LYS C 266 -17.44 63.16 27.39
C LYS C 266 -16.29 62.72 26.47
N THR C 267 -16.59 62.52 25.19
CA THR C 267 -15.55 62.21 24.21
C THR C 267 -14.57 63.37 24.11
N HIS C 268 -15.12 64.57 24.04
CA HIS C 268 -14.34 65.80 23.87
C HIS C 268 -13.39 66.08 25.03
N ASP C 269 -13.84 65.77 26.25
CA ASP C 269 -12.99 65.92 27.43
C ASP C 269 -11.75 65.05 27.30
N ILE C 270 -11.95 63.79 26.89
CA ILE C 270 -10.87 62.82 26.81
C ILE C 270 -9.82 63.29 25.79
N LEU C 271 -10.28 63.92 24.72
CA LEU C 271 -9.40 64.34 23.63
C LEU C 271 -8.61 65.63 23.90
N ARG C 272 -9.16 66.50 24.74
CA ARG C 272 -8.48 67.77 25.10
C ARG C 272 -7.13 67.53 25.76
N THR C 273 -7.01 66.40 26.46
CA THR C 273 -5.76 65.93 27.06
C THR C 273 -4.56 66.02 26.11
N GLY C 274 -4.70 65.51 24.90
CA GLY C 274 -3.56 65.39 24.00
C GLY C 274 -3.31 66.52 23.03
N PHE C 275 -4.07 67.62 23.17
CA PHE C 275 -4.04 68.70 22.17
C PHE C 275 -2.63 69.22 21.87
N ASP C 276 -1.88 69.52 22.94
CA ASP C 276 -0.54 70.10 22.80
C ASP C 276 0.55 69.13 22.31
N ARG C 277 0.20 67.85 22.18
CA ARG C 277 1.11 66.86 21.60
C ARG C 277 0.87 66.66 20.11
N SER C 278 -0.41 66.64 19.72
CA SER C 278 -0.83 66.35 18.34
C SER C 278 -0.39 67.42 17.33
N PRO C 279 0.47 67.04 16.37
CA PRO C 279 1.01 68.01 15.43
C PRO C 279 0.03 68.32 14.27
N LEU C 280 -1.27 68.18 14.53
CA LEU C 280 -2.29 68.68 13.60
C LEU C 280 -3.12 69.79 14.24
N PHE C 281 -3.11 69.83 15.57
CA PHE C 281 -3.78 70.90 16.32
C PHE C 281 -3.27 72.27 15.86
N THR C 282 -4.20 73.11 15.40
CA THR C 282 -3.85 74.39 14.75
C THR C 282 -4.50 75.65 15.36
N GLY C 283 -3.66 76.65 15.62
CA GLY C 283 -4.08 77.94 16.15
C GLY C 283 -4.51 77.87 17.60
N CYS C 293 -11.21 71.32 7.10
CA CYS C 293 -10.12 71.33 8.10
C CYS C 293 -9.80 69.94 8.72
N PRO C 294 -8.50 69.65 8.96
CA PRO C 294 -8.03 68.27 9.04
C PRO C 294 -7.76 67.77 10.45
N SER C 295 -8.82 67.54 11.23
CA SER C 295 -8.67 66.98 12.57
C SER C 295 -10.00 66.79 13.26
N ILE C 296 -9.98 65.99 14.32
CA ILE C 296 -11.08 65.95 15.25
C ILE C 296 -10.66 66.89 16.37
N GLU C 297 -9.35 67.03 16.54
CA GLU C 297 -8.77 67.95 17.52
C GLU C 297 -9.14 69.38 17.16
N ASP C 298 -8.84 69.73 15.91
CA ASP C 298 -9.13 71.04 15.34
C ASP C 298 -10.64 71.35 15.43
N LYS C 299 -11.46 70.36 15.05
CA LYS C 299 -12.92 70.50 15.08
C LYS C 299 -13.45 70.92 16.47
N ILE C 300 -13.11 70.17 17.51
CA ILE C 300 -13.54 70.46 18.88
C ILE C 300 -12.96 71.79 19.36
N SER C 301 -11.76 72.13 18.89
CA SER C 301 -11.10 73.37 19.26
C SER C 301 -11.81 74.59 18.68
N ARG C 302 -12.04 74.58 17.36
CA ARG C 302 -12.70 75.69 16.66
C ARG C 302 -14.21 75.76 16.94
N PHE C 303 -14.81 74.63 17.35
CA PHE C 303 -16.24 74.59 17.68
C PHE C 303 -16.54 73.94 19.04
N PRO C 304 -16.20 74.62 20.16
CA PRO C 304 -16.47 74.04 21.47
C PRO C 304 -17.91 74.22 21.92
N ASP C 305 -18.72 74.89 21.09
CA ASP C 305 -20.14 75.14 21.38
C ASP C 305 -21.06 73.98 21.02
N LYS C 306 -20.74 73.29 19.93
CA LYS C 306 -21.44 72.06 19.58
C LYS C 306 -21.03 70.94 20.53
N SER C 307 -22.01 70.36 21.21
CA SER C 307 -21.78 69.31 22.19
C SER C 307 -21.80 67.92 21.56
N SER C 308 -21.73 67.87 20.23
CA SER C 308 -21.77 66.63 19.45
C SER C 308 -21.13 66.80 18.06
N HIS C 309 -20.53 65.72 17.56
CA HIS C 309 -19.97 65.67 16.20
C HIS C 309 -20.25 64.32 15.54
N HIS C 310 -20.49 64.34 14.23
CA HIS C 310 -20.86 63.14 13.49
C HIS C 310 -19.66 62.24 13.22
N ILE C 311 -19.86 60.93 13.37
CA ILE C 311 -18.88 59.95 12.90
C ILE C 311 -19.55 58.84 12.08
N PHE C 312 -18.94 58.47 10.95
CA PHE C 312 -19.47 57.43 10.08
C PHE C 312 -18.57 56.21 10.09
N LEU C 313 -19.10 55.08 10.49
CA LEU C 313 -18.34 53.83 10.46
C LEU C 313 -18.54 53.17 9.11
N GLU C 314 -17.45 53.00 8.37
CA GLU C 314 -17.51 52.48 7.01
C GLU C 314 -16.66 51.23 6.86
N PRO C 315 -17.30 50.09 6.51
CA PRO C 315 -16.56 48.88 6.15
C PRO C 315 -15.64 49.16 4.96
N GLU C 316 -14.46 48.56 4.97
CA GLU C 316 -13.46 48.79 3.93
C GLU C 316 -13.53 47.76 2.80
N GLY C 317 -14.38 46.76 2.99
CA GLY C 317 -14.55 45.72 2.01
C GLY C 317 -15.79 44.90 2.29
N THR C 318 -16.21 44.09 1.32
CA THR C 318 -17.40 43.27 1.49
C THR C 318 -17.18 42.18 2.52
N ASP C 319 -15.95 41.66 2.59
CA ASP C 319 -15.59 40.70 3.67
C ASP C 319 -14.18 40.89 4.23
N THR C 320 -13.93 42.13 4.66
CA THR C 320 -12.85 42.39 5.58
C THR C 320 -13.48 42.75 6.93
N VAL C 321 -12.70 42.69 7.98
CA VAL C 321 -13.20 43.04 9.29
C VAL C 321 -12.73 44.47 9.62
N GLU C 322 -11.95 45.04 8.70
CA GLU C 322 -11.37 46.36 8.91
C GLU C 322 -12.37 47.45 8.61
N MET C 323 -12.50 48.41 9.53
CA MET C 323 -13.52 49.45 9.42
C MET C 323 -12.97 50.85 9.67
N TYR C 324 -13.30 51.75 8.76
CA TYR C 324 -12.84 53.14 8.78
C TYR C 324 -13.74 54.00 9.65
N VAL C 325 -13.15 54.80 10.54
CA VAL C 325 -13.94 55.67 11.40
C VAL C 325 -13.90 57.11 10.88
N ASN C 326 -14.79 57.41 9.93
CA ASN C 326 -14.87 58.73 9.31
C ASN C 326 -15.17 59.88 10.27
N GLY C 327 -14.55 61.03 10.01
CA GLY C 327 -14.73 62.22 10.86
C GLY C 327 -13.99 62.18 12.19
N PHE C 328 -13.05 61.25 12.30
CA PHE C 328 -12.20 61.11 13.47
C PHE C 328 -10.72 61.10 13.07
N SER C 329 -10.35 61.93 12.09
CA SER C 329 -8.95 62.13 11.72
C SER C 329 -8.20 62.72 12.91
N THR C 330 -7.06 62.11 13.25
CA THR C 330 -6.40 62.42 14.51
C THR C 330 -4.89 62.17 14.51
N SER C 331 -4.19 62.94 15.35
CA SER C 331 -2.77 62.76 15.59
C SER C 331 -2.47 62.61 17.07
N LEU C 332 -3.52 62.39 17.86
CA LEU C 332 -3.38 62.25 19.30
C LEU C 332 -2.56 61.00 19.67
N PRO C 333 -1.96 60.98 20.88
CA PRO C 333 -1.19 59.80 21.28
C PRO C 333 -2.03 58.53 21.18
N GLU C 334 -1.40 57.45 20.70
CA GLU C 334 -2.07 56.16 20.50
C GLU C 334 -3.03 55.78 21.64
N ASP C 335 -2.58 55.94 22.88
CA ASP C 335 -3.38 55.55 24.06
C ASP C 335 -4.61 56.44 24.33
N ILE C 336 -4.55 57.69 23.89
CA ILE C 336 -5.68 58.62 24.07
C ILE C 336 -6.78 58.37 23.03
N GLN C 337 -6.38 57.93 21.84
CA GLN C 337 -7.31 57.63 20.75
C GLN C 337 -8.33 56.57 21.16
N ILE C 338 -7.85 55.42 21.66
CA ILE C 338 -8.72 54.32 22.04
C ILE C 338 -9.66 54.76 23.15
N ALA C 339 -9.10 55.54 24.08
CA ALA C 339 -9.86 56.09 25.20
C ALA C 339 -11.00 56.98 24.69
N GLY C 340 -10.75 57.69 23.60
CA GLY C 340 -11.75 58.54 22.98
C GLY C 340 -12.81 57.72 22.28
N LEU C 341 -12.36 56.78 21.45
CA LEU C 341 -13.25 55.94 20.67
C LEU C 341 -14.25 55.18 21.52
N ARG C 342 -13.78 54.66 22.64
CA ARG C 342 -14.63 53.85 23.50
C ARG C 342 -15.74 54.66 24.15
N SER C 343 -15.57 55.99 24.18
CA SER C 343 -16.57 56.87 24.78
C SER C 343 -17.73 57.14 23.84
N ILE C 344 -17.47 57.01 22.53
CA ILE C 344 -18.49 57.14 21.50
C ILE C 344 -19.49 55.99 21.62
N PRO C 345 -20.79 56.32 21.71
CA PRO C 345 -21.84 55.31 21.81
C PRO C 345 -21.76 54.28 20.69
N GLY C 346 -21.90 53.01 21.05
CA GLY C 346 -21.75 51.91 20.09
C GLY C 346 -20.33 51.36 19.99
N LEU C 347 -19.35 52.12 20.49
CA LEU C 347 -17.95 51.71 20.40
C LEU C 347 -17.30 51.50 21.77
N GLU C 348 -18.11 51.12 22.75
CA GLU C 348 -17.61 50.92 24.12
C GLU C 348 -16.61 49.78 24.22
N GLU C 349 -16.75 48.82 23.32
CA GLU C 349 -15.87 47.65 23.32
C GLU C 349 -15.07 47.55 22.01
N ALA C 350 -14.78 48.71 21.42
CA ALA C 350 -14.13 48.78 20.12
C ALA C 350 -12.68 48.32 20.19
N LYS C 351 -12.34 47.40 19.29
CA LYS C 351 -10.98 46.93 19.16
C LYS C 351 -10.35 47.65 17.95
N MET C 352 -9.28 48.37 18.24
CA MET C 352 -8.65 49.24 17.26
C MET C 352 -7.48 48.52 16.60
N ILE C 353 -7.62 48.26 15.30
CA ILE C 353 -6.57 47.59 14.53
C ILE C 353 -5.38 48.50 14.24
N ARG C 354 -5.65 49.75 13.87
CA ARG C 354 -4.60 50.75 13.70
C ARG C 354 -4.96 52.06 14.39
N PRO C 355 -3.94 52.81 14.86
CA PRO C 355 -4.19 54.16 15.34
C PRO C 355 -4.29 55.17 14.20
N GLY C 356 -5.04 56.23 14.45
CA GLY C 356 -5.10 57.36 13.52
C GLY C 356 -3.77 58.09 13.58
N TYR C 357 -3.32 58.64 12.47
CA TYR C 357 -2.04 59.34 12.44
C TYR C 357 -2.04 60.48 11.44
N ALA C 358 -0.98 61.27 11.42
CA ALA C 358 -0.82 62.30 10.41
C ALA C 358 0.44 62.04 9.62
N ILE C 359 0.40 62.40 8.34
CA ILE C 359 1.54 62.21 7.46
C ILE C 359 2.06 63.58 7.05
N GLU C 360 3.33 63.84 7.35
CA GLU C 360 3.99 65.07 6.95
C GLU C 360 4.85 64.79 5.74
N TYR C 361 4.74 65.64 4.71
CA TYR C 361 5.38 65.38 3.43
C TYR C 361 5.83 66.63 2.70
N ASP C 362 6.75 66.46 1.74
CA ASP C 362 7.21 67.57 0.90
C ASP C 362 6.23 67.83 -0.24
N PHE C 363 5.92 69.11 -0.47
CA PHE C 363 5.09 69.51 -1.60
C PHE C 363 5.69 70.71 -2.32
N PHE C 364 5.40 70.84 -3.60
CA PHE C 364 5.95 71.90 -4.43
C PHE C 364 4.93 72.98 -4.74
N HIS C 365 5.26 74.21 -4.35
CA HIS C 365 4.35 75.36 -4.42
C HIS C 365 3.69 75.51 -5.79
N PRO C 366 2.34 75.52 -5.81
CA PRO C 366 1.55 75.40 -7.03
C PRO C 366 1.69 76.57 -8.01
N TRP C 367 2.38 77.64 -7.62
CA TRP C 367 2.67 78.74 -8.54
C TRP C 367 3.77 78.37 -9.53
N GLN C 368 4.58 77.38 -9.15
CA GLN C 368 5.71 76.90 -9.95
C GLN C 368 5.25 76.08 -11.16
N ILE C 369 3.99 75.67 -11.16
CA ILE C 369 3.42 74.97 -12.30
C ILE C 369 2.42 75.86 -13.04
N ARG C 370 2.32 75.64 -14.35
CA ARG C 370 1.32 76.32 -15.18
C ARG C 370 -0.06 75.70 -15.01
N SER C 371 -1.04 76.37 -15.59
CA SER C 371 -2.43 75.90 -15.63
C SER C 371 -2.51 74.60 -16.44
N THR C 372 -1.49 74.37 -17.25
CA THR C 372 -1.45 73.26 -18.18
C THR C 372 -0.81 72.03 -17.53
N MET C 373 -0.50 72.17 -16.24
CA MET C 373 0.14 71.12 -15.41
C MET C 373 1.63 70.95 -15.67
N GLU C 374 2.15 71.69 -16.65
CA GLU C 374 3.59 71.75 -16.94
C GLU C 374 4.27 72.73 -15.98
N THR C 375 5.52 72.44 -15.62
CA THR C 375 6.26 73.32 -14.71
C THR C 375 6.94 74.48 -15.42
N ARG C 376 7.05 75.60 -14.71
CA ARG C 376 7.80 76.75 -15.18
C ARG C 376 9.31 76.50 -15.23
N PRO C 377 9.93 76.11 -14.08
CA PRO C 377 11.38 75.93 -14.05
C PRO C 377 11.95 74.97 -15.09
N VAL C 378 11.17 73.98 -15.53
CA VAL C 378 11.66 73.02 -16.53
C VAL C 378 10.56 72.51 -17.47
N GLU C 379 10.78 72.70 -18.77
CA GLU C 379 9.86 72.25 -19.81
C GLU C 379 9.77 70.71 -19.84
N ASN C 380 8.60 70.20 -20.23
CA ASN C 380 8.33 68.76 -20.35
C ASN C 380 8.27 67.98 -19.03
N LEU C 381 8.33 68.71 -17.91
CA LEU C 381 8.18 68.11 -16.59
C LEU C 381 6.84 68.52 -16.02
N PHE C 382 5.97 67.55 -15.76
CA PHE C 382 4.62 67.83 -15.26
C PHE C 382 4.47 67.36 -13.82
N PHE C 383 3.70 68.11 -13.03
CA PHE C 383 3.43 67.76 -11.63
C PHE C 383 1.95 67.47 -11.47
N ALA C 384 1.62 66.32 -10.88
CA ALA C 384 0.23 65.93 -10.67
C ALA C 384 0.00 65.25 -9.33
N GLY C 385 -1.04 65.68 -8.61
CA GLY C 385 -1.45 65.00 -7.40
C GLY C 385 -1.13 65.73 -6.11
N GLN C 386 -0.95 64.95 -5.05
CA GLN C 386 -0.70 65.45 -3.70
C GLN C 386 0.55 66.30 -3.64
N ILE C 387 1.42 66.10 -4.63
CA ILE C 387 2.70 66.80 -4.72
C ILE C 387 2.51 68.30 -4.99
N ASN C 388 1.34 68.68 -5.47
CA ASN C 388 0.97 70.09 -5.67
C ASN C 388 0.23 70.68 -4.47
N GLY C 389 0.29 69.97 -3.35
CA GLY C 389 -0.34 70.43 -2.12
C GLY C 389 -1.85 70.44 -2.15
N THR C 390 -2.43 69.56 -2.94
CA THR C 390 -3.88 69.34 -2.93
C THR C 390 -4.13 68.07 -2.13
N SER C 391 -5.39 67.81 -1.77
CA SER C 391 -5.73 66.53 -1.15
C SER C 391 -7.04 66.00 -1.69
N GLY C 392 -7.05 64.70 -1.96
CA GLY C 392 -8.20 63.99 -2.50
C GLY C 392 -7.74 63.04 -3.57
N TYR C 393 -8.41 61.90 -3.72
CA TYR C 393 -8.09 61.00 -4.82
C TYR C 393 -8.55 61.68 -6.09
N GLU C 394 -9.82 62.08 -6.12
CA GLU C 394 -10.44 62.72 -7.28
C GLU C 394 -9.66 63.95 -7.73
N GLU C 395 -9.31 64.80 -6.76
CA GLU C 395 -8.48 65.97 -7.00
C GLU C 395 -7.14 65.58 -7.65
N ALA C 396 -6.51 64.52 -7.15
CA ALA C 396 -5.25 64.04 -7.70
C ALA C 396 -5.46 63.40 -9.05
N ALA C 397 -6.52 62.60 -9.17
CA ALA C 397 -6.80 61.90 -10.43
C ALA C 397 -7.00 62.91 -11.55
N ALA C 398 -7.79 63.95 -11.27
CA ALA C 398 -8.10 64.97 -12.28
C ALA C 398 -6.86 65.67 -12.81
N GLN C 399 -5.89 65.90 -11.93
CA GLN C 399 -4.65 66.52 -12.33
C GLN C 399 -3.85 65.56 -13.19
N GLY C 400 -3.78 64.31 -12.76
CA GLY C 400 -3.09 63.28 -13.50
C GLY C 400 -3.61 63.18 -14.92
N LEU C 401 -4.93 63.22 -15.07
CA LEU C 401 -5.57 63.13 -16.37
C LEU C 401 -5.06 64.24 -17.27
N MET C 402 -5.13 65.48 -16.77
CA MET C 402 -4.74 66.66 -17.55
C MET C 402 -3.25 66.65 -17.85
N ALA C 403 -2.44 66.41 -16.82
CA ALA C 403 -0.99 66.29 -16.97
C ALA C 403 -0.65 65.26 -18.05
N GLY C 404 -1.33 64.12 -18.02
CA GLY C 404 -1.18 63.09 -19.04
C GLY C 404 -1.48 63.60 -20.45
N ILE C 405 -2.71 64.07 -20.66
CA ILE C 405 -3.15 64.59 -21.95
C ILE C 405 -2.12 65.58 -22.49
N ASN C 406 -1.70 66.51 -21.65
CA ASN C 406 -0.80 67.60 -22.05
C ASN C 406 0.63 67.15 -22.35
N ALA C 407 1.05 66.04 -21.74
CA ALA C 407 2.34 65.45 -22.05
C ALA C 407 2.35 64.86 -23.46
N VAL C 408 1.23 64.27 -23.86
CA VAL C 408 1.07 63.76 -25.23
C VAL C 408 1.09 64.92 -26.22
N ARG C 409 0.28 65.94 -25.91
CA ARG C 409 0.14 67.12 -26.76
C ARG C 409 1.45 67.86 -27.04
N LYS C 410 2.29 67.94 -26.01
CA LYS C 410 3.58 68.61 -26.09
C LYS C 410 4.54 67.87 -27.03
N ILE C 411 4.62 66.55 -26.85
CA ILE C 411 5.49 65.70 -27.68
C ILE C 411 5.02 65.72 -29.15
N LEU C 412 3.71 65.68 -29.36
CA LEU C 412 3.11 65.84 -30.68
C LEU C 412 3.25 67.27 -31.24
N GLY C 413 3.38 68.25 -30.34
CA GLY C 413 3.49 69.64 -30.73
C GLY C 413 2.13 70.26 -30.97
N LYS C 414 1.11 69.62 -30.41
CA LYS C 414 -0.27 70.09 -30.52
C LYS C 414 -0.60 71.12 -29.41
N GLU C 415 -1.83 71.63 -29.41
CA GLU C 415 -2.29 72.61 -28.42
C GLU C 415 -2.43 71.94 -27.08
N LEU C 416 -1.92 72.56 -26.02
CA LEU C 416 -2.16 72.02 -24.68
C LEU C 416 -3.57 72.40 -24.25
N ILE C 417 -4.14 71.63 -23.33
CA ILE C 417 -5.53 71.83 -22.90
C ILE C 417 -5.63 72.44 -21.51
N VAL C 418 -6.31 73.58 -21.41
CA VAL C 418 -6.70 74.16 -20.13
C VAL C 418 -8.22 74.26 -20.08
N LEU C 419 -8.83 73.71 -19.04
CA LEU C 419 -10.29 73.76 -18.89
C LEU C 419 -10.71 75.05 -18.20
N GLY C 420 -11.83 75.61 -18.65
CA GLY C 420 -12.35 76.86 -18.10
C GLY C 420 -13.25 76.64 -16.88
N ARG C 421 -13.39 77.68 -16.06
CA ARG C 421 -14.18 77.62 -14.82
C ARG C 421 -15.68 77.53 -15.09
N ASP C 422 -16.05 77.69 -16.35
CA ASP C 422 -17.43 77.53 -16.78
C ASP C 422 -17.60 76.18 -17.46
N GLN C 423 -16.49 75.48 -17.69
CA GLN C 423 -16.50 74.19 -18.37
C GLN C 423 -16.57 72.99 -17.42
N ALA C 424 -15.79 73.03 -16.34
CA ALA C 424 -15.66 71.89 -15.44
C ALA C 424 -15.21 72.28 -14.03
N TYR C 425 -15.57 71.46 -13.05
CA TYR C 425 -15.02 71.56 -11.71
C TYR C 425 -13.51 71.40 -11.74
N ILE C 426 -13.02 70.60 -12.69
CA ILE C 426 -11.60 70.38 -12.89
C ILE C 426 -10.93 71.69 -13.27
N GLY C 427 -11.64 72.50 -14.06
CA GLY C 427 -11.13 73.80 -14.51
C GLY C 427 -11.00 74.76 -13.35
N VAL C 428 -12.02 74.78 -12.51
CA VAL C 428 -12.04 75.55 -11.26
C VAL C 428 -10.90 75.11 -10.35
N LEU C 429 -10.77 73.82 -10.15
CA LEU C 429 -9.74 73.24 -9.29
C LEU C 429 -8.32 73.65 -9.70
N ILE C 430 -7.96 73.38 -10.95
CA ILE C 430 -6.64 73.68 -11.49
C ILE C 430 -6.33 75.20 -11.50
N ASP C 431 -7.34 76.01 -11.80
CA ASP C 431 -7.19 77.46 -11.74
C ASP C 431 -6.97 77.90 -10.29
N ASP C 432 -7.84 77.44 -9.39
CA ASP C 432 -7.74 77.80 -7.98
C ASP C 432 -6.41 77.38 -7.36
N LEU C 433 -5.91 76.23 -7.81
CA LEU C 433 -4.65 75.67 -7.32
C LEU C 433 -3.49 76.62 -7.56
N ILE C 434 -3.24 76.91 -8.84
CA ILE C 434 -2.14 77.79 -9.23
C ILE C 434 -2.34 79.23 -8.72
N THR C 435 -3.60 79.62 -8.48
CA THR C 435 -3.95 80.97 -8.02
C THR C 435 -3.92 81.08 -6.48
N LYS C 436 -4.95 80.56 -5.83
CA LYS C 436 -5.12 80.71 -4.39
C LYS C 436 -4.02 79.98 -3.59
N GLU C 437 -3.13 80.76 -2.99
CA GLU C 437 -2.01 80.23 -2.22
C GLU C 437 -2.22 80.31 -0.70
N THR C 438 -2.35 79.13 -0.06
CA THR C 438 -2.61 79.01 1.38
C THR C 438 -1.92 77.80 2.07
N LYS C 439 -1.58 77.98 3.35
CA LYS C 439 -0.86 77.00 4.18
C LYS C 439 -1.49 75.61 4.32
N GLU C 440 -2.69 75.42 3.78
CA GLU C 440 -3.44 74.16 3.90
C GLU C 440 -3.68 73.46 2.55
N PRO C 441 -3.70 72.11 2.54
CA PRO C 441 -3.98 71.40 1.28
C PRO C 441 -5.39 71.72 0.78
N TYR C 442 -5.49 71.99 -0.52
CA TYR C 442 -6.73 72.45 -1.12
C TYR C 442 -7.74 71.31 -1.29
N ARG C 443 -8.89 71.48 -0.64
CA ARG C 443 -10.04 70.58 -0.79
C ARG C 443 -11.18 71.26 -1.54
N MET C 444 -11.91 70.48 -2.34
CA MET C 444 -13.02 70.98 -3.14
C MET C 444 -14.34 71.20 -2.36
N PHE C 445 -14.49 70.57 -1.19
CA PHE C 445 -15.71 70.70 -0.37
C PHE C 445 -16.02 72.18 0.03
N THR C 446 -15.04 72.84 0.67
CA THR C 446 -15.17 74.26 1.02
C THR C 446 -15.25 75.16 -0.24
N SER C 447 -14.72 74.66 -1.36
CA SER C 447 -14.87 75.29 -2.66
C SER C 447 -16.37 75.37 -3.01
N SER C 448 -16.93 76.57 -2.80
CA SER C 448 -18.34 76.84 -3.10
C SER C 448 -18.51 77.51 -4.46
N ALA C 449 -17.96 76.86 -5.48
CA ALA C 449 -18.02 77.30 -6.88
C ALA C 449 -19.40 77.81 -7.31
N GLU C 450 -19.55 79.14 -7.32
CA GLU C 450 -20.80 79.81 -7.67
C GLU C 450 -21.44 79.35 -8.99
N HIS C 451 -20.63 78.77 -9.89
CA HIS C 451 -21.10 78.14 -11.13
C HIS C 451 -21.58 76.74 -10.77
N ARG C 452 -22.88 76.61 -10.49
CA ARG C 452 -23.40 75.37 -9.92
C ARG C 452 -24.27 74.63 -10.91
N LEU C 453 -25.34 75.26 -11.38
CA LEU C 453 -26.31 74.58 -12.24
C LEU C 453 -25.73 74.14 -13.58
N ILE C 454 -24.88 74.99 -14.16
CA ILE C 454 -24.24 74.68 -15.43
C ILE C 454 -23.15 73.61 -15.33
N LEU C 455 -22.73 73.29 -14.10
CA LEU C 455 -21.67 72.32 -13.88
C LEU C 455 -22.11 71.08 -13.11
N ARG C 456 -23.43 70.92 -12.97
CA ARG C 456 -24.01 69.76 -12.28
C ARG C 456 -23.46 68.44 -12.81
N HIS C 457 -23.44 67.42 -11.95
CA HIS C 457 -22.90 66.10 -12.29
C HIS C 457 -23.48 65.48 -13.57
N ASP C 458 -24.78 65.68 -13.80
CA ASP C 458 -25.53 64.94 -14.81
C ASP C 458 -25.39 65.39 -16.26
N ASN C 459 -24.57 66.41 -16.53
CA ASN C 459 -24.35 66.84 -17.91
C ASN C 459 -22.87 66.86 -18.29
N ALA C 460 -22.05 66.31 -17.40
CA ALA C 460 -20.59 66.37 -17.53
C ALA C 460 -20.12 65.85 -18.87
N ASP C 461 -20.81 64.83 -19.37
CA ASP C 461 -20.46 64.22 -20.65
C ASP C 461 -20.66 65.18 -21.82
N LEU C 462 -21.81 65.86 -21.84
CA LEU C 462 -22.13 66.82 -22.91
C LEU C 462 -21.06 67.91 -22.96
N ARG C 463 -20.66 68.38 -21.78
CA ARG C 463 -19.66 69.43 -21.64
C ARG C 463 -18.26 69.01 -22.10
N LEU C 464 -17.84 67.81 -21.75
CA LEU C 464 -16.42 67.46 -21.90
C LEU C 464 -16.11 66.39 -22.94
N ARG C 465 -17.14 65.65 -23.37
CA ARG C 465 -16.96 64.52 -24.31
C ARG C 465 -16.17 64.85 -25.57
N LYS C 466 -16.45 66.00 -26.18
CA LYS C 466 -15.74 66.41 -27.38
C LYS C 466 -14.25 66.69 -27.09
N ILE C 467 -13.97 67.30 -25.95
CA ILE C 467 -12.58 67.52 -25.51
C ILE C 467 -11.87 66.18 -25.32
N GLY C 468 -12.59 65.19 -24.80
CA GLY C 468 -12.09 63.83 -24.67
C GLY C 468 -11.67 63.24 -26.00
N TYR C 469 -12.53 63.40 -27.01
CA TYR C 469 -12.24 62.89 -28.35
C TYR C 469 -10.89 63.37 -28.88
N ASP C 470 -10.67 64.68 -28.90
CA ASP C 470 -9.41 65.26 -29.40
C ASP C 470 -8.14 64.64 -28.78
N CYS C 471 -8.30 64.02 -27.61
CA CYS C 471 -7.18 63.48 -26.90
C CYS C 471 -7.15 61.96 -26.97
N ASN C 472 -7.86 61.42 -27.96
CA ASN C 472 -7.92 59.97 -28.17
C ASN C 472 -8.33 59.16 -26.95
N LEU C 473 -9.29 59.67 -26.17
CA LEU C 473 -9.72 58.99 -24.95
C LEU C 473 -11.20 58.60 -24.99
N VAL C 474 -11.95 59.25 -25.89
CA VAL C 474 -13.36 58.94 -26.05
C VAL C 474 -13.57 58.38 -27.47
N SER C 475 -14.28 57.25 -27.55
CA SER C 475 -14.54 56.60 -28.83
C SER C 475 -15.55 57.39 -29.63
N SER C 476 -15.56 57.19 -30.94
CA SER C 476 -16.49 57.87 -31.84
C SER C 476 -17.94 57.49 -31.53
N ASP C 477 -18.18 56.20 -31.28
CA ASP C 477 -19.49 55.71 -30.84
C ASP C 477 -19.93 56.35 -29.51
N ASP C 478 -18.96 56.77 -28.71
CA ASP C 478 -19.24 57.58 -27.52
C ASP C 478 -19.51 59.06 -27.88
N LEU C 479 -18.50 59.72 -28.47
CA LEU C 479 -18.58 61.14 -28.81
C LEU C 479 -19.83 61.47 -29.60
N HIS C 480 -20.05 60.71 -30.68
CA HIS C 480 -21.19 60.93 -31.55
C HIS C 480 -22.51 60.65 -30.80
N ARG C 481 -22.48 59.78 -29.80
CA ARG C 481 -23.68 59.44 -29.02
C ARG C 481 -24.09 60.58 -28.08
N THR C 482 -23.11 61.32 -27.58
CA THR C 482 -23.38 62.47 -26.73
C THR C 482 -23.81 63.67 -27.59
N GLU C 483 -23.30 63.73 -28.81
CA GLU C 483 -23.67 64.78 -29.76
C GLU C 483 -25.12 64.64 -30.19
N SER C 484 -25.66 63.42 -30.09
CA SER C 484 -27.03 63.16 -30.48
C SER C 484 -28.01 63.31 -29.32
N ILE C 485 -27.51 63.16 -28.09
CA ILE C 485 -28.37 63.29 -26.91
C ILE C 485 -28.74 64.74 -26.65
N ILE C 486 -27.83 65.66 -27.00
CA ILE C 486 -28.10 67.11 -26.95
C ILE C 486 -29.08 67.55 -28.05
N LYS C 487 -28.99 66.90 -29.22
CA LYS C 487 -29.90 67.15 -30.32
C LYS C 487 -31.34 66.86 -29.94
N ARG C 488 -31.56 65.78 -29.19
CA ARG C 488 -32.90 65.37 -28.77
C ARG C 488 -33.53 66.30 -27.73
N VAL C 489 -32.71 66.79 -26.80
CA VAL C 489 -33.19 67.69 -25.73
C VAL C 489 -33.79 68.96 -26.32
N GLN C 490 -33.01 69.65 -27.16
CA GLN C 490 -33.46 70.86 -27.84
C GLN C 490 -34.59 70.58 -28.83
N HIS C 491 -34.50 69.45 -29.55
CA HIS C 491 -35.56 68.98 -30.43
C HIS C 491 -36.86 68.75 -29.67
N CYS C 492 -36.73 68.33 -28.42
CA CYS C 492 -37.88 68.10 -27.54
C CYS C 492 -38.45 69.42 -27.04
N LEU C 493 -37.56 70.35 -26.70
CA LEU C 493 -37.92 71.69 -26.23
C LEU C 493 -38.65 72.52 -27.29
N GLU C 494 -38.49 72.12 -28.56
CA GLU C 494 -39.29 72.68 -29.66
C GLU C 494 -40.76 72.33 -29.45
N VAL C 495 -40.99 71.06 -29.15
CA VAL C 495 -42.34 70.50 -29.01
C VAL C 495 -42.98 70.86 -27.65
N MET C 496 -42.15 71.08 -26.63
CA MET C 496 -42.63 71.43 -25.28
C MET C 496 -43.32 72.80 -25.18
N LYS C 497 -43.21 73.60 -26.23
CA LYS C 497 -43.88 74.90 -26.28
C LYS C 497 -45.18 74.76 -27.05
N THR C 498 -45.16 73.87 -28.05
CA THR C 498 -46.31 73.66 -28.93
C THR C 498 -47.49 72.88 -28.26
N ALA C 499 -47.23 71.81 -27.49
CA ALA C 499 -48.26 70.88 -26.92
C ALA C 499 -49.26 71.45 -25.90
N LYS C 500 -50.47 70.90 -25.90
CA LYS C 500 -51.59 71.40 -25.09
C LYS C 500 -52.10 70.38 -24.06
N VAL C 501 -52.58 70.88 -22.92
CA VAL C 501 -53.10 70.01 -21.86
C VAL C 501 -54.38 70.56 -21.22
N THR C 502 -55.49 69.86 -21.45
CA THR C 502 -56.80 70.30 -20.97
C THR C 502 -56.91 70.15 -19.44
N PRO C 503 -57.72 71.00 -18.80
CA PRO C 503 -57.92 70.93 -17.35
C PRO C 503 -58.67 69.66 -16.93
N ALA C 504 -59.03 68.83 -17.90
CA ALA C 504 -59.73 67.57 -17.63
C ALA C 504 -58.80 66.53 -17.00
N GLU C 505 -57.54 66.53 -17.43
CA GLU C 505 -56.58 65.50 -17.02
C GLU C 505 -55.77 65.84 -15.77
N ILE C 506 -55.37 67.10 -15.63
CA ILE C 506 -54.42 67.48 -14.60
C ILE C 506 -55.08 68.01 -13.33
N ASN C 507 -56.32 68.46 -13.44
CA ASN C 507 -57.03 69.03 -12.28
C ASN C 507 -57.14 68.12 -11.06
N THR C 508 -57.43 66.84 -11.27
CA THR C 508 -57.46 65.87 -10.17
C THR C 508 -56.06 65.59 -9.63
N LEU C 509 -55.06 65.61 -10.52
CA LEU C 509 -53.66 65.49 -10.10
C LEU C 509 -53.25 66.67 -9.23
N LEU C 510 -53.56 67.88 -9.70
CA LEU C 510 -53.18 69.11 -9.02
C LEU C 510 -53.93 69.31 -7.71
N MET C 511 -55.16 68.77 -7.63
CA MET C 511 -55.94 68.78 -6.40
C MET C 511 -55.23 68.06 -5.26
N ASN C 512 -54.64 66.91 -5.58
CA ASN C 512 -53.94 66.09 -4.60
C ASN C 512 -52.58 66.68 -4.26
N LYS C 513 -51.87 67.16 -5.27
CA LYS C 513 -50.58 67.81 -5.06
C LYS C 513 -50.70 69.17 -4.39
N GLY C 514 -51.92 69.75 -4.45
CA GLY C 514 -52.22 71.05 -3.85
C GLY C 514 -51.41 72.17 -4.47
N LEU C 515 -51.30 72.14 -5.80
CA LEU C 515 -50.37 73.00 -6.51
C LEU C 515 -51.04 74.24 -7.10
N GLN C 516 -51.01 74.38 -8.44
CA GLN C 516 -51.75 75.44 -9.13
C GLN C 516 -53.03 74.80 -9.64
N GLU C 517 -54.17 75.39 -9.37
CA GLU C 517 -55.40 74.83 -9.91
C GLU C 517 -55.64 75.31 -11.33
N LEU C 518 -56.00 74.40 -12.21
CA LEU C 518 -56.20 74.72 -13.61
C LEU C 518 -57.67 75.00 -13.90
N LYS C 519 -58.08 76.23 -13.57
CA LYS C 519 -59.45 76.71 -13.79
C LYS C 519 -59.87 76.68 -15.26
N THR C 520 -58.89 76.61 -16.15
CA THR C 520 -59.07 77.15 -17.51
C THR C 520 -58.19 76.50 -18.60
N PRO C 521 -57.56 77.33 -19.49
CA PRO C 521 -57.08 76.79 -20.76
C PRO C 521 -55.58 76.50 -20.78
N ALA C 522 -54.92 76.56 -19.63
CA ALA C 522 -53.47 76.51 -19.57
C ALA C 522 -52.94 75.18 -20.09
N ARG C 523 -52.10 75.24 -21.12
CA ARG C 523 -51.74 74.06 -21.89
C ARG C 523 -50.26 74.06 -22.24
N ALA C 524 -49.81 75.09 -22.96
CA ALA C 524 -48.43 75.55 -22.84
C ALA C 524 -47.66 74.67 -21.87
N LEU C 525 -47.15 73.54 -22.36
CA LEU C 525 -46.77 72.41 -21.51
C LEU C 525 -45.74 72.95 -20.52
N SER C 526 -44.77 73.68 -21.05
CA SER C 526 -43.71 74.27 -20.23
C SER C 526 -44.29 75.01 -19.03
N LEU C 527 -45.37 75.76 -19.26
CA LEU C 527 -46.07 76.52 -18.23
C LEU C 527 -46.70 75.65 -17.14
N ILE C 528 -46.90 74.36 -17.43
CA ILE C 528 -47.33 73.40 -16.41
C ILE C 528 -46.14 73.02 -15.53
N LYS C 529 -45.29 72.13 -16.06
CA LYS C 529 -44.17 71.54 -15.31
C LYS C 529 -43.09 72.56 -14.95
N ARG C 530 -43.33 73.27 -13.85
CA ARG C 530 -42.38 74.23 -13.31
C ARG C 530 -42.35 74.22 -11.78
N PRO C 531 -43.52 74.35 -11.10
CA PRO C 531 -43.50 74.55 -9.65
C PRO C 531 -43.22 73.30 -8.81
N GLY C 532 -43.65 72.13 -9.28
CA GLY C 532 -43.42 70.88 -8.55
C GLY C 532 -44.06 69.68 -9.22
N ILE C 533 -44.04 69.66 -10.56
CA ILE C 533 -44.62 68.59 -11.37
C ILE C 533 -43.56 67.95 -12.25
N SER C 534 -43.59 66.61 -12.33
CA SER C 534 -42.68 65.87 -13.19
C SER C 534 -43.09 65.96 -14.64
N LEU C 535 -42.09 65.94 -15.52
CA LEU C 535 -42.34 65.81 -16.95
C LEU C 535 -43.14 64.53 -17.20
N GLN C 536 -42.81 63.46 -16.47
CA GLN C 536 -43.52 62.19 -16.57
C GLN C 536 -44.92 62.19 -15.97
N ASP C 537 -45.23 63.18 -15.14
CA ASP C 537 -46.59 63.33 -14.62
C ASP C 537 -47.54 63.77 -15.71
N ILE C 538 -47.00 64.44 -16.73
CA ILE C 538 -47.78 64.93 -17.85
C ILE C 538 -48.00 63.86 -18.91
N LEU C 539 -46.90 63.32 -19.46
CA LEU C 539 -46.97 62.24 -20.44
C LEU C 539 -47.95 61.16 -20.00
N GLU C 540 -48.02 60.93 -18.69
CA GLU C 540 -48.90 59.92 -18.11
C GLU C 540 -50.36 60.36 -18.07
N HIS C 541 -50.59 61.66 -18.03
CA HIS C 541 -51.96 62.16 -17.84
C HIS C 541 -52.66 62.67 -19.10
N SER C 542 -51.91 63.05 -20.12
CA SER C 542 -52.50 63.53 -21.37
C SER C 542 -52.12 62.69 -22.59
N LEU C 543 -53.12 62.37 -23.41
CA LEU C 543 -52.92 61.67 -24.69
C LEU C 543 -52.25 62.60 -25.70
N SER C 544 -52.51 63.89 -25.54
CA SER C 544 -51.96 64.94 -26.40
C SER C 544 -50.43 64.91 -26.50
N VAL C 545 -49.76 64.83 -25.36
CA VAL C 545 -48.32 65.02 -25.28
C VAL C 545 -47.50 63.83 -25.76
N ARG C 546 -47.76 62.65 -25.19
CA ARG C 546 -47.07 61.42 -25.56
C ARG C 546 -47.17 61.12 -27.06
N SER C 547 -48.27 61.55 -27.68
CA SER C 547 -48.48 61.45 -29.12
C SER C 547 -47.49 62.33 -29.89
N ALA C 548 -47.20 63.51 -29.34
CA ALA C 548 -46.27 64.45 -29.95
C ALA C 548 -44.82 64.15 -29.59
N ALA C 549 -44.60 63.44 -28.49
CA ALA C 549 -43.26 63.11 -28.01
C ALA C 549 -43.23 61.98 -26.98
N GLU C 550 -42.91 60.77 -27.45
CA GLU C 550 -42.73 59.59 -26.60
C GLU C 550 -41.28 59.13 -26.69
N GLU C 551 -40.44 59.95 -27.31
CA GLU C 551 -39.00 59.68 -27.48
C GLU C 551 -38.22 59.89 -26.18
N LEU C 552 -38.67 60.88 -25.40
CA LEU C 552 -38.11 61.17 -24.09
C LEU C 552 -38.42 60.05 -23.10
N CYS C 553 -39.58 59.42 -23.26
CA CYS C 553 -39.92 58.23 -22.50
C CYS C 553 -38.83 57.17 -22.68
N ASN C 554 -38.59 56.79 -23.94
CA ASN C 554 -37.62 55.75 -24.35
C ASN C 554 -36.18 56.05 -23.90
N ASP C 555 -35.81 57.33 -23.93
CA ASP C 555 -34.50 57.75 -23.43
C ASP C 555 -34.67 58.42 -22.06
N PRO C 556 -34.19 57.75 -20.99
CA PRO C 556 -34.45 58.33 -19.68
C PRO C 556 -33.54 59.52 -19.38
N ARG C 557 -32.48 59.65 -20.17
CA ARG C 557 -31.51 60.73 -20.00
C ARG C 557 -32.04 62.05 -20.52
N VAL C 558 -32.56 62.02 -21.75
CA VAL C 558 -33.20 63.18 -22.35
C VAL C 558 -34.28 63.69 -21.41
N ALA C 559 -35.16 62.79 -20.97
CA ALA C 559 -36.24 63.11 -20.02
C ALA C 559 -35.76 63.86 -18.79
N GLU C 560 -34.63 63.42 -18.23
CA GLU C 560 -34.01 64.03 -17.05
C GLU C 560 -33.44 65.43 -17.32
N GLN C 561 -32.81 65.59 -18.48
CA GLN C 561 -32.20 66.85 -18.90
C GLN C 561 -33.23 67.93 -19.25
N VAL C 562 -34.17 67.59 -20.12
CA VAL C 562 -35.27 68.46 -20.49
C VAL C 562 -35.99 68.96 -19.24
N GLN C 563 -36.37 68.05 -18.35
CA GLN C 563 -37.13 68.39 -17.15
C GLN C 563 -36.45 69.45 -16.28
N ILE C 564 -35.12 69.45 -16.28
CA ILE C 564 -34.34 70.43 -15.51
C ILE C 564 -34.17 71.72 -16.34
N GLU C 565 -33.83 71.58 -17.61
CA GLU C 565 -33.63 72.72 -18.52
C GLU C 565 -34.78 73.72 -18.50
N ILE C 566 -35.98 73.22 -18.21
CA ILE C 566 -37.17 74.07 -18.16
C ILE C 566 -37.59 74.44 -16.74
N LYS C 567 -37.37 73.53 -15.79
CA LYS C 567 -37.67 73.81 -14.40
C LYS C 567 -36.65 74.79 -13.79
N TYR C 568 -35.53 74.96 -14.48
CA TYR C 568 -34.43 75.84 -14.03
C TYR C 568 -34.02 76.81 -15.13
N GLU C 569 -34.99 77.19 -15.97
CA GLU C 569 -34.76 78.13 -17.06
C GLU C 569 -34.19 79.44 -16.55
N GLY C 570 -34.88 80.03 -15.56
CA GLY C 570 -34.50 81.31 -14.99
C GLY C 570 -33.08 81.33 -14.48
N TYR C 571 -32.75 80.36 -13.63
CA TYR C 571 -31.45 80.33 -12.95
C TYR C 571 -30.28 79.96 -13.87
N ILE C 572 -30.54 79.13 -14.89
CA ILE C 572 -29.50 78.73 -15.83
C ILE C 572 -29.04 79.91 -16.67
N LYS C 573 -29.98 80.69 -17.17
CA LYS C 573 -29.66 81.88 -17.94
C LYS C 573 -28.88 82.87 -17.08
N ARG C 574 -29.32 83.04 -15.83
CA ARG C 574 -28.67 83.97 -14.88
C ARG C 574 -27.23 83.54 -14.60
N GLU C 575 -27.03 82.24 -14.34
CA GLU C 575 -25.70 81.70 -14.09
C GLU C 575 -24.80 81.79 -15.33
N GLN C 576 -25.38 81.54 -16.50
CA GLN C 576 -24.61 81.46 -17.74
C GLN C 576 -24.13 82.83 -18.19
N LEU C 577 -24.90 83.85 -17.82
CA LEU C 577 -24.59 85.23 -18.18
C LEU C 577 -23.34 85.71 -17.44
N VAL C 578 -23.24 85.34 -16.17
CA VAL C 578 -22.08 85.64 -15.32
C VAL C 578 -20.86 84.84 -15.78
N ALA C 579 -21.06 83.55 -16.10
CA ALA C 579 -20.01 82.67 -16.61
C ALA C 579 -19.38 83.20 -17.90
N ASP C 580 -20.16 83.96 -18.66
CA ASP C 580 -19.73 84.55 -19.92
C ASP C 580 -19.06 85.88 -19.68
N ARG C 581 -19.68 86.67 -18.80
CA ARG C 581 -19.28 88.04 -18.50
C ARG C 581 -17.90 88.13 -17.82
N ILE C 582 -17.51 87.08 -17.09
CA ILE C 582 -16.14 86.97 -16.58
C ILE C 582 -15.18 86.78 -17.76
N ALA C 583 -15.52 85.85 -18.66
CA ALA C 583 -14.72 85.64 -19.87
C ALA C 583 -14.71 86.91 -20.71
N ARG C 584 -15.82 87.65 -20.67
CA ARG C 584 -15.92 88.93 -21.34
C ARG C 584 -14.92 89.94 -20.78
N LEU C 585 -14.95 90.14 -19.47
CA LEU C 585 -14.07 91.13 -18.84
C LEU C 585 -12.60 90.71 -18.92
N ASP C 586 -12.37 89.40 -18.86
CA ASP C 586 -11.05 88.83 -19.08
C ASP C 586 -10.61 89.08 -20.52
N SER C 587 -11.59 89.07 -21.42
CA SER C 587 -11.34 89.12 -22.87
C SER C 587 -10.44 90.26 -23.35
N LEU C 588 -10.73 91.49 -22.92
CA LEU C 588 -10.16 92.73 -23.50
C LEU C 588 -8.65 92.75 -23.74
N HIS C 589 -8.30 92.50 -25.01
CA HIS C 589 -6.94 92.20 -25.44
C HIS C 589 -6.06 93.44 -25.59
N ILE C 590 -6.68 94.60 -25.82
CA ILE C 590 -5.96 95.79 -26.31
C ILE C 590 -4.69 96.32 -25.58
N PRO C 591 -4.70 96.41 -24.22
CA PRO C 591 -3.65 97.16 -23.50
C PRO C 591 -2.24 96.72 -23.87
N ASP C 592 -1.48 97.62 -24.51
CA ASP C 592 -0.19 97.27 -25.06
C ASP C 592 0.90 98.31 -24.76
N ASN C 593 0.81 99.48 -25.38
CA ASN C 593 1.91 100.43 -25.37
C ASN C 593 1.84 101.53 -24.30
N PHE C 594 0.98 101.32 -23.30
CA PHE C 594 0.84 102.30 -22.22
C PHE C 594 1.77 101.96 -21.06
N ASN C 595 2.21 103.00 -20.35
CA ASN C 595 3.06 102.83 -19.18
C ASN C 595 2.31 102.33 -17.95
N TYR C 596 2.83 101.24 -17.38
CA TYR C 596 2.29 100.68 -16.14
C TYR C 596 2.52 101.64 -14.97
N ASP C 597 3.67 102.33 -15.01
CA ASP C 597 4.02 103.33 -14.00
C ASP C 597 3.02 104.49 -13.98
N SER C 598 2.57 104.91 -15.15
CA SER C 598 1.65 106.03 -15.32
C SER C 598 0.40 105.95 -14.46
N LEU C 599 0.16 104.78 -13.86
CA LEU C 599 -1.02 104.58 -13.04
C LEU C 599 -0.83 105.19 -11.65
N ASN C 600 -1.82 105.98 -11.23
CA ASN C 600 -1.83 106.70 -9.95
C ASN C 600 -1.46 105.85 -8.72
N SER C 601 -2.05 104.66 -8.63
CA SER C 601 -1.86 103.80 -7.47
C SER C 601 -2.12 102.34 -7.82
N LEU C 602 -1.06 101.62 -8.14
CA LEU C 602 -1.17 100.22 -8.55
C LEU C 602 -0.44 99.31 -7.57
N SER C 603 0.84 99.60 -7.32
CA SER C 603 1.87 98.56 -7.24
C SER C 603 2.41 98.01 -5.91
N SER C 604 3.56 98.56 -5.48
CA SER C 604 4.68 97.74 -5.08
C SER C 604 4.58 96.56 -6.04
N GLU C 605 4.57 95.35 -5.47
CA GLU C 605 4.58 94.13 -6.28
C GLU C 605 3.87 94.17 -7.63
N GLY C 606 2.62 94.63 -7.62
CA GLY C 606 1.74 94.50 -8.77
C GLY C 606 2.34 95.02 -10.07
N ARG C 607 2.93 96.21 -10.01
CA ARG C 607 3.47 96.91 -11.18
C ARG C 607 4.73 96.27 -11.70
N GLU C 608 5.56 95.73 -10.81
CA GLU C 608 6.83 95.16 -11.20
C GLU C 608 6.65 93.81 -11.87
N LYS C 609 5.60 93.09 -11.46
CA LYS C 609 5.23 91.83 -12.08
C LYS C 609 4.61 92.08 -13.46
N LEU C 610 3.94 93.22 -13.61
CA LEU C 610 3.32 93.60 -14.89
C LEU C 610 4.34 93.94 -15.96
N LEU C 611 5.38 94.68 -15.58
CA LEU C 611 6.46 95.07 -16.50
C LEU C 611 7.35 93.88 -16.85
N LYS C 612 7.52 92.96 -15.91
CA LYS C 612 8.29 91.73 -16.14
C LYS C 612 7.56 90.78 -17.09
N HIS C 613 6.34 90.39 -16.72
CA HIS C 613 5.58 89.39 -17.46
C HIS C 613 4.94 89.93 -18.75
N ARG C 614 4.49 91.19 -18.69
CA ARG C 614 3.89 91.88 -19.85
C ARG C 614 2.65 91.15 -20.39
N PRO C 615 1.55 91.13 -19.61
CA PRO C 615 0.37 90.32 -19.93
C PRO C 615 -0.38 90.79 -21.17
N ALA C 616 -0.75 89.85 -22.04
CA ALA C 616 -1.49 90.13 -23.28
C ALA C 616 -2.95 90.52 -23.00
N THR C 617 -3.62 89.70 -22.20
CA THR C 617 -5.01 89.96 -21.78
C THR C 617 -5.05 90.26 -20.28
N ILE C 618 -6.00 91.08 -19.86
CA ILE C 618 -6.13 91.45 -18.44
C ILE C 618 -6.64 90.30 -17.57
N GLY C 619 -7.21 89.28 -18.22
CA GLY C 619 -7.56 88.03 -17.55
C GLY C 619 -6.29 87.30 -17.19
N GLN C 620 -5.36 87.27 -18.14
CA GLN C 620 -4.03 86.68 -17.95
C GLN C 620 -3.27 87.38 -16.82
N ALA C 621 -3.53 88.68 -16.67
CA ALA C 621 -2.87 89.50 -15.65
C ALA C 621 -3.33 89.18 -14.24
N SER C 622 -4.55 88.71 -14.08
CA SER C 622 -5.12 88.39 -12.76
C SER C 622 -4.67 87.04 -12.22
N ARG C 623 -3.93 86.28 -13.02
CA ARG C 623 -3.41 84.96 -12.62
C ARG C 623 -1.94 84.99 -12.23
N ILE C 624 -1.29 86.13 -12.41
CA ILE C 624 0.08 86.37 -11.95
C ILE C 624 0.03 86.54 -10.43
N LEU C 625 0.81 85.74 -9.72
CA LEU C 625 0.73 85.67 -8.25
C LEU C 625 1.13 86.96 -7.55
N GLY C 626 1.85 87.83 -8.26
CA GLY C 626 2.25 89.13 -7.72
C GLY C 626 1.13 90.16 -7.61
N VAL C 627 0.26 90.21 -8.62
CA VAL C 627 -0.83 91.20 -8.68
C VAL C 627 -2.00 90.79 -7.78
N SER C 628 -2.62 91.78 -7.17
CA SER C 628 -3.73 91.54 -6.25
C SER C 628 -5.10 91.69 -6.95
N PRO C 629 -6.19 91.16 -6.32
CA PRO C 629 -7.54 91.40 -6.83
C PRO C 629 -7.91 92.88 -6.91
N SER C 630 -7.35 93.70 -6.02
CA SER C 630 -7.61 95.14 -6.00
C SER C 630 -6.85 95.89 -7.09
N ASP C 631 -5.77 95.30 -7.58
CA ASP C 631 -4.93 95.93 -8.61
C ASP C 631 -5.56 95.84 -9.98
N VAL C 632 -6.12 94.67 -10.29
CA VAL C 632 -6.78 94.44 -11.58
C VAL C 632 -8.07 95.27 -11.73
N SER C 633 -8.67 95.65 -10.60
CA SER C 633 -9.84 96.52 -10.57
C SER C 633 -9.50 97.95 -11.01
N ILE C 634 -8.26 98.36 -10.79
CA ILE C 634 -7.77 99.68 -11.19
C ILE C 634 -7.27 99.64 -12.64
N LEU C 635 -7.12 98.44 -13.17
CA LEU C 635 -6.75 98.25 -14.57
C LEU C 635 -8.03 98.16 -15.44
N MET C 636 -9.16 97.94 -14.77
CA MET C 636 -10.46 97.83 -15.42
C MET C 636 -11.19 99.17 -15.51
N ILE C 637 -11.17 99.93 -14.41
CA ILE C 637 -11.70 101.29 -14.41
C ILE C 637 -10.84 102.18 -15.32
N ARG C 638 -10.11 101.52 -16.22
CA ARG C 638 -9.18 102.16 -17.15
C ARG C 638 -9.43 101.77 -18.59
N LEU C 639 -9.57 100.47 -18.83
CA LEU C 639 -9.69 99.94 -20.20
C LEU C 639 -11.15 99.65 -20.61
N HIS D 20 -7.58 38.92 32.31
CA HIS D 20 -8.30 39.03 31.05
C HIS D 20 -7.46 39.74 30.00
N MET D 21 -6.22 39.28 29.83
CA MET D 21 -5.37 39.74 28.71
C MET D 21 -5.54 38.79 27.51
N TYR D 22 -4.51 38.67 26.66
CA TYR D 22 -4.51 37.69 25.57
C TYR D 22 -3.84 36.38 25.98
N ASP D 23 -4.12 35.31 25.24
CA ASP D 23 -3.47 34.00 25.48
C ASP D 23 -2.19 33.87 24.68
N VAL D 24 -2.34 33.88 23.36
CA VAL D 24 -1.21 33.74 22.44
C VAL D 24 -1.18 34.95 21.54
N ILE D 25 -0.05 35.63 21.49
CA ILE D 25 0.11 36.68 20.49
C ILE D 25 1.12 36.26 19.44
N VAL D 26 0.68 36.22 18.19
CA VAL D 26 1.51 35.73 17.09
C VAL D 26 2.10 36.90 16.30
N VAL D 27 3.40 37.09 16.36
CA VAL D 27 3.97 38.21 15.61
C VAL D 27 4.34 37.78 14.20
N GLY D 28 3.87 38.57 13.23
CA GLY D 28 4.09 38.32 11.81
C GLY D 28 3.00 37.47 11.20
N ALA D 29 2.35 38.00 10.16
CA ALA D 29 1.27 37.28 9.50
C ALA D 29 1.70 36.77 8.13
N GLY D 30 2.83 36.06 8.11
CA GLY D 30 3.24 35.32 6.92
C GLY D 30 2.73 33.90 6.99
N HIS D 31 3.46 32.96 6.38
CA HIS D 31 3.01 31.57 6.30
C HIS D 31 3.01 30.81 7.61
N ALA D 32 4.05 31.01 8.40
CA ALA D 32 4.10 30.45 9.74
C ALA D 32 3.06 31.14 10.61
N GLY D 33 3.06 32.47 10.58
CA GLY D 33 2.17 33.29 11.41
C GLY D 33 0.70 32.93 11.30
N CYS D 34 0.25 32.76 10.06
CA CYS D 34 -1.16 32.41 9.78
C CYS D 34 -1.54 31.08 10.37
N GLU D 35 -0.86 30.03 9.94
CA GLU D 35 -1.11 28.69 10.43
C GLU D 35 -1.07 28.66 11.95
N ALA D 36 -0.18 29.46 12.52
CA ALA D 36 -0.07 29.64 13.97
C ALA D 36 -1.34 30.26 14.53
N ALA D 37 -1.63 31.49 14.09
CA ALA D 37 -2.82 32.22 14.56
C ALA D 37 -4.12 31.44 14.31
N LEU D 38 -4.23 30.76 13.17
CA LEU D 38 -5.38 29.91 12.89
C LEU D 38 -5.48 28.70 13.83
N ALA D 39 -4.35 28.07 14.11
CA ALA D 39 -4.32 26.91 15.01
C ALA D 39 -4.71 27.32 16.42
N VAL D 40 -4.21 28.46 16.87
CA VAL D 40 -4.50 28.95 18.22
C VAL D 40 -5.99 29.26 18.37
N ALA D 41 -6.55 29.89 17.33
CA ALA D 41 -7.95 30.28 17.32
C ALA D 41 -8.89 29.08 17.22
N ARG D 42 -8.75 28.28 16.16
CA ARG D 42 -9.54 27.07 15.99
C ARG D 42 -9.38 26.11 17.19
N GLY D 43 -8.28 26.27 17.92
CA GLY D 43 -8.08 25.54 19.19
C GLY D 43 -8.77 26.20 20.36
N GLY D 44 -9.63 27.19 20.07
CA GLY D 44 -10.48 27.83 21.07
C GLY D 44 -9.82 28.74 22.10
N LEU D 45 -8.81 29.50 21.68
CA LEU D 45 -8.13 30.45 22.58
C LEU D 45 -8.03 31.84 21.99
N HIS D 46 -8.08 32.86 22.85
CA HIS D 46 -8.03 34.26 22.41
C HIS D 46 -6.65 34.59 21.86
N CYS D 47 -6.60 35.05 20.61
CA CYS D 47 -5.33 35.22 19.93
C CYS D 47 -5.16 36.62 19.34
N LEU D 48 -3.94 37.16 19.41
CA LEU D 48 -3.66 38.47 18.81
C LEU D 48 -2.57 38.45 17.76
N LEU D 49 -2.97 38.63 16.51
CA LEU D 49 -2.02 38.65 15.39
C LEU D 49 -1.48 40.05 15.15
N ILE D 50 -0.20 40.25 15.45
CA ILE D 50 0.42 41.54 15.25
C ILE D 50 1.30 41.48 14.02
N THR D 51 1.08 42.40 13.08
CA THR D 51 1.87 42.44 11.85
C THR D 51 2.01 43.85 11.29
N SER D 52 3.18 44.12 10.71
CA SER D 52 3.56 45.43 10.23
C SER D 52 2.70 45.92 9.06
N ASP D 53 2.13 44.98 8.31
CA ASP D 53 1.35 45.33 7.12
C ASP D 53 0.27 44.31 6.76
N LEU D 54 -0.98 44.70 6.96
CA LEU D 54 -2.12 43.84 6.65
C LEU D 54 -2.42 43.70 5.16
N SER D 55 -1.98 44.66 4.35
CA SER D 55 -2.07 44.54 2.90
C SER D 55 -1.26 43.34 2.43
N ALA D 56 -0.43 42.80 3.32
CA ALA D 56 0.56 41.82 2.92
C ALA D 56 0.51 40.48 3.67
N VAL D 57 -0.62 40.12 4.27
CA VAL D 57 -0.66 38.82 4.94
C VAL D 57 -0.46 37.70 3.93
N ALA D 58 0.27 36.68 4.39
CA ALA D 58 0.65 35.52 3.58
C ALA D 58 1.15 35.85 2.17
N ARG D 59 1.80 36.99 2.00
CA ARG D 59 2.33 37.36 0.68
C ARG D 59 3.36 36.34 0.20
N MET D 60 3.32 36.00 -1.09
CA MET D 60 4.28 35.07 -1.63
C MET D 60 5.47 35.83 -2.21
N SER D 61 6.43 36.11 -1.35
CA SER D 61 7.60 36.93 -1.66
C SER D 61 8.40 36.39 -2.83
N CYS D 62 8.44 35.07 -2.97
CA CYS D 62 9.30 34.48 -3.96
C CYS D 62 8.53 33.74 -5.05
N ASN D 63 8.53 32.42 -4.98
CA ASN D 63 7.84 31.57 -5.95
C ASN D 63 6.34 31.78 -5.99
N PRO D 64 5.77 31.86 -7.20
CA PRO D 64 4.33 31.93 -7.35
C PRO D 64 3.71 30.54 -7.42
N ALA D 65 4.15 29.66 -6.52
CA ALA D 65 3.74 28.26 -6.57
C ALA D 65 3.79 27.62 -5.19
N ILE D 66 3.01 26.57 -5.02
CA ILE D 66 3.05 25.80 -3.79
C ILE D 66 3.20 24.31 -4.07
N GLY D 67 4.12 23.68 -3.36
CA GLY D 67 4.38 22.27 -3.53
C GLY D 67 5.67 22.01 -4.27
N GLY D 68 5.80 20.79 -4.78
CA GLY D 68 7.05 20.32 -5.39
C GLY D 68 7.54 19.09 -4.67
N VAL D 69 8.82 18.77 -4.87
CA VAL D 69 9.37 17.51 -4.43
C VAL D 69 9.00 17.16 -3.00
N ALA D 70 9.57 17.81 -2.00
CA ALA D 70 9.19 17.47 -0.62
C ALA D 70 8.03 18.34 -0.17
N LYS D 71 7.88 19.47 -0.86
CA LYS D 71 6.94 20.52 -0.48
C LYS D 71 5.48 20.12 -0.67
N GLY D 72 5.23 19.33 -1.70
CA GLY D 72 3.89 18.79 -1.94
C GLY D 72 3.39 17.94 -0.79
N GLN D 73 4.21 16.99 -0.37
CA GLN D 73 3.84 16.08 0.71
C GLN D 73 3.58 16.87 1.98
N ILE D 74 4.45 17.83 2.25
CA ILE D 74 4.37 18.59 3.49
C ILE D 74 3.14 19.51 3.49
N THR D 75 2.68 19.89 2.30
CA THR D 75 1.44 20.67 2.15
C THR D 75 0.24 19.84 2.51
N ARG D 76 0.15 18.64 1.92
CA ARG D 76 -0.95 17.71 2.17
C ARG D 76 -1.03 17.32 3.63
N GLU D 77 0.13 17.19 4.26
CA GLU D 77 0.22 16.90 5.68
C GLU D 77 -0.30 18.07 6.54
N ILE D 78 -0.02 19.29 6.09
CA ILE D 78 -0.63 20.47 6.71
C ILE D 78 -2.16 20.40 6.60
N ASP D 79 -2.66 20.03 5.41
CA ASP D 79 -4.09 19.87 5.24
C ASP D 79 -4.66 18.81 6.18
N ALA D 80 -4.05 17.64 6.16
CA ALA D 80 -4.47 16.52 6.98
C ALA D 80 -4.62 16.90 8.45
N LEU D 81 -3.76 17.79 8.94
CA LEU D 81 -3.80 18.22 10.33
C LEU D 81 -4.81 19.33 10.60
N GLY D 82 -5.38 19.90 9.53
CA GLY D 82 -6.39 20.95 9.69
C GLY D 82 -5.84 22.34 9.48
N GLY D 83 -4.84 22.45 8.60
CA GLY D 83 -4.24 23.74 8.25
C GLY D 83 -4.82 24.34 6.97
N GLU D 84 -4.48 25.59 6.68
CA GLU D 84 -5.11 26.27 5.57
C GLU D 84 -4.44 26.08 4.23
N MET D 85 -3.11 25.96 4.26
CA MET D 85 -2.31 26.02 3.02
C MET D 85 -2.83 25.10 1.92
N GLY D 86 -3.33 23.93 2.31
CA GLY D 86 -3.90 22.97 1.37
C GLY D 86 -5.10 23.54 0.66
N LYS D 87 -6.06 24.01 1.45
CA LYS D 87 -7.28 24.62 0.93
C LYS D 87 -6.99 25.86 0.09
N ALA D 88 -6.07 26.70 0.57
CA ALA D 88 -5.71 27.94 -0.11
C ALA D 88 -5.23 27.74 -1.54
N ILE D 89 -4.44 26.71 -1.79
CA ILE D 89 -3.92 26.49 -3.14
C ILE D 89 -4.95 25.83 -4.05
N ASP D 90 -5.90 25.11 -3.48
CA ASP D 90 -6.98 24.51 -4.24
C ASP D 90 -7.93 25.62 -4.66
N ALA D 91 -8.04 26.60 -3.77
CA ALA D 91 -8.92 27.75 -3.97
C ALA D 91 -8.34 28.72 -4.98
N THR D 92 -7.01 28.72 -5.12
CA THR D 92 -6.28 29.78 -5.79
C THR D 92 -5.32 29.28 -6.89
N GLY D 93 -5.34 27.98 -7.16
CA GLY D 93 -4.44 27.43 -8.17
C GLY D 93 -4.66 27.98 -9.57
N ILE D 94 -3.58 28.00 -10.34
CA ILE D 94 -3.58 28.50 -11.71
C ILE D 94 -3.25 27.39 -12.70
N GLN D 95 -2.25 26.58 -12.39
CA GLN D 95 -2.04 25.31 -13.08
C GLN D 95 -1.63 24.24 -12.08
N PHE D 96 -2.29 23.10 -12.15
CA PHE D 96 -1.94 22.00 -11.29
C PHE D 96 -1.13 20.98 -12.06
N ARG D 97 -0.04 20.53 -11.44
CA ARG D 97 0.84 19.57 -12.06
C ARG D 97 1.50 18.65 -11.03
N MET D 98 1.29 17.35 -11.21
CA MET D 98 1.94 16.35 -10.39
C MET D 98 3.34 16.05 -10.95
N LEU D 99 4.35 16.12 -10.07
CA LEU D 99 5.74 15.84 -10.45
C LEU D 99 6.11 14.39 -10.22
N ASN D 100 7.03 13.89 -11.05
CA ASN D 100 7.48 12.49 -10.98
C ASN D 100 6.32 11.52 -11.24
N ARG D 101 5.80 11.56 -12.46
CA ARG D 101 4.63 10.75 -12.83
C ARG D 101 5.02 9.30 -13.12
N SER D 102 6.14 9.12 -13.81
CA SER D 102 6.66 7.81 -14.20
C SER D 102 7.23 7.03 -13.02
N LYS D 103 7.64 7.75 -11.98
CA LYS D 103 8.18 7.15 -10.77
C LYS D 103 7.03 6.65 -9.87
N GLY D 104 7.37 6.11 -8.70
CA GLY D 104 6.37 5.47 -7.85
C GLY D 104 5.58 6.40 -6.96
N PRO D 105 4.54 5.88 -6.30
CA PRO D 105 3.72 6.56 -5.28
C PRO D 105 4.51 7.37 -4.25
N ALA D 106 5.73 6.92 -3.94
CA ALA D 106 6.59 7.60 -2.99
C ALA D 106 7.21 8.85 -3.62
N MET D 107 7.31 8.83 -4.95
CA MET D 107 7.94 9.91 -5.72
C MET D 107 6.95 10.95 -6.26
N HIS D 108 5.67 10.55 -6.38
CA HIS D 108 4.61 11.44 -6.84
C HIS D 108 4.52 12.66 -5.93
N SER D 109 4.72 13.84 -6.51
CA SER D 109 4.78 15.08 -5.74
C SER D 109 3.88 16.17 -6.32
N PRO D 110 2.82 16.55 -5.58
CA PRO D 110 1.84 17.52 -6.04
C PRO D 110 2.39 18.95 -5.99
N ARG D 111 2.07 19.73 -7.01
CA ARG D 111 2.56 21.09 -7.13
C ARG D 111 1.64 21.91 -8.05
N ALA D 112 1.32 23.14 -7.62
CA ALA D 112 0.47 24.03 -8.40
C ALA D 112 1.00 25.46 -8.38
N GLN D 113 0.75 26.18 -9.48
CA GLN D 113 1.03 27.61 -9.54
C GLN D 113 -0.07 28.35 -8.79
N ALA D 114 0.31 29.36 -8.02
CA ALA D 114 -0.69 30.16 -7.30
C ALA D 114 -0.91 31.51 -7.97
N ASP D 115 -2.09 32.09 -7.79
CA ASP D 115 -2.26 33.49 -8.11
C ASP D 115 -1.76 34.24 -6.88
N LYS D 116 -0.54 34.78 -6.96
CA LYS D 116 0.16 35.29 -5.78
C LYS D 116 -0.78 36.16 -4.99
N THR D 117 -1.35 37.13 -5.69
CA THR D 117 -2.18 38.14 -5.04
C THR D 117 -3.50 37.55 -4.54
N GLN D 118 -4.05 36.59 -5.27
CA GLN D 118 -5.31 35.96 -4.89
C GLN D 118 -5.13 35.00 -3.72
N TYR D 119 -3.95 34.39 -3.65
CA TYR D 119 -3.59 33.48 -2.58
C TYR D 119 -3.57 34.28 -1.30
N SER D 120 -2.82 35.38 -1.30
CA SER D 120 -2.72 36.26 -0.15
C SER D 120 -4.08 36.75 0.35
N LEU D 121 -4.93 37.14 -0.59
CA LEU D 121 -6.27 37.61 -0.28
C LEU D 121 -7.07 36.52 0.46
N TYR D 122 -7.01 35.30 -0.06
CA TYR D 122 -7.71 34.16 0.51
C TYR D 122 -7.28 33.97 1.94
N MET D 123 -5.97 33.95 2.19
CA MET D 123 -5.43 33.71 3.51
C MET D 123 -5.86 34.76 4.55
N ARG D 124 -5.99 36.00 4.11
CA ARG D 124 -6.47 37.07 4.99
C ARG D 124 -7.92 36.85 5.32
N ARG D 125 -8.69 36.58 4.28
CA ARG D 125 -10.11 36.33 4.39
C ARG D 125 -10.37 35.31 5.48
N ILE D 126 -9.63 34.19 5.47
CA ILE D 126 -9.84 33.12 6.45
C ILE D 126 -9.47 33.59 7.85
N VAL D 127 -8.33 34.25 7.96
CA VAL D 127 -7.87 34.77 9.25
C VAL D 127 -8.90 35.75 9.83
N GLU D 128 -9.47 36.58 8.96
CA GLU D 128 -10.45 37.58 9.40
C GLU D 128 -11.82 37.00 9.77
N HIS D 129 -12.10 35.76 9.36
CA HIS D 129 -13.41 35.15 9.61
C HIS D 129 -13.38 34.22 10.79
N GLU D 130 -12.25 34.21 11.49
CA GLU D 130 -12.07 33.43 12.70
C GLU D 130 -12.20 34.33 13.93
N PRO D 131 -13.32 34.19 14.67
CA PRO D 131 -13.72 35.08 15.77
C PRO D 131 -12.68 35.26 16.88
N ASN D 132 -11.89 34.23 17.13
CA ASN D 132 -10.94 34.27 18.23
C ASN D 132 -9.70 35.16 18.02
N ILE D 133 -9.39 35.42 16.74
CA ILE D 133 -8.27 36.27 16.34
C ILE D 133 -8.65 37.76 16.30
N ASP D 134 -8.05 38.55 17.18
CA ASP D 134 -8.09 40.01 17.05
C ASP D 134 -6.85 40.36 16.23
N LEU D 135 -6.89 41.48 15.52
CA LEU D 135 -5.79 41.90 14.66
C LEU D 135 -5.19 43.21 15.13
N LEU D 136 -3.89 43.38 14.97
CA LEU D 136 -3.25 44.68 15.16
C LEU D 136 -2.12 44.92 14.17
N GLN D 137 -2.11 46.12 13.59
CA GLN D 137 -1.05 46.53 12.69
C GLN D 137 -0.04 47.39 13.45
N ASP D 138 1.04 46.75 13.87
CA ASP D 138 2.15 47.45 14.52
C ASP D 138 3.37 46.56 14.34
N THR D 139 4.55 47.06 14.70
CA THR D 139 5.77 46.26 14.62
C THR D 139 6.26 46.00 16.04
N VAL D 140 6.69 44.77 16.28
CA VAL D 140 7.24 44.40 17.58
C VAL D 140 8.75 44.69 17.64
N ILE D 141 9.16 45.51 18.59
CA ILE D 141 10.56 45.90 18.74
C ILE D 141 11.22 45.31 19.98
N GLY D 142 10.51 44.40 20.64
CA GLY D 142 11.01 43.79 21.86
C GLY D 142 10.04 42.82 22.51
N VAL D 143 10.61 41.80 23.14
CA VAL D 143 9.86 40.87 23.97
C VAL D 143 10.41 40.86 25.40
N SER D 144 9.52 41.11 26.35
CA SER D 144 9.89 41.19 27.75
C SER D 144 9.59 39.85 28.43
N ALA D 145 10.42 39.49 29.41
CA ALA D 145 10.28 38.21 30.12
C ALA D 145 10.74 38.27 31.58
N ASN D 146 9.96 37.64 32.47
CA ASN D 146 10.28 37.61 33.90
C ASN D 146 10.77 36.25 34.41
N SER D 147 12.00 36.24 34.91
CA SER D 147 12.65 35.02 35.39
C SER D 147 12.56 33.83 34.43
N GLY D 148 12.84 34.09 33.15
CA GLY D 148 12.97 33.03 32.14
C GLY D 148 11.67 32.49 31.56
N LYS D 149 10.55 33.16 31.84
CA LYS D 149 9.27 32.82 31.23
C LYS D 149 8.62 34.05 30.61
N PHE D 150 8.02 33.86 29.44
CA PHE D 150 7.40 34.94 28.66
C PHE D 150 6.36 35.72 29.45
N SER D 151 6.35 37.03 29.24
CA SER D 151 5.37 37.91 29.89
C SER D 151 4.67 38.85 28.89
N SER D 152 5.45 39.66 28.17
CA SER D 152 4.87 40.66 27.25
C SER D 152 5.73 40.95 26.03
N VAL D 153 5.24 41.87 25.21
CA VAL D 153 5.84 42.19 23.93
C VAL D 153 5.75 43.70 23.67
N THR D 154 6.88 44.30 23.31
CA THR D 154 6.95 45.75 23.13
C THR D 154 6.77 46.16 21.67
N VAL D 155 5.73 46.95 21.41
CA VAL D 155 5.49 47.49 20.08
C VAL D 155 6.19 48.82 19.92
N ARG D 156 6.24 49.33 18.70
CA ARG D 156 7.02 50.52 18.35
C ARG D 156 6.74 51.71 19.25
N SER D 157 5.46 51.91 19.58
CA SER D 157 5.02 52.99 20.47
C SER D 157 5.64 52.89 21.86
N GLY D 158 6.08 51.69 22.22
CA GLY D 158 6.66 51.46 23.54
C GLY D 158 5.64 50.90 24.51
N ARG D 159 4.47 50.53 24.00
CA ARG D 159 3.50 49.77 24.79
C ARG D 159 4.03 48.37 25.03
N ALA D 160 3.63 47.78 26.16
CA ALA D 160 3.81 46.36 26.38
C ALA D 160 2.44 45.71 26.21
N ILE D 161 2.39 44.60 25.47
CA ILE D 161 1.13 43.88 25.30
C ILE D 161 1.30 42.50 25.92
N GLN D 162 0.45 42.23 26.91
CA GLN D 162 0.62 41.08 27.81
C GLN D 162 -0.09 39.85 27.27
N ALA D 163 0.59 38.70 27.36
CA ALA D 163 0.08 37.44 26.84
C ALA D 163 0.67 36.25 27.56
N LYS D 164 -0.02 35.11 27.50
CA LYS D 164 0.40 33.91 28.21
C LYS D 164 1.48 33.14 27.44
N ALA D 165 1.49 33.29 26.11
CA ALA D 165 2.45 32.59 25.23
C ALA D 165 2.56 33.26 23.87
N ALA D 166 3.77 33.36 23.33
CA ALA D 166 3.96 34.08 22.05
C ALA D 166 4.73 33.32 20.96
N ILE D 167 4.17 33.31 19.75
CA ILE D 167 4.82 32.74 18.58
C ILE D 167 5.51 33.84 17.76
N LEU D 168 6.80 33.68 17.49
CA LEU D 168 7.52 34.62 16.63
C LEU D 168 7.70 34.06 15.24
N ALA D 169 7.16 34.77 14.25
CA ALA D 169 7.20 34.31 12.87
C ALA D 169 7.52 35.47 11.94
N CYS D 170 8.79 35.89 11.97
CA CYS D 170 9.20 37.17 11.41
C CYS D 170 9.76 37.08 10.00
N GLY D 171 9.89 35.86 9.49
CA GLY D 171 10.44 35.66 8.15
C GLY D 171 11.80 36.34 7.96
N THR D 172 11.95 37.09 6.87
CA THR D 172 13.23 37.69 6.53
C THR D 172 13.35 39.14 7.00
N PHE D 173 12.48 39.58 7.89
CA PHE D 173 12.40 41.00 8.23
C PHE D 173 13.38 41.53 9.27
N LEU D 174 13.93 40.64 10.09
CA LEU D 174 14.78 41.05 11.19
C LEU D 174 16.13 41.58 10.71
N ASN D 175 16.26 42.90 10.74
CA ASN D 175 17.42 43.62 10.17
C ASN D 175 17.73 43.16 8.76
N GLY D 176 16.73 43.24 7.90
CA GLY D 176 16.85 42.77 6.52
C GLY D 176 17.68 43.71 5.68
N LEU D 177 18.35 43.15 4.68
CA LEU D 177 19.21 43.92 3.80
C LEU D 177 19.11 43.35 2.38
N ILE D 178 18.82 44.23 1.42
CA ILE D 178 18.64 43.82 0.03
C ILE D 178 19.97 43.98 -0.73
N HIS D 179 20.38 42.93 -1.43
CA HIS D 179 21.65 42.94 -2.14
C HIS D 179 21.48 42.80 -3.65
N ILE D 180 21.68 43.89 -4.38
CA ILE D 180 21.80 43.82 -5.83
C ILE D 180 23.23 44.18 -6.20
N GLY D 181 24.03 43.17 -6.47
CA GLY D 181 25.44 43.37 -6.79
C GLY D 181 26.22 43.93 -5.64
N MET D 182 26.69 45.17 -5.81
CA MET D 182 27.60 45.79 -4.86
C MET D 182 26.92 46.75 -3.88
N ASP D 183 25.79 47.32 -4.27
CA ASP D 183 25.02 48.19 -3.38
C ASP D 183 23.91 47.44 -2.65
N HIS D 184 23.57 47.94 -1.48
CA HIS D 184 22.62 47.30 -0.58
C HIS D 184 21.72 48.33 0.12
N PHE D 185 20.44 48.03 0.15
CA PHE D 185 19.44 48.93 0.71
C PHE D 185 18.77 48.24 1.90
N PRO D 186 18.28 49.03 2.87
CA PRO D 186 17.39 48.47 3.89
C PRO D 186 16.12 47.95 3.23
N GLY D 187 15.51 46.95 3.86
CA GLY D 187 14.35 46.30 3.28
C GLY D 187 14.22 44.91 3.84
N GLY D 188 13.01 44.55 4.26
CA GLY D 188 12.79 43.27 4.90
C GLY D 188 12.44 42.12 3.97
N ARG D 189 11.57 42.37 3.01
CA ARG D 189 11.18 41.32 2.07
C ARG D 189 11.61 41.75 0.69
N SER D 190 11.07 42.89 0.27
CA SER D 190 11.60 43.60 -0.85
C SER D 190 12.05 44.96 -0.35
N THR D 191 12.73 45.69 -1.22
CA THR D 191 13.02 47.10 -1.00
C THR D 191 11.77 47.86 -0.50
N ALA D 192 10.59 47.36 -0.91
CA ALA D 192 9.30 47.98 -0.63
C ALA D 192 8.86 47.86 0.83
N GLU D 193 9.60 47.10 1.62
CA GLU D 193 9.26 46.90 3.03
C GLU D 193 10.35 47.43 3.94
N PRO D 194 9.96 48.12 5.03
CA PRO D 194 10.95 48.50 6.03
C PRO D 194 11.36 47.27 6.86
N PRO D 195 12.67 47.15 7.17
CA PRO D 195 13.11 46.07 8.06
C PRO D 195 12.82 46.38 9.53
N VAL D 196 12.67 45.33 10.33
CA VAL D 196 12.45 45.45 11.79
C VAL D 196 13.80 45.57 12.47
N GLU D 197 13.91 46.48 13.44
CA GLU D 197 15.22 46.78 14.00
C GLU D 197 15.41 46.54 15.49
N GLY D 198 14.38 46.82 16.29
CA GLY D 198 14.48 46.66 17.73
C GLY D 198 14.68 45.23 18.22
N LEU D 199 13.86 44.32 17.70
CA LEU D 199 13.63 42.98 18.28
C LEU D 199 14.85 42.07 18.45
N THR D 200 15.72 42.06 17.45
CA THR D 200 16.86 41.13 17.43
C THR D 200 17.84 41.37 18.61
N GLU D 201 18.07 42.65 18.93
CA GLU D 201 18.93 43.05 20.04
C GLU D 201 18.26 42.74 21.37
N SER D 202 16.94 42.89 21.41
CA SER D 202 16.14 42.58 22.59
C SER D 202 16.12 41.08 22.90
N LEU D 203 16.15 40.25 21.86
CA LEU D 203 16.18 38.80 22.03
C LEU D 203 17.54 38.30 22.43
N ALA D 204 18.58 38.86 21.82
CA ALA D 204 19.97 38.59 22.21
C ALA D 204 20.19 38.94 23.68
N SER D 205 19.54 40.04 24.09
CA SER D 205 19.50 40.49 25.48
C SER D 205 18.94 39.42 26.43
N LEU D 206 18.00 38.61 25.95
CA LEU D 206 17.41 37.53 26.74
C LEU D 206 18.18 36.21 26.60
N GLY D 207 19.39 36.29 26.07
CA GLY D 207 20.28 35.13 25.97
C GLY D 207 20.07 34.30 24.72
N PHE D 208 19.90 34.97 23.59
CA PHE D 208 19.75 34.30 22.31
C PHE D 208 20.91 34.62 21.38
N SER D 209 21.53 33.57 20.85
CA SER D 209 22.54 33.74 19.80
C SER D 209 21.83 33.81 18.46
N PHE D 210 22.42 34.54 17.52
CA PHE D 210 21.83 34.73 16.19
C PHE D 210 22.90 34.91 15.12
N GLY D 211 22.62 34.40 13.93
CA GLY D 211 23.52 34.56 12.81
C GLY D 211 22.85 35.36 11.70
N ARG D 212 23.37 35.23 10.49
CA ARG D 212 22.79 35.88 9.33
C ARG D 212 22.77 34.93 8.14
N LEU D 213 21.63 34.90 7.45
CA LEU D 213 21.50 34.11 6.23
C LEU D 213 21.17 34.98 5.02
N LYS D 214 21.52 34.48 3.84
CA LYS D 214 21.21 35.15 2.58
C LYS D 214 20.41 34.19 1.71
N THR D 215 19.32 34.68 1.13
CA THR D 215 18.55 33.91 0.15
C THR D 215 18.17 34.78 -1.06
N GLY D 216 18.13 34.18 -2.24
CA GLY D 216 17.87 34.92 -3.47
C GLY D 216 16.52 34.73 -4.13
N THR D 217 16.06 35.74 -4.84
CA THR D 217 14.86 35.65 -5.65
C THR D 217 15.18 36.06 -7.08
N PRO D 218 14.57 35.39 -8.07
CA PRO D 218 14.84 35.76 -9.46
C PRO D 218 14.05 37.02 -9.89
N PRO D 219 14.50 37.67 -10.98
CA PRO D 219 13.84 38.86 -11.49
C PRO D 219 12.47 38.57 -12.09
N ARG D 220 11.62 39.58 -12.18
CA ARG D 220 10.31 39.43 -12.83
C ARG D 220 10.30 40.20 -14.12
N ILE D 221 9.65 39.62 -15.13
CA ILE D 221 9.64 40.18 -16.47
C ILE D 221 8.20 40.37 -16.97
N ASP D 222 8.04 41.26 -17.94
CA ASP D 222 6.75 41.54 -18.56
C ASP D 222 6.42 40.41 -19.54
N SER D 223 5.27 39.75 -19.35
CA SER D 223 4.86 38.60 -20.19
C SER D 223 4.90 38.95 -21.66
N ARG D 224 4.40 40.14 -21.97
CA ARG D 224 4.23 40.58 -23.35
C ARG D 224 5.56 40.74 -24.09
N SER D 225 6.66 40.81 -23.35
CA SER D 225 7.98 40.94 -23.94
C SER D 225 8.64 39.58 -24.23
N VAL D 226 7.86 38.51 -24.07
CA VAL D 226 8.34 37.15 -24.30
C VAL D 226 7.99 36.70 -25.71
N ASP D 227 8.91 35.96 -26.31
CA ASP D 227 8.72 35.42 -27.65
C ASP D 227 8.06 34.04 -27.62
N TYR D 228 6.73 34.02 -27.72
CA TYR D 228 5.94 32.79 -27.64
C TYR D 228 6.03 31.91 -28.90
N THR D 229 7.03 32.15 -29.74
CA THR D 229 7.33 31.31 -30.89
C THR D 229 8.38 30.28 -30.53
N ILE D 230 9.30 30.67 -29.66
CA ILE D 230 10.44 29.83 -29.31
C ILE D 230 10.17 29.05 -28.03
N VAL D 231 9.70 29.74 -27.00
CA VAL D 231 9.41 29.16 -25.70
C VAL D 231 8.36 28.05 -25.82
N THR D 232 8.63 26.89 -25.22
CA THR D 232 7.68 25.78 -25.25
C THR D 232 6.70 25.81 -24.06
N GLU D 233 5.41 25.74 -24.39
CA GLU D 233 4.31 25.83 -23.43
C GLU D 233 4.12 24.53 -22.64
N GLN D 234 3.86 24.67 -21.34
CA GLN D 234 3.67 23.52 -20.46
C GLN D 234 2.35 23.63 -19.67
N PRO D 235 1.25 23.07 -20.22
CA PRO D 235 -0.07 23.13 -19.62
C PRO D 235 -0.17 22.26 -18.38
N GLY D 236 -1.09 22.59 -17.48
CA GLY D 236 -1.39 21.73 -16.33
C GLY D 236 -1.95 20.40 -16.81
N ASP D 237 -1.72 19.34 -16.05
CA ASP D 237 -2.13 18.02 -16.55
C ASP D 237 -3.63 17.76 -16.47
N VAL D 238 -4.14 17.09 -17.51
CA VAL D 238 -5.53 16.66 -17.58
C VAL D 238 -5.81 15.78 -16.38
N ASP D 239 -6.85 16.13 -15.63
CA ASP D 239 -7.25 15.41 -14.42
C ASP D 239 -6.24 15.62 -13.27
N PRO D 240 -6.18 16.86 -12.73
CA PRO D 240 -5.18 17.24 -11.73
C PRO D 240 -5.54 16.75 -10.32
N VAL D 241 -4.60 16.88 -9.39
CA VAL D 241 -4.78 16.36 -8.03
C VAL D 241 -4.90 17.46 -6.98
N PRO D 242 -6.02 17.47 -6.23
CA PRO D 242 -6.25 18.45 -5.17
C PRO D 242 -5.33 18.21 -3.99
N PHE D 243 -4.80 19.29 -3.44
CA PHE D 243 -4.00 19.23 -2.23
C PHE D 243 -4.86 18.88 -1.02
N SER D 244 -5.99 19.55 -0.88
CA SER D 244 -6.86 19.32 0.26
C SER D 244 -7.71 18.08 0.07
N PHE D 245 -7.79 17.29 1.13
CA PHE D 245 -8.63 16.09 1.14
C PHE D 245 -10.09 16.49 1.20
N SER D 246 -10.34 17.76 1.54
CA SER D 246 -11.69 18.30 1.63
C SER D 246 -12.19 18.78 0.27
N SER D 247 -11.27 19.19 -0.59
CA SER D 247 -11.62 19.61 -1.94
C SER D 247 -12.12 18.42 -2.75
N THR D 248 -12.87 18.70 -3.81
CA THR D 248 -13.47 17.66 -4.61
C THR D 248 -12.95 17.65 -6.06
N SER D 249 -12.76 18.84 -6.62
CA SER D 249 -12.17 18.99 -7.94
C SER D 249 -11.24 20.19 -7.95
N VAL D 250 -10.31 20.18 -8.90
CA VAL D 250 -9.49 21.35 -9.19
C VAL D 250 -9.37 21.37 -10.70
N ALA D 251 -10.30 20.67 -11.35
CA ALA D 251 -10.31 20.54 -12.81
C ALA D 251 -10.37 21.91 -13.50
N ASN D 252 -11.28 22.75 -13.05
CA ASN D 252 -11.45 24.08 -13.63
C ASN D 252 -10.30 25.04 -13.30
N ARG D 253 -9.50 24.70 -12.29
CA ARG D 253 -8.40 25.56 -11.85
C ARG D 253 -7.15 25.49 -12.72
N ASN D 254 -7.28 24.95 -13.93
CA ASN D 254 -6.19 24.99 -14.91
C ASN D 254 -6.31 26.20 -15.81
N LEU D 255 -5.89 27.36 -15.31
CA LEU D 255 -6.21 28.64 -15.95
C LEU D 255 -5.06 29.27 -16.72
N VAL D 256 -3.83 29.09 -16.24
CA VAL D 256 -2.67 29.52 -17.01
C VAL D 256 -1.69 28.35 -17.16
N SER D 257 -0.87 28.40 -18.20
CA SER D 257 0.24 27.45 -18.31
C SER D 257 1.59 28.16 -18.21
N CYS D 258 2.62 27.38 -17.88
CA CYS D 258 3.98 27.88 -17.71
C CYS D 258 4.75 27.67 -18.99
N TYR D 259 6.00 28.15 -19.01
CA TYR D 259 6.77 28.24 -20.24
C TYR D 259 8.22 27.85 -20.02
N LEU D 260 8.64 26.80 -20.72
CA LEU D 260 9.98 26.24 -20.53
C LEU D 260 11.01 26.82 -21.49
N THR D 261 12.20 27.10 -20.96
CA THR D 261 13.39 27.37 -21.77
C THR D 261 14.66 26.91 -21.04
N LYS D 262 15.77 26.94 -21.75
CA LYS D 262 17.09 26.59 -21.23
C LYS D 262 18.07 27.72 -21.53
N THR D 263 19.20 27.75 -20.81
CA THR D 263 20.22 28.78 -21.02
C THR D 263 21.32 28.32 -21.98
N THR D 264 22.02 29.28 -22.58
CA THR D 264 23.09 29.03 -23.54
C THR D 264 24.45 29.19 -22.87
N GLU D 265 25.46 28.52 -23.44
CA GLU D 265 26.86 28.77 -23.09
C GLU D 265 27.16 30.27 -23.04
N LYS D 266 26.48 31.02 -23.92
CA LYS D 266 26.64 32.47 -24.05
C LYS D 266 26.03 33.21 -22.86
N THR D 267 24.99 32.65 -22.28
CA THR D 267 24.38 33.20 -21.06
C THR D 267 25.39 33.17 -19.93
N HIS D 268 26.06 32.03 -19.80
CA HIS D 268 27.01 31.78 -18.72
C HIS D 268 28.22 32.72 -18.77
N ASP D 269 28.70 33.03 -19.98
CA ASP D 269 29.79 33.99 -20.14
C ASP D 269 29.42 35.35 -19.58
N ILE D 270 28.22 35.82 -19.92
CA ILE D 270 27.75 37.14 -19.51
C ILE D 270 27.71 37.22 -17.98
N LEU D 271 27.29 36.13 -17.34
CA LEU D 271 27.10 36.10 -15.89
C LEU D 271 28.41 35.99 -15.07
N ARG D 272 29.44 35.39 -15.66
CA ARG D 272 30.75 35.24 -14.99
C ARG D 272 31.36 36.59 -14.63
N THR D 273 31.02 37.60 -15.41
CA THR D 273 31.39 38.99 -15.17
C THR D 273 31.15 39.44 -13.73
N GLY D 274 29.96 39.18 -13.21
CA GLY D 274 29.58 39.75 -11.91
C GLY D 274 29.83 38.90 -10.68
N PHE D 275 30.47 37.74 -10.86
CA PHE D 275 30.61 36.76 -9.77
C PHE D 275 31.17 37.35 -8.48
N ASP D 276 32.27 38.11 -8.59
CA ASP D 276 32.96 38.66 -7.43
C ASP D 276 32.25 39.83 -6.76
N ARG D 277 31.14 40.29 -7.35
CA ARG D 277 30.30 41.32 -6.75
C ARG D 277 29.11 40.73 -6.00
N SER D 278 28.51 39.69 -6.58
CA SER D 278 27.28 39.07 -6.03
C SER D 278 27.50 38.37 -4.69
N PRO D 279 26.84 38.86 -3.64
CA PRO D 279 27.05 38.31 -2.30
C PRO D 279 26.28 37.01 -2.06
N LEU D 280 25.99 36.26 -3.13
CA LEU D 280 25.48 34.89 -3.00
C LEU D 280 26.45 33.86 -3.55
N PHE D 281 27.37 34.33 -4.40
CA PHE D 281 28.45 33.50 -4.93
C PHE D 281 29.25 32.87 -3.78
N THR D 282 29.31 31.54 -3.77
CA THR D 282 29.86 30.78 -2.64
C THR D 282 30.99 29.80 -3.01
N GLY D 283 32.09 29.89 -2.26
CA GLY D 283 33.25 29.00 -2.42
C GLY D 283 34.05 29.27 -3.66
N CYS D 293 20.78 24.59 -3.56
CA CYS D 293 21.73 25.71 -3.49
C CYS D 293 21.22 26.99 -4.20
N PRO D 294 21.53 28.18 -3.62
CA PRO D 294 20.72 29.36 -3.87
C PRO D 294 21.35 30.38 -4.82
N SER D 295 21.43 30.04 -6.11
CA SER D 295 21.95 30.97 -7.12
C SER D 295 21.91 30.40 -8.51
N ILE D 296 22.00 31.27 -9.50
CA ILE D 296 22.34 30.86 -10.83
C ILE D 296 23.85 31.03 -10.98
N GLU D 297 24.42 31.94 -10.19
CA GLU D 297 25.86 32.14 -10.09
C GLU D 297 26.55 30.90 -9.54
N ASP D 298 26.05 30.44 -8.40
CA ASP D 298 26.52 29.22 -7.74
C ASP D 298 26.39 28.00 -8.66
N LYS D 299 25.25 27.89 -9.34
CA LYS D 299 24.96 26.77 -10.24
C LYS D 299 26.03 26.65 -11.34
N ILE D 300 26.28 27.73 -12.08
CA ILE D 300 27.27 27.73 -13.16
C ILE D 300 28.69 27.54 -12.62
N SER D 301 28.93 28.01 -11.39
CA SER D 301 30.21 27.87 -10.73
C SER D 301 30.51 26.42 -10.36
N ARG D 302 29.58 25.79 -9.64
CA ARG D 302 29.74 24.39 -9.20
C ARG D 302 29.57 23.37 -10.34
N PHE D 303 28.91 23.77 -11.43
CA PHE D 303 28.71 22.90 -12.60
C PHE D 303 29.06 23.57 -13.94
N PRO D 304 30.35 23.83 -14.20
CA PRO D 304 30.72 24.47 -15.46
C PRO D 304 30.77 23.49 -16.64
N ASP D 305 30.52 22.21 -16.36
CA ASP D 305 30.51 21.16 -17.39
C ASP D 305 29.22 21.09 -18.19
N LYS D 306 28.09 21.30 -17.50
CA LYS D 306 26.81 21.41 -18.19
C LYS D 306 26.74 22.72 -18.97
N SER D 307 26.52 22.60 -20.28
CA SER D 307 26.48 23.76 -21.16
C SER D 307 25.06 24.36 -21.28
N SER D 308 24.19 23.93 -20.36
CA SER D 308 22.79 24.38 -20.32
C SER D 308 22.15 24.22 -18.92
N HIS D 309 21.21 25.11 -18.61
CA HIS D 309 20.43 25.06 -17.37
C HIS D 309 18.98 25.42 -17.61
N HIS D 310 18.07 24.76 -16.89
CA HIS D 310 16.63 24.95 -17.09
C HIS D 310 16.13 26.23 -16.46
N ILE D 311 15.25 26.93 -17.18
CA ILE D 311 14.49 28.04 -16.59
C ILE D 311 13.00 27.92 -16.91
N PHE D 312 12.17 28.17 -15.90
CA PHE D 312 10.71 28.10 -16.04
C PHE D 312 10.11 29.49 -15.91
N LEU D 313 9.43 29.95 -16.96
CA LEU D 313 8.70 31.23 -16.91
C LEU D 313 7.29 30.99 -16.39
N GLU D 314 6.98 31.59 -15.26
CA GLU D 314 5.71 31.35 -14.59
C GLU D 314 4.93 32.63 -14.39
N PRO D 315 3.73 32.73 -15.00
CA PRO D 315 2.84 33.83 -14.73
C PRO D 315 2.50 33.91 -13.26
N GLU D 316 2.40 35.12 -12.72
CA GLU D 316 2.12 35.31 -11.30
C GLU D 316 0.63 35.43 -10.98
N GLY D 317 -0.18 35.53 -12.02
CA GLY D 317 -1.62 35.64 -11.87
C GLY D 317 -2.32 35.36 -13.18
N THR D 318 -3.64 35.21 -13.11
CA THR D 318 -4.44 34.91 -14.29
C THR D 318 -4.50 36.09 -15.23
N ASP D 319 -4.51 37.30 -14.68
CA ASP D 319 -4.39 38.50 -15.52
C ASP D 319 -3.47 39.59 -14.94
N THR D 320 -2.27 39.19 -14.59
CA THR D 320 -1.19 40.14 -14.39
C THR D 320 -0.21 39.95 -15.56
N VAL D 321 0.63 40.94 -15.77
CA VAL D 321 1.60 40.87 -16.82
C VAL D 321 2.94 40.48 -16.18
N GLU D 322 2.95 40.41 -14.86
CA GLU D 322 4.19 40.11 -14.13
C GLU D 322 4.52 38.61 -14.20
N MET D 323 5.77 38.30 -14.53
CA MET D 323 6.19 36.91 -14.73
C MET D 323 7.47 36.55 -13.98
N TYR D 324 7.43 35.42 -13.29
CA TYR D 324 8.53 34.91 -12.47
C TYR D 324 9.48 34.07 -13.31
N VAL D 325 10.78 34.32 -13.19
CA VAL D 325 11.77 33.58 -13.96
C VAL D 325 12.47 32.55 -13.07
N ASN D 326 11.81 31.40 -12.90
CA ASN D 326 12.32 30.32 -12.08
C ASN D 326 13.68 29.80 -12.50
N GLY D 327 14.51 29.47 -11.52
CA GLY D 327 15.83 28.90 -11.76
C GLY D 327 16.88 29.93 -12.11
N PHE D 328 16.53 31.20 -11.91
CA PHE D 328 17.42 32.34 -12.17
C PHE D 328 17.51 33.24 -10.94
N SER D 329 17.60 32.64 -9.76
CA SER D 329 17.84 33.39 -8.53
C SER D 329 19.22 34.00 -8.61
N THR D 330 19.31 35.29 -8.33
CA THR D 330 20.53 36.03 -8.61
C THR D 330 20.76 37.26 -7.73
N SER D 331 22.04 37.61 -7.55
CA SER D 331 22.45 38.81 -6.83
C SER D 331 23.41 39.64 -7.67
N LEU D 332 23.49 39.34 -8.95
CA LEU D 332 24.38 40.04 -9.86
C LEU D 332 23.93 41.49 -10.06
N PRO D 333 24.85 42.38 -10.46
CA PRO D 333 24.47 43.78 -10.66
C PRO D 333 23.29 43.91 -11.62
N GLU D 334 22.38 44.83 -11.29
CA GLU D 334 21.15 45.06 -12.06
C GLU D 334 21.38 45.01 -13.58
N ASP D 335 22.42 45.69 -14.05
CA ASP D 335 22.70 45.80 -15.48
C ASP D 335 23.17 44.47 -16.12
N ILE D 336 23.81 43.61 -15.33
CA ILE D 336 24.31 42.33 -15.85
C ILE D 336 23.17 41.31 -15.99
N GLN D 337 22.17 41.43 -15.10
CA GLN D 337 21.01 40.56 -15.10
C GLN D 337 20.23 40.62 -16.43
N ILE D 338 19.85 41.83 -16.85
CA ILE D 338 19.12 42.00 -18.11
C ILE D 338 19.93 41.48 -19.29
N ALA D 339 21.24 41.75 -19.26
CA ALA D 339 22.17 41.29 -20.29
C ALA D 339 22.18 39.76 -20.36
N GLY D 340 22.05 39.12 -19.21
CA GLY D 340 21.98 37.67 -19.15
C GLY D 340 20.66 37.15 -19.69
N LEU D 341 19.55 37.70 -19.17
CA LEU D 341 18.20 37.28 -19.55
C LEU D 341 17.94 37.35 -21.05
N ARG D 342 18.45 38.41 -21.67
CA ARG D 342 18.23 38.61 -23.10
C ARG D 342 18.95 37.58 -23.96
N SER D 343 19.96 36.91 -23.38
CA SER D 343 20.72 35.89 -24.09
C SER D 343 19.98 34.55 -24.11
N ILE D 344 19.09 34.37 -23.13
CA ILE D 344 18.22 33.18 -23.07
C ILE D 344 17.25 33.19 -24.25
N PRO D 345 17.20 32.09 -25.04
CA PRO D 345 16.27 31.98 -26.17
C PRO D 345 14.82 32.25 -25.75
N GLY D 346 14.13 33.06 -26.54
CA GLY D 346 12.76 33.47 -26.22
C GLY D 346 12.67 34.76 -25.43
N LEU D 347 13.79 35.19 -24.85
CA LEU D 347 13.81 36.39 -24.01
C LEU D 347 14.71 37.49 -24.57
N GLU D 348 14.91 37.49 -25.88
CA GLU D 348 15.78 38.47 -26.54
C GLU D 348 15.30 39.91 -26.37
N GLU D 349 13.99 40.07 -26.20
CA GLU D 349 13.38 41.38 -26.08
C GLU D 349 12.66 41.53 -24.76
N ALA D 350 13.16 40.82 -23.75
CA ALA D 350 12.53 40.77 -22.43
C ALA D 350 12.61 42.10 -21.71
N LYS D 351 11.46 42.56 -21.22
CA LYS D 351 11.38 43.76 -20.41
C LYS D 351 11.30 43.35 -18.94
N MET D 352 12.29 43.77 -18.17
CA MET D 352 12.45 43.35 -16.79
C MET D 352 11.79 44.35 -15.86
N ILE D 353 10.74 43.93 -15.17
CA ILE D 353 10.01 44.81 -14.26
C ILE D 353 10.80 45.00 -12.97
N ARG D 354 11.34 43.93 -12.42
CA ARG D 354 12.21 44.00 -11.24
C ARG D 354 13.51 43.23 -11.44
N PRO D 355 14.60 43.68 -10.81
CA PRO D 355 15.81 42.86 -10.78
C PRO D 355 15.74 41.76 -9.72
N GLY D 356 16.45 40.65 -9.96
CA GLY D 356 16.62 39.62 -8.96
C GLY D 356 17.54 40.15 -7.88
N TYR D 357 17.32 39.76 -6.64
CA TYR D 357 18.15 40.23 -5.54
C TYR D 357 18.32 39.18 -4.47
N ALA D 358 19.15 39.47 -3.47
CA ALA D 358 19.26 38.59 -2.31
C ALA D 358 18.87 39.34 -1.06
N ILE D 359 18.26 38.63 -0.12
CA ILE D 359 17.85 39.22 1.13
C ILE D 359 18.71 38.64 2.24
N GLU D 360 19.40 39.50 2.97
CA GLU D 360 20.18 39.09 4.13
C GLU D 360 19.39 39.43 5.41
N TYR D 361 19.29 38.46 6.33
CA TYR D 361 18.42 38.60 7.50
C TYR D 361 18.94 37.89 8.74
N ASP D 362 18.45 38.29 9.91
CA ASP D 362 18.82 37.65 11.16
C ASP D 362 18.00 36.38 11.36
N PHE D 363 18.67 35.31 11.80
CA PHE D 363 18.00 34.05 12.16
C PHE D 363 18.53 33.51 13.47
N PHE D 364 17.69 32.75 14.17
CA PHE D 364 18.06 32.21 15.47
C PHE D 364 18.37 30.72 15.40
N HIS D 365 19.59 30.37 15.82
CA HIS D 365 20.13 29.01 15.72
C HIS D 365 19.18 27.95 16.25
N PRO D 366 18.82 26.98 15.39
CA PRO D 366 17.73 26.02 15.64
C PRO D 366 17.95 25.07 16.82
N TRP D 367 19.16 25.07 17.40
CA TRP D 367 19.39 24.27 18.60
C TRP D 367 18.76 24.92 19.84
N GLN D 368 18.52 26.23 19.74
CA GLN D 368 17.97 27.00 20.84
C GLN D 368 16.48 26.72 21.05
N ILE D 369 15.85 26.09 20.06
CA ILE D 369 14.45 25.69 20.19
C ILE D 369 14.34 24.18 20.36
N ARG D 370 13.28 23.77 21.05
CA ARG D 370 12.95 22.34 21.21
C ARG D 370 12.27 21.79 19.96
N SER D 371 12.12 20.47 19.94
CA SER D 371 11.41 19.75 18.89
C SER D 371 9.94 20.18 18.89
N THR D 372 9.49 20.72 20.02
CA THR D 372 8.11 21.09 20.25
C THR D 372 7.84 22.53 19.79
N MET D 373 8.86 23.14 19.18
CA MET D 373 8.81 24.52 18.66
C MET D 373 8.90 25.59 19.74
N GLU D 374 8.96 25.15 20.99
CA GLU D 374 9.17 26.03 22.15
C GLU D 374 10.67 26.29 22.31
N THR D 375 11.02 27.46 22.82
CA THR D 375 12.43 27.81 23.01
C THR D 375 12.97 27.34 24.35
N ARG D 376 14.25 27.03 24.36
CA ARG D 376 14.94 26.69 25.59
C ARG D 376 15.13 27.90 26.50
N PRO D 377 15.76 28.98 26.00
CA PRO D 377 16.03 30.15 26.86
C PRO D 377 14.81 30.73 27.57
N VAL D 378 13.61 30.62 26.98
CA VAL D 378 12.41 31.18 27.61
C VAL D 378 11.15 30.35 27.32
N GLU D 379 10.50 29.91 28.39
CA GLU D 379 9.25 29.15 28.33
C GLU D 379 8.13 30.00 27.72
N ASN D 380 7.21 29.33 27.01
CA ASN D 380 6.03 29.97 26.39
C ASN D 380 6.34 30.88 25.18
N LEU D 381 7.60 30.88 24.75
CA LEU D 381 8.00 31.61 23.57
C LEU D 381 8.32 30.59 22.49
N PHE D 382 7.59 30.66 21.37
CA PHE D 382 7.76 29.72 20.26
C PHE D 382 8.33 30.42 19.03
N PHE D 383 9.17 29.72 18.29
CA PHE D 383 9.77 30.25 17.06
C PHE D 383 9.29 29.42 15.88
N ALA D 384 8.78 30.09 14.84
CA ALA D 384 8.28 29.42 13.65
C ALA D 384 8.61 30.16 12.36
N GLY D 385 9.08 29.43 11.37
CA GLY D 385 9.30 29.99 10.04
C GLY D 385 10.74 30.26 9.68
N GLN D 386 10.93 31.24 8.79
CA GLN D 386 12.25 31.59 8.27
C GLN D 386 13.23 32.00 9.36
N ILE D 387 12.66 32.39 10.49
CA ILE D 387 13.42 32.85 11.65
C ILE D 387 14.28 31.72 12.25
N ASN D 388 13.91 30.47 11.96
CA ASN D 388 14.66 29.30 12.39
C ASN D 388 15.67 28.84 11.33
N GLY D 389 15.94 29.72 10.37
CA GLY D 389 16.92 29.46 9.32
C GLY D 389 16.52 28.37 8.34
N THR D 390 15.23 28.19 8.17
CA THR D 390 14.69 27.30 7.14
C THR D 390 14.27 28.18 5.96
N SER D 391 14.00 27.57 4.80
CA SER D 391 13.39 28.32 3.72
C SER D 391 12.29 27.52 3.03
N GLY D 392 11.20 28.19 2.70
CA GLY D 392 10.05 27.61 2.01
C GLY D 392 8.80 28.10 2.69
N TYR D 393 7.72 28.27 1.92
CA TYR D 393 6.43 28.61 2.54
C TYR D 393 5.96 27.40 3.33
N GLU D 394 5.90 26.25 2.67
CA GLU D 394 5.43 25.01 3.27
C GLU D 394 6.23 24.68 4.51
N GLU D 395 7.55 24.81 4.41
CA GLU D 395 8.46 24.60 5.54
C GLU D 395 8.10 25.52 6.72
N ALA D 396 7.82 26.78 6.41
CA ALA D 396 7.44 27.76 7.43
C ALA D 396 6.04 27.48 7.94
N ALA D 397 5.11 27.19 7.04
CA ALA D 397 3.73 26.95 7.42
C ALA D 397 3.65 25.79 8.40
N ALA D 398 4.39 24.71 8.09
CA ALA D 398 4.38 23.51 8.92
C ALA D 398 4.86 23.78 10.34
N GLN D 399 5.84 24.66 10.47
CA GLN D 399 6.34 25.03 11.78
C GLN D 399 5.31 25.85 12.51
N GLY D 400 4.73 26.81 11.81
CA GLY D 400 3.68 27.63 12.39
C GLY D 400 2.53 26.81 12.94
N LEU D 401 2.12 25.78 12.19
CA LEU D 401 1.04 24.89 12.59
C LEU D 401 1.37 24.24 13.92
N MET D 402 2.56 23.64 14.00
CA MET D 402 3.00 22.96 15.20
C MET D 402 3.18 23.91 16.37
N ALA D 403 3.90 25.01 16.12
CA ALA D 403 4.08 26.04 17.14
C ALA D 403 2.73 26.50 17.70
N GLY D 404 1.76 26.69 16.82
CA GLY D 404 0.40 27.04 17.21
C GLY D 404 -0.24 26.01 18.14
N ILE D 405 -0.37 24.78 17.64
CA ILE D 405 -0.94 23.68 18.41
C ILE D 405 -0.33 23.62 19.81
N ASN D 406 1.00 23.65 19.87
CA ASN D 406 1.72 23.50 21.13
C ASN D 406 1.56 24.70 22.08
N ALA D 407 1.30 25.88 21.53
CA ALA D 407 1.03 27.05 22.36
C ALA D 407 -0.31 26.88 23.10
N VAL D 408 -1.31 26.31 22.42
CA VAL D 408 -2.60 26.00 23.04
C VAL D 408 -2.40 24.95 24.12
N ARG D 409 -1.67 23.89 23.78
CA ARG D 409 -1.45 22.75 24.67
C ARG D 409 -0.78 23.15 25.98
N LYS D 410 0.18 24.07 25.88
CA LYS D 410 0.94 24.56 27.04
C LYS D 410 0.05 25.33 28.01
N ILE D 411 -0.75 26.25 27.46
CA ILE D 411 -1.67 27.07 28.26
C ILE D 411 -2.71 26.18 28.93
N LEU D 412 -3.22 25.18 28.19
CA LEU D 412 -4.15 24.20 28.73
C LEU D 412 -3.47 23.26 29.70
N GLY D 413 -2.17 23.08 29.55
CA GLY D 413 -1.40 22.18 30.41
C GLY D 413 -1.49 20.75 29.92
N LYS D 414 -1.83 20.59 28.66
CA LYS D 414 -1.94 19.29 28.01
C LYS D 414 -0.57 18.87 27.42
N GLU D 415 -0.51 17.68 26.81
CA GLU D 415 0.72 17.14 26.22
C GLU D 415 1.09 17.92 24.98
N LEU D 416 2.37 18.28 24.85
CA LEU D 416 2.82 18.91 23.62
C LEU D 416 3.03 17.84 22.55
N ILE D 417 2.90 18.24 21.28
CA ILE D 417 2.96 17.30 20.16
C ILE D 417 4.26 17.40 19.39
N VAL D 418 4.96 16.27 19.31
CA VAL D 418 6.11 16.11 18.42
C VAL D 418 5.79 14.98 17.45
N LEU D 419 5.93 15.24 16.16
CA LEU D 419 5.68 14.23 15.14
C LEU D 419 6.93 13.41 14.90
N GLY D 420 6.75 12.12 14.65
CA GLY D 420 7.88 11.21 14.41
C GLY D 420 8.28 11.13 12.94
N ARG D 421 9.54 10.76 12.69
CA ARG D 421 10.08 10.69 11.32
C ARG D 421 9.44 9.58 10.48
N ASP D 422 8.63 8.76 11.15
CA ASP D 422 7.90 7.70 10.49
C ASP D 422 6.45 8.13 10.30
N GLN D 423 6.09 9.24 10.93
CA GLN D 423 4.73 9.77 10.91
C GLN D 423 4.48 10.77 9.79
N ALA D 424 5.42 11.70 9.60
CA ALA D 424 5.24 12.81 8.67
C ALA D 424 6.57 13.41 8.18
N TYR D 425 6.53 14.02 7.00
CA TYR D 425 7.63 14.83 6.49
C TYR D 425 7.88 16.01 7.42
N ILE D 426 6.82 16.48 8.07
CA ILE D 426 6.91 17.55 9.05
C ILE D 426 7.76 17.10 10.25
N GLY D 427 7.62 15.82 10.63
CA GLY D 427 8.39 15.23 11.72
C GLY D 427 9.86 15.18 11.38
N VAL D 428 10.15 14.71 10.16
CA VAL D 428 11.50 14.70 9.60
C VAL D 428 12.10 16.11 9.60
N LEU D 429 11.35 17.08 9.07
CA LEU D 429 11.76 18.48 8.97
C LEU D 429 12.14 19.08 10.32
N ILE D 430 11.22 19.01 11.27
CA ILE D 430 11.42 19.57 12.61
C ILE D 430 12.56 18.89 13.39
N ASP D 431 12.70 17.57 13.22
CA ASP D 431 13.82 16.84 13.80
C ASP D 431 15.14 17.27 13.16
N ASP D 432 15.20 17.23 11.83
CA ASP D 432 16.39 17.64 11.08
C ASP D 432 16.82 19.06 11.38
N LEU D 433 15.85 19.93 11.59
CA LEU D 433 16.09 21.34 11.88
C LEU D 433 16.91 21.51 13.14
N ILE D 434 16.36 21.05 14.27
CA ILE D 434 17.02 21.16 15.57
C ILE D 434 18.32 20.34 15.65
N THR D 435 18.43 19.29 14.82
CA THR D 435 19.59 18.41 14.77
C THR D 435 20.67 18.93 13.82
N LYS D 436 20.46 18.75 12.51
CA LYS D 436 21.47 19.09 11.50
C LYS D 436 21.74 20.59 11.42
N GLU D 437 22.93 20.99 11.88
CA GLU D 437 23.34 22.39 11.91
C GLU D 437 24.34 22.73 10.80
N THR D 438 23.87 23.56 9.86
CA THR D 438 24.66 23.98 8.70
C THR D 438 24.44 25.45 8.25
N LYS D 439 25.50 26.05 7.71
CA LYS D 439 25.56 27.46 7.26
C LYS D 439 24.50 27.90 6.23
N GLU D 440 23.72 26.96 5.72
CA GLU D 440 22.72 27.25 4.68
C GLU D 440 21.28 27.01 5.17
N PRO D 441 20.30 27.79 4.65
CA PRO D 441 18.90 27.53 5.03
C PRO D 441 18.42 26.16 4.57
N TYR D 442 17.74 25.46 5.48
CA TYR D 442 17.33 24.08 5.24
C TYR D 442 16.15 23.98 4.26
N ARG D 443 16.40 23.30 3.14
CA ARG D 443 15.36 22.95 2.16
C ARG D 443 15.05 21.45 2.18
N MET D 444 13.78 21.12 1.91
CA MET D 444 13.35 19.73 1.91
C MET D 444 13.69 18.94 0.63
N PHE D 445 13.97 19.64 -0.47
CA PHE D 445 14.27 18.98 -1.76
C PHE D 445 15.48 18.03 -1.69
N THR D 446 16.63 18.55 -1.24
CA THR D 446 17.84 17.74 -1.01
C THR D 446 17.62 16.69 0.11
N SER D 447 16.68 16.98 1.01
CA SER D 447 16.21 16.00 2.00
C SER D 447 15.66 14.75 1.29
N SER D 448 16.51 13.73 1.20
CA SER D 448 16.16 12.46 0.58
C SER D 448 15.67 11.43 1.62
N ALA D 449 14.68 11.85 2.40
CA ALA D 449 14.07 11.03 3.47
C ALA D 449 13.79 9.59 3.04
N GLU D 450 14.70 8.68 3.42
CA GLU D 450 14.62 7.24 3.09
C GLU D 450 13.26 6.58 3.38
N HIS D 451 12.49 7.16 4.30
CA HIS D 451 11.11 6.74 4.57
C HIS D 451 10.23 7.38 3.51
N ARG D 452 9.98 6.64 2.43
CA ARG D 452 9.32 7.22 1.26
C ARG D 452 7.90 6.71 1.05
N LEU D 453 7.75 5.40 0.89
CA LEU D 453 6.45 4.80 0.56
C LEU D 453 5.42 5.00 1.67
N ILE D 454 5.85 4.86 2.92
CA ILE D 454 4.98 5.04 4.09
C ILE D 454 4.56 6.50 4.32
N LEU D 455 5.24 7.43 3.67
CA LEU D 455 4.98 8.85 3.88
C LEU D 455 4.50 9.55 2.62
N ARG D 456 4.10 8.75 1.63
CA ARG D 456 3.64 9.28 0.34
C ARG D 456 2.48 10.26 0.55
N HIS D 457 2.33 11.20 -0.39
CA HIS D 457 1.31 12.26 -0.29
C HIS D 457 -0.11 11.72 -0.07
N ASP D 458 -0.42 10.59 -0.68
CA ASP D 458 -1.81 10.13 -0.79
C ASP D 458 -2.39 9.43 0.45
N ASN D 459 -1.63 9.35 1.53
CA ASN D 459 -2.18 8.75 2.74
C ASN D 459 -2.02 9.63 3.97
N ALA D 460 -1.60 10.87 3.70
CA ALA D 460 -1.29 11.83 4.76
C ALA D 460 -2.42 11.96 5.77
N ASP D 461 -3.65 11.91 5.27
CA ASP D 461 -4.84 12.06 6.11
C ASP D 461 -4.99 10.92 7.11
N LEU D 462 -4.82 9.68 6.63
CA LEU D 462 -4.92 8.49 7.48
C LEU D 462 -3.90 8.59 8.61
N ARG D 463 -2.69 9.02 8.26
CA ARG D 463 -1.59 9.14 9.22
C ARG D 463 -1.82 10.21 10.30
N LEU D 464 -2.34 11.37 9.90
CA LEU D 464 -2.33 12.53 10.80
C LEU D 464 -3.70 13.00 11.31
N ARG D 465 -4.77 12.57 10.64
CA ARG D 465 -6.12 13.04 10.94
C ARG D 465 -6.53 12.93 12.41
N LYS D 466 -6.18 11.83 13.05
CA LYS D 466 -6.48 11.65 14.48
C LYS D 466 -5.73 12.66 15.34
N ILE D 467 -4.48 12.93 14.99
CA ILE D 467 -3.67 13.92 15.70
C ILE D 467 -4.30 15.30 15.55
N GLY D 468 -4.84 15.55 14.36
CA GLY D 468 -5.59 16.78 14.10
C GLY D 468 -6.78 16.93 15.03
N TYR D 469 -7.53 15.85 15.21
CA TYR D 469 -8.69 15.88 16.07
C TYR D 469 -8.37 16.36 17.49
N ASP D 470 -7.38 15.74 18.14
CA ASP D 470 -7.01 16.10 19.51
C ASP D 470 -6.67 17.59 19.69
N CYS D 471 -6.41 18.28 18.58
CA CYS D 471 -6.02 19.68 18.65
C CYS D 471 -7.13 20.57 18.13
N ASN D 472 -8.34 20.03 18.11
CA ASN D 472 -9.54 20.77 17.69
C ASN D 472 -9.41 21.42 16.31
N LEU D 473 -8.79 20.74 15.37
CA LEU D 473 -8.60 21.28 14.01
C LEU D 473 -9.30 20.43 12.94
N VAL D 474 -9.59 19.19 13.28
CA VAL D 474 -10.30 18.31 12.36
C VAL D 474 -11.67 17.96 12.96
N SER D 475 -12.71 18.12 12.14
CA SER D 475 -14.09 17.84 12.57
C SER D 475 -14.30 16.35 12.72
N SER D 476 -15.31 15.98 13.50
CA SER D 476 -15.66 14.57 13.74
C SER D 476 -16.11 13.87 12.45
N ASP D 477 -16.91 14.58 11.65
CA ASP D 477 -17.31 14.11 10.32
C ASP D 477 -16.10 13.89 9.40
N ASP D 478 -15.01 14.64 9.65
CA ASP D 478 -13.74 14.40 8.98
C ASP D 478 -13.00 13.21 9.59
N LEU D 479 -12.64 13.31 10.88
CA LEU D 479 -11.88 12.26 11.59
C LEU D 479 -12.50 10.87 11.42
N HIS D 480 -13.81 10.79 11.69
CA HIS D 480 -14.54 9.53 11.61
C HIS D 480 -14.60 9.02 10.16
N ARG D 481 -14.51 9.92 9.19
CA ARG D 481 -14.56 9.55 7.78
C ARG D 481 -13.25 8.94 7.31
N THR D 482 -12.15 9.38 7.89
CA THR D 482 -10.84 8.80 7.59
C THR D 482 -10.64 7.47 8.33
N GLU D 483 -11.27 7.33 9.50
CA GLU D 483 -11.23 6.10 10.26
C GLU D 483 -11.99 4.99 9.53
N SER D 484 -12.93 5.38 8.68
CA SER D 484 -13.75 4.42 7.93
C SER D 484 -13.13 4.08 6.58
N ILE D 485 -12.32 4.97 6.04
CA ILE D 485 -11.69 4.71 4.74
C ILE D 485 -10.58 3.65 4.88
N ILE D 486 -9.93 3.62 6.05
CA ILE D 486 -8.92 2.61 6.36
C ILE D 486 -9.58 1.25 6.59
N LYS D 487 -10.77 1.26 7.20
CA LYS D 487 -11.54 0.03 7.44
C LYS D 487 -11.87 -0.70 6.13
N ARG D 488 -12.19 0.06 5.09
CA ARG D 488 -12.58 -0.49 3.78
C ARG D 488 -11.40 -1.10 3.04
N VAL D 489 -10.22 -0.48 3.16
CA VAL D 489 -9.02 -0.95 2.47
C VAL D 489 -8.65 -2.35 2.94
N GLN D 490 -8.50 -2.51 4.25
CA GLN D 490 -8.21 -3.81 4.85
C GLN D 490 -9.36 -4.81 4.66
N HIS D 491 -10.60 -4.33 4.78
CA HIS D 491 -11.81 -5.12 4.50
C HIS D 491 -11.81 -5.62 3.05
N CYS D 492 -11.25 -4.81 2.15
CA CYS D 492 -11.14 -5.18 0.75
C CYS D 492 -10.01 -6.18 0.54
N LEU D 493 -8.90 -5.96 1.24
CA LEU D 493 -7.73 -6.87 1.20
C LEU D 493 -8.05 -8.27 1.72
N GLU D 494 -9.11 -8.39 2.52
CA GLU D 494 -9.65 -9.68 2.92
C GLU D 494 -10.13 -10.45 1.70
N VAL D 495 -10.85 -9.73 0.85
CA VAL D 495 -11.52 -10.30 -0.31
C VAL D 495 -10.55 -10.48 -1.48
N MET D 496 -9.51 -9.66 -1.51
CA MET D 496 -8.51 -9.71 -2.60
C MET D 496 -7.66 -10.99 -2.61
N LYS D 497 -7.76 -11.79 -1.56
CA LYS D 497 -7.04 -13.05 -1.48
C LYS D 497 -7.98 -14.20 -1.84
N THR D 498 -9.22 -14.09 -1.40
CA THR D 498 -10.23 -15.13 -1.60
C THR D 498 -10.65 -15.12 -3.04
N ALA D 499 -10.88 -13.91 -3.52
CA ALA D 499 -11.45 -13.77 -4.83
C ALA D 499 -10.60 -14.49 -5.87
N LYS D 500 -11.32 -15.14 -6.78
CA LYS D 500 -10.73 -15.98 -7.80
C LYS D 500 -10.99 -15.43 -9.19
N VAL D 501 -10.03 -15.64 -10.10
CA VAL D 501 -10.17 -15.17 -11.47
C VAL D 501 -9.72 -16.20 -12.50
N THR D 502 -10.68 -16.72 -13.26
CA THR D 502 -10.42 -17.77 -14.25
C THR D 502 -9.61 -17.24 -15.43
N PRO D 503 -8.80 -18.10 -16.07
CA PRO D 503 -8.02 -17.72 -17.24
C PRO D 503 -8.89 -17.43 -18.46
N ALA D 504 -10.20 -17.55 -18.30
CA ALA D 504 -11.15 -17.27 -19.37
C ALA D 504 -11.26 -15.78 -19.64
N GLU D 505 -11.20 -14.97 -18.57
CA GLU D 505 -11.44 -13.52 -18.66
C GLU D 505 -10.21 -12.67 -18.93
N ILE D 506 -9.08 -13.05 -18.33
CA ILE D 506 -7.91 -12.19 -18.33
C ILE D 506 -6.91 -12.54 -19.42
N ASN D 507 -6.99 -13.76 -19.95
CA ASN D 507 -6.03 -14.21 -20.97
C ASN D 507 -5.97 -13.37 -22.24
N THR D 508 -7.13 -12.93 -22.73
CA THR D 508 -7.17 -12.03 -23.87
C THR D 508 -6.66 -10.63 -23.51
N LEU D 509 -6.91 -10.21 -22.27
CA LEU D 509 -6.37 -8.94 -21.76
C LEU D 509 -4.84 -9.01 -21.68
N LEU D 510 -4.33 -10.08 -21.09
CA LEU D 510 -2.90 -10.26 -20.90
C LEU D 510 -2.14 -10.48 -22.20
N MET D 511 -2.81 -11.07 -23.19
CA MET D 511 -2.26 -11.23 -24.54
C MET D 511 -1.89 -9.90 -25.18
N ASN D 512 -2.78 -8.92 -25.02
CA ASN D 512 -2.58 -7.60 -25.59
C ASN D 512 -1.56 -6.81 -24.78
N LYS D 513 -1.65 -6.90 -23.45
CA LYS D 513 -0.70 -6.22 -22.57
C LYS D 513 0.68 -6.86 -22.62
N GLY D 514 0.75 -8.11 -23.11
CA GLY D 514 2.00 -8.86 -23.22
C GLY D 514 2.67 -9.12 -21.89
N LEU D 515 1.85 -9.48 -20.90
CA LEU D 515 2.28 -9.51 -19.52
C LEU D 515 2.63 -10.93 -19.05
N GLN D 516 1.91 -11.44 -18.06
CA GLN D 516 2.05 -12.83 -17.63
C GLN D 516 0.91 -13.59 -18.26
N GLU D 517 1.20 -14.67 -18.95
CA GLU D 517 0.11 -15.44 -19.53
C GLU D 517 -0.46 -16.39 -18.48
N LEU D 518 -1.78 -16.44 -18.42
CA LEU D 518 -2.45 -17.27 -17.43
C LEU D 518 -2.82 -18.66 -18.00
N LYS D 519 -1.83 -19.54 -18.03
CA LYS D 519 -1.98 -20.92 -18.53
C LYS D 519 -3.04 -21.73 -17.77
N THR D 520 -3.39 -21.25 -16.58
CA THR D 520 -3.87 -22.15 -15.53
C THR D 520 -4.79 -21.52 -14.46
N PRO D 521 -4.57 -21.83 -13.16
CA PRO D 521 -5.61 -21.61 -12.17
C PRO D 521 -5.44 -20.33 -11.35
N ALA D 522 -4.50 -19.47 -11.74
CA ALA D 522 -4.28 -18.20 -11.07
C ALA D 522 -5.60 -17.53 -10.72
N ARG D 523 -5.94 -17.55 -9.44
CA ARG D 523 -6.96 -16.65 -8.90
C ARG D 523 -6.34 -15.61 -7.97
N ALA D 524 -6.30 -15.94 -6.68
CA ALA D 524 -5.55 -15.14 -5.71
C ALA D 524 -5.38 -13.71 -6.20
N LEU D 525 -6.50 -13.02 -6.43
CA LEU D 525 -6.47 -11.67 -7.01
C LEU D 525 -5.20 -10.87 -6.87
N SER D 526 -4.71 -10.72 -5.64
CA SER D 526 -3.48 -9.99 -5.37
C SER D 526 -2.35 -10.43 -6.30
N LEU D 527 -2.23 -11.74 -6.50
CA LEU D 527 -1.23 -12.36 -7.38
C LEU D 527 -1.36 -11.95 -8.84
N ILE D 528 -2.54 -11.45 -9.22
CA ILE D 528 -2.73 -10.90 -10.56
C ILE D 528 -2.15 -9.48 -10.60
N LYS D 529 -2.90 -8.52 -10.05
CA LYS D 529 -2.55 -7.10 -10.12
C LYS D 529 -1.30 -6.74 -9.33
N ARG D 530 -0.16 -6.97 -9.98
CA ARG D 530 1.14 -6.61 -9.43
C ARG D 530 2.08 -6.05 -10.51
N PRO D 531 2.25 -6.77 -11.64
CA PRO D 531 3.31 -6.37 -12.56
C PRO D 531 3.01 -5.14 -13.45
N GLY D 532 1.74 -4.95 -13.81
CA GLY D 532 1.34 -3.82 -14.66
C GLY D 532 -0.14 -3.82 -15.02
N ILE D 533 -0.98 -4.24 -14.07
CA ILE D 533 -2.42 -4.38 -14.26
C ILE D 533 -3.12 -3.53 -13.22
N SER D 534 -4.17 -2.83 -13.65
CA SER D 534 -5.00 -2.01 -12.77
C SER D 534 -5.98 -2.86 -11.97
N LEU D 535 -6.25 -2.43 -10.75
CA LEU D 535 -7.31 -3.06 -9.95
C LEU D 535 -8.63 -3.00 -10.72
N GLN D 536 -8.87 -1.90 -11.42
CA GLN D 536 -10.05 -1.72 -12.25
C GLN D 536 -10.05 -2.56 -13.54
N ASP D 537 -8.90 -3.09 -13.93
CA ASP D 537 -8.82 -4.00 -15.08
C ASP D 537 -9.44 -5.35 -14.73
N ILE D 538 -9.45 -5.66 -13.43
CA ILE D 538 -9.98 -6.93 -12.94
C ILE D 538 -11.50 -6.84 -12.72
N LEU D 539 -11.94 -5.90 -11.87
CA LEU D 539 -13.36 -5.68 -11.63
C LEU D 539 -14.15 -5.61 -12.92
N GLU D 540 -13.52 -5.11 -13.98
CA GLU D 540 -14.12 -5.00 -15.29
C GLU D 540 -14.17 -6.32 -16.05
N HIS D 541 -13.26 -7.23 -15.73
CA HIS D 541 -13.14 -8.47 -16.49
C HIS D 541 -13.72 -9.72 -15.85
N SER D 542 -13.89 -9.73 -14.52
CA SER D 542 -14.47 -10.88 -13.83
C SER D 542 -15.74 -10.55 -13.04
N LEU D 543 -16.76 -11.39 -13.20
CA LEU D 543 -18.01 -11.26 -12.45
C LEU D 543 -17.78 -11.64 -10.99
N SER D 544 -16.80 -12.51 -10.78
CA SER D 544 -16.42 -13.01 -9.46
C SER D 544 -16.10 -11.89 -8.47
N VAL D 545 -15.26 -10.95 -8.89
CA VAL D 545 -14.67 -9.95 -8.00
C VAL D 545 -15.64 -8.85 -7.59
N ARG D 546 -16.24 -8.18 -8.60
CA ARG D 546 -17.18 -7.07 -8.36
C ARG D 546 -18.34 -7.50 -7.48
N SER D 547 -18.71 -8.78 -7.57
CA SER D 547 -19.74 -9.36 -6.71
C SER D 547 -19.29 -9.37 -5.24
N ALA D 548 -18.01 -9.63 -5.02
CA ALA D 548 -17.45 -9.69 -3.67
C ALA D 548 -17.03 -8.31 -3.15
N ALA D 549 -16.82 -7.37 -4.06
CA ALA D 549 -16.40 -6.01 -3.70
C ALA D 549 -16.59 -4.99 -4.83
N GLU D 550 -17.68 -4.23 -4.75
CA GLU D 550 -17.96 -3.14 -5.68
C GLU D 550 -17.97 -1.82 -4.92
N GLU D 551 -17.55 -1.89 -3.65
CA GLU D 551 -17.43 -0.72 -2.76
C GLU D 551 -16.26 0.19 -3.15
N LEU D 552 -15.17 -0.42 -3.59
CA LEU D 552 -13.98 0.29 -4.08
C LEU D 552 -14.28 1.05 -5.37
N CYS D 553 -15.15 0.47 -6.20
CA CYS D 553 -15.64 1.16 -7.38
C CYS D 553 -16.24 2.50 -6.96
N ASN D 554 -17.24 2.46 -6.07
CA ASN D 554 -17.98 3.64 -5.58
C ASN D 554 -17.09 4.70 -4.91
N ASP D 555 -16.05 4.24 -4.22
CA ASP D 555 -15.05 5.12 -3.60
C ASP D 555 -13.73 5.00 -4.37
N PRO D 556 -13.27 6.09 -5.02
CA PRO D 556 -12.05 5.98 -5.83
C PRO D 556 -10.78 6.01 -4.98
N ARG D 557 -10.92 6.41 -3.71
CA ARG D 557 -9.79 6.54 -2.82
C ARG D 557 -9.34 5.17 -2.33
N VAL D 558 -10.29 4.37 -1.86
CA VAL D 558 -10.03 3.00 -1.46
C VAL D 558 -9.33 2.26 -2.61
N ALA D 559 -9.93 2.28 -3.79
CA ALA D 559 -9.33 1.69 -5.00
C ALA D 559 -7.86 2.06 -5.21
N GLU D 560 -7.53 3.33 -5.00
CA GLU D 560 -6.16 3.85 -5.16
C GLU D 560 -5.18 3.30 -4.09
N GLN D 561 -5.67 3.22 -2.85
CA GLN D 561 -4.87 2.77 -1.71
C GLN D 561 -4.59 1.28 -1.78
N VAL D 562 -5.67 0.49 -1.94
CA VAL D 562 -5.57 -0.96 -2.08
C VAL D 562 -4.57 -1.31 -3.20
N GLN D 563 -4.75 -0.70 -4.37
CA GLN D 563 -3.91 -1.00 -5.53
C GLN D 563 -2.41 -0.82 -5.28
N ILE D 564 -2.05 0.09 -4.39
CA ILE D 564 -0.66 0.34 -4.03
C ILE D 564 -0.23 -0.60 -2.89
N GLU D 565 -1.09 -0.73 -1.89
CA GLU D 565 -0.83 -1.60 -0.74
C GLU D 565 -0.40 -3.00 -1.13
N ILE D 566 -0.88 -3.49 -2.27
CA ILE D 566 -0.56 -4.81 -2.75
C ILE D 566 0.51 -4.82 -3.84
N LYS D 567 0.55 -3.77 -4.65
CA LYS D 567 1.59 -3.61 -5.68
C LYS D 567 2.94 -3.23 -5.06
N TYR D 568 2.91 -2.80 -3.80
CA TYR D 568 4.11 -2.40 -3.07
C TYR D 568 4.20 -3.10 -1.71
N GLU D 569 3.67 -4.32 -1.64
CA GLU D 569 3.66 -5.13 -0.44
C GLU D 569 5.09 -5.31 0.09
N GLY D 570 5.97 -5.79 -0.79
CA GLY D 570 7.35 -6.08 -0.43
C GLY D 570 8.05 -4.89 0.16
N TYR D 571 8.00 -3.77 -0.55
CA TYR D 571 8.76 -2.58 -0.17
C TYR D 571 8.22 -1.86 1.06
N ILE D 572 6.90 -1.92 1.26
CA ILE D 572 6.24 -1.29 2.42
C ILE D 572 6.68 -1.98 3.72
N LYS D 573 6.67 -3.30 3.71
CA LYS D 573 7.06 -4.06 4.87
C LYS D 573 8.54 -3.78 5.18
N ARG D 574 9.36 -3.72 4.13
CA ARG D 574 10.79 -3.46 4.27
C ARG D 574 11.06 -2.09 4.87
N GLU D 575 10.38 -1.07 4.35
CA GLU D 575 10.50 0.29 4.86
C GLU D 575 9.99 0.42 6.30
N GLN D 576 8.89 -0.25 6.61
CA GLN D 576 8.21 -0.13 7.90
C GLN D 576 9.03 -0.76 9.01
N LEU D 577 9.79 -1.79 8.65
CA LEU D 577 10.60 -2.53 9.59
C LEU D 577 11.75 -1.65 10.09
N VAL D 578 12.33 -0.88 9.17
CA VAL D 578 13.41 0.06 9.50
C VAL D 578 12.87 1.24 10.30
N ALA D 579 11.69 1.73 9.89
CA ALA D 579 10.99 2.81 10.58
C ALA D 579 10.70 2.48 12.05
N ASP D 580 10.52 1.19 12.32
CA ASP D 580 10.25 0.70 13.66
C ASP D 580 11.54 0.57 14.46
#